data_8UW6
#
_entry.id   8UW6
#
_cell.length_a   52.399
_cell.length_b   126.323
_cell.length_c   123.408
_cell.angle_alpha   90.00
_cell.angle_beta   90.88
_cell.angle_gamma   90.00
#
_symmetry.space_group_name_H-M   'P 1 21 1'
#
loop_
_entity.id
_entity.type
_entity.pdbx_description
1 polymer 'Acetylornithine deacetylase'
2 non-polymer 'ZINC ION'
3 non-polymer 'SULFATE ION'
4 non-polymer 2-AMINO-2-HYDROXYMETHYL-PROPANE-1,3-DIOL
5 non-polymer 1,2-ETHANEDIOL
6 water water
#
_entity_poly.entity_id   1
_entity_poly.type   'polypeptide(L)'
_entity_poly.pdbx_seq_one_letter_code
;SNAMKNKLPPFIEIYRALIATPSISATEEALDQSNADLITLLADWFKDLGFNVEVQPVPGTRNKFNMLASTGQGAGGLLL
AGHTDTVPFDDGRWTRDPFTLTEHDGKLYGLGTADMKGFFAFILDALRDVDVTKLKKPLYILATADEETSMAGARYFAET
TALRPDCAIIGEPTSLQPVRAHKGHISNAIRIQGQSGHSSDPARGVNAIELMHDAIGHILQLRDNLKERYHYEAFTVPYP
TLNLGHIHGGDASNRICAWCELHMDIRPLPGMTLNELNGLLNDALAPVSERWPGRLTVDELHPPIPGYECPPNHQLVEVV
EKLLGAKTEVVNYCTEAPFIQTLCPTLVLGPGSINQAHQPDEYLETRFIKPTRELITQVIHHFCWH
;
_entity_poly.pdbx_strand_id   A,B,C,D
#
loop_
_chem_comp.id
_chem_comp.type
_chem_comp.name
_chem_comp.formula
EDO non-polymer 1,2-ETHANEDIOL 'C2 H6 O2'
SO4 non-polymer 'SULFATE ION' 'O4 S -2'
TRS non-polymer 2-AMINO-2-HYDROXYMETHYL-PROPANE-1,3-DIOL 'C4 H12 N O3 1'
ZN non-polymer 'ZINC ION' 'Zn 2'
#
# COMPACT_ATOMS: atom_id res chain seq x y z
N LYS A 7 -42.99 7.09 77.88
CA LYS A 7 -41.68 7.50 78.46
C LYS A 7 -40.55 6.98 77.56
N LEU A 8 -39.72 7.88 77.04
CA LEU A 8 -38.57 7.47 76.24
C LEU A 8 -37.64 6.68 77.13
N PRO A 9 -36.81 5.78 76.57
CA PRO A 9 -35.73 5.16 77.33
C PRO A 9 -34.72 6.21 77.75
N PRO A 10 -33.89 5.93 78.79
CA PRO A 10 -32.90 6.89 79.24
C PRO A 10 -31.90 7.16 78.10
N PHE A 11 -31.24 8.31 78.21
CA PHE A 11 -30.25 8.79 77.26
C PHE A 11 -29.32 7.68 76.78
N ILE A 12 -28.69 6.95 77.70
CA ILE A 12 -27.64 5.99 77.31
C ILE A 12 -28.20 4.89 76.44
N GLU A 13 -29.46 4.51 76.67
CA GLU A 13 -30.06 3.45 75.89
C GLU A 13 -30.40 3.95 74.49
N ILE A 14 -30.88 5.20 74.35
CA ILE A 14 -31.13 5.77 73.04
C ILE A 14 -29.83 5.77 72.24
N TYR A 15 -28.78 6.28 72.88
CA TYR A 15 -27.47 6.40 72.23
C TYR A 15 -26.93 5.04 71.82
N ARG A 16 -26.96 4.06 72.73
CA ARG A 16 -26.57 2.70 72.44
CA ARG A 16 -26.54 2.70 72.42
C ARG A 16 -27.28 2.14 71.22
N ALA A 17 -28.61 2.36 71.17
CA ALA A 17 -29.44 1.82 70.10
C ALA A 17 -29.01 2.40 68.74
N LEU A 18 -28.72 3.70 68.70
CA LEU A 18 -28.35 4.36 67.46
C LEU A 18 -26.97 3.85 66.99
N ILE A 19 -26.00 3.78 67.92
CA ILE A 19 -24.67 3.32 67.59
C ILE A 19 -24.70 1.86 67.11
N ALA A 20 -25.54 1.06 67.74
CA ALA A 20 -25.67 -0.36 67.42
C ALA A 20 -26.32 -0.64 66.05
N THR A 21 -26.95 0.37 65.44
CA THR A 21 -27.66 0.22 64.17
C THR A 21 -26.76 0.72 63.03
N PRO A 22 -26.08 -0.16 62.28
CA PRO A 22 -25.16 0.29 61.25
C PRO A 22 -25.89 1.12 60.21
N SER A 23 -25.21 2.21 59.78
CA SER A 23 -25.74 3.13 58.79
C SER A 23 -24.59 3.73 57.98
N ILE A 24 -23.59 2.89 57.72
CA ILE A 24 -22.45 3.28 56.91
C ILE A 24 -22.92 3.61 55.49
N SER A 25 -22.46 4.74 54.97
CA SER A 25 -22.67 5.10 53.58
C SER A 25 -21.36 4.91 52.82
N ALA A 26 -21.51 4.56 51.54
CA ALA A 26 -20.36 4.36 50.68
C ALA A 26 -20.80 4.47 49.23
N THR A 27 -19.89 4.95 48.36
CA THR A 27 -20.15 4.96 46.92
C THR A 27 -20.19 3.53 46.39
N GLU A 28 -19.36 2.60 46.93
CA GLU A 28 -19.41 1.19 46.56
CA GLU A 28 -19.44 1.20 46.51
C GLU A 28 -20.71 0.55 47.07
N GLU A 29 -21.45 -0.11 46.17
CA GLU A 29 -22.74 -0.72 46.50
C GLU A 29 -22.63 -1.74 47.63
N ALA A 30 -21.45 -2.36 47.76
CA ALA A 30 -21.24 -3.47 48.68
C ALA A 30 -21.07 -2.98 50.12
N LEU A 31 -20.70 -1.70 50.31
CA LEU A 31 -20.43 -1.24 51.66
C LEU A 31 -21.48 -0.22 52.09
N ASP A 32 -22.42 0.10 51.19
CA ASP A 32 -23.41 1.15 51.37
C ASP A 32 -24.66 0.58 52.02
N GLN A 33 -24.84 0.90 53.31
CA GLN A 33 -25.92 0.32 54.08
C GLN A 33 -27.13 1.25 54.07
N SER A 34 -28.32 0.66 54.00
CA SER A 34 -29.53 1.43 54.14
C SER A 34 -29.55 2.08 55.52
N ASN A 35 -30.06 3.31 55.59
CA ASN A 35 -30.32 3.99 56.85
C ASN A 35 -31.77 3.81 57.31
N ALA A 36 -32.54 2.91 56.68
CA ALA A 36 -33.94 2.70 57.06
C ALA A 36 -34.07 2.32 58.55
N ASP A 37 -33.22 1.44 59.03
CA ASP A 37 -33.35 0.96 60.39
C ASP A 37 -33.04 2.10 61.39
N LEU A 38 -32.05 2.92 61.06
CA LEU A 38 -31.69 4.05 61.93
C LEU A 38 -32.87 5.03 61.95
N ILE A 39 -33.37 5.34 60.74
CA ILE A 39 -34.52 6.23 60.60
C ILE A 39 -35.72 5.70 61.39
N THR A 40 -35.98 4.39 61.35
CA THR A 40 -37.16 3.85 62.00
C THR A 40 -37.08 4.10 63.51
N LEU A 41 -35.89 3.94 64.12
CA LEU A 41 -35.73 4.17 65.56
C LEU A 41 -36.11 5.60 65.90
N LEU A 42 -35.55 6.56 65.12
CA LEU A 42 -35.81 7.97 65.38
C LEU A 42 -37.29 8.27 65.16
N ALA A 43 -37.83 7.84 64.02
CA ALA A 43 -39.22 8.13 63.70
C ALA A 43 -40.15 7.66 64.82
N ASP A 44 -39.93 6.44 65.32
CA ASP A 44 -40.82 5.88 66.33
C ASP A 44 -40.68 6.64 67.64
N TRP A 45 -39.47 7.08 67.96
CA TRP A 45 -39.27 7.87 69.16
C TRP A 45 -39.89 9.27 69.06
N PHE A 46 -39.76 9.92 67.90
CA PHE A 46 -40.43 11.21 67.72
C PHE A 46 -41.95 11.05 67.74
N LYS A 47 -42.50 9.97 67.17
CA LYS A 47 -43.95 9.71 67.31
C LYS A 47 -44.33 9.49 68.79
N ASP A 48 -43.48 8.76 69.52
CA ASP A 48 -43.72 8.60 70.95
C ASP A 48 -43.84 9.95 71.65
N LEU A 49 -43.10 10.94 71.19
CA LEU A 49 -43.09 12.24 71.83
C LEU A 49 -44.21 13.16 71.37
N GLY A 50 -45.03 12.70 70.42
CA GLY A 50 -46.18 13.45 69.91
C GLY A 50 -45.90 14.25 68.65
N PHE A 51 -44.75 14.03 67.97
CA PHE A 51 -44.47 14.76 66.74
C PHE A 51 -45.24 14.12 65.61
N ASN A 52 -45.55 14.89 64.56
CA ASN A 52 -45.93 14.34 63.26
C ASN A 52 -44.67 13.95 62.49
N VAL A 53 -44.60 12.75 61.93
CA VAL A 53 -43.34 12.27 61.40
C VAL A 53 -43.56 11.83 59.97
N GLU A 54 -42.74 12.36 59.06
CA GLU A 54 -42.76 11.89 57.69
CA GLU A 54 -42.74 11.95 57.67
C GLU A 54 -41.39 11.30 57.34
N VAL A 55 -41.44 10.12 56.71
CA VAL A 55 -40.26 9.47 56.18
C VAL A 55 -40.40 9.43 54.67
N GLN A 56 -39.41 9.99 53.96
CA GLN A 56 -39.40 10.05 52.52
C GLN A 56 -38.21 9.29 51.94
N PRO A 57 -38.40 8.50 50.85
CA PRO A 57 -37.26 7.96 50.13
C PRO A 57 -36.48 9.07 49.45
N VAL A 58 -35.17 8.94 49.41
CA VAL A 58 -34.35 9.91 48.73
C VAL A 58 -34.02 9.43 47.33
N PRO A 59 -34.58 10.09 46.30
CA PRO A 59 -34.43 9.61 44.91
C PRO A 59 -32.95 9.49 44.55
N GLY A 60 -32.61 8.40 43.85
CA GLY A 60 -31.28 8.20 43.32
C GLY A 60 -30.30 7.56 44.31
N THR A 61 -30.75 7.31 45.55
CA THR A 61 -29.88 6.70 46.54
C THR A 61 -30.13 5.19 46.53
N ARG A 62 -29.27 4.43 47.22
CA ARG A 62 -29.52 3.02 47.46
C ARG A 62 -30.41 2.79 48.68
N ASN A 63 -31.71 3.04 48.54
CA ASN A 63 -32.71 2.73 49.56
C ASN A 63 -32.44 3.53 50.84
N LYS A 64 -32.16 4.82 50.68
CA LYS A 64 -31.97 5.72 51.81
C LYS A 64 -33.23 6.56 52.00
N PHE A 65 -33.37 7.10 53.23
CA PHE A 65 -34.55 7.84 53.65
C PHE A 65 -34.15 9.12 54.38
N ASN A 66 -35.05 10.10 54.31
CA ASN A 66 -34.98 11.24 55.20
C ASN A 66 -36.16 11.20 56.15
N MET A 67 -35.96 11.72 57.36
CA MET A 67 -37.04 11.83 58.31
C MET A 67 -37.19 13.30 58.69
N LEU A 68 -38.43 13.78 58.70
CA LEU A 68 -38.76 15.09 59.25
C LEU A 68 -39.82 14.88 60.31
N ALA A 69 -39.47 15.20 61.56
CA ALA A 69 -40.43 15.26 62.67
C ALA A 69 -40.83 16.71 62.88
N SER A 70 -42.14 16.95 63.05
CA SER A 70 -42.70 18.30 63.06
C SER A 70 -43.68 18.40 64.20
N THR A 71 -43.66 19.53 64.90
CA THR A 71 -44.75 19.91 65.79
C THR A 71 -45.05 21.39 65.58
N GLY A 72 -46.35 21.74 65.60
CA GLY A 72 -46.79 23.12 65.60
C GLY A 72 -47.21 23.52 64.20
N GLN A 73 -47.84 24.69 64.11
CA GLN A 73 -48.42 25.18 62.88
C GLN A 73 -47.89 26.58 62.62
N GLY A 74 -47.98 27.01 61.36
CA GLY A 74 -47.72 28.41 61.06
C GLY A 74 -46.24 28.68 60.84
N ALA A 75 -45.88 29.96 60.91
CA ALA A 75 -44.64 30.45 60.32
C ALA A 75 -43.45 30.26 61.26
N GLY A 76 -42.24 30.20 60.70
CA GLY A 76 -41.03 30.27 61.50
C GLY A 76 -40.76 29.00 62.33
N GLY A 77 -40.13 29.21 63.48
CA GLY A 77 -39.75 28.14 64.40
C GLY A 77 -38.29 27.75 64.20
N LEU A 78 -37.94 26.58 64.76
CA LEU A 78 -36.58 26.08 64.84
C LEU A 78 -36.46 24.73 64.16
N LEU A 79 -35.40 24.62 63.35
CA LEU A 79 -35.03 23.36 62.73
C LEU A 79 -33.75 22.86 63.40
N LEU A 80 -33.78 21.61 63.90
CA LEU A 80 -32.59 20.88 64.33
C LEU A 80 -32.34 19.77 63.33
N ALA A 81 -31.10 19.66 62.84
CA ALA A 81 -30.79 18.81 61.71
C ALA A 81 -29.50 18.01 61.98
N GLY A 82 -29.48 16.81 61.43
CA GLY A 82 -28.33 15.96 61.48
C GLY A 82 -28.43 14.86 60.42
N HIS A 83 -27.29 14.24 60.17
CA HIS A 83 -27.25 13.08 59.31
C HIS A 83 -27.26 11.79 60.11
N THR A 84 -27.78 10.74 59.47
CA THR A 84 -27.96 9.44 60.09
C THR A 84 -26.86 8.47 59.72
N ASP A 85 -26.11 8.77 58.64
CA ASP A 85 -25.07 7.88 58.17
C ASP A 85 -23.74 8.16 58.89
N THR A 86 -22.87 7.17 58.86
CA THR A 86 -21.50 7.30 59.25
C THR A 86 -20.61 6.90 58.06
N VAL A 87 -19.34 7.26 58.20
CA VAL A 87 -18.29 6.71 57.36
C VAL A 87 -18.13 5.23 57.71
N PRO A 88 -17.41 4.47 56.86
CA PRO A 88 -17.01 3.12 57.22
C PRO A 88 -15.96 3.11 58.32
N PHE A 89 -15.64 1.89 58.78
CA PHE A 89 -14.59 1.72 59.78
C PHE A 89 -13.48 0.81 59.26
N ASP A 90 -12.27 1.08 59.70
CA ASP A 90 -11.13 0.23 59.37
C ASP A 90 -10.91 -0.76 60.50
N ASP A 91 -11.27 -2.04 60.29
CA ASP A 91 -11.36 -2.98 61.41
C ASP A 91 -9.98 -3.45 61.91
N GLY A 92 -8.91 -3.18 61.18
CA GLY A 92 -7.57 -3.40 61.71
C GLY A 92 -7.16 -2.36 62.77
N ARG A 93 -7.84 -1.21 62.85
CA ARG A 93 -7.40 -0.08 63.65
C ARG A 93 -8.25 0.13 64.89
N TRP A 94 -9.50 -0.35 64.89
CA TRP A 94 -10.38 -0.31 66.03
C TRP A 94 -10.00 -1.39 67.04
N THR A 95 -10.28 -1.13 68.33
CA THR A 95 -9.95 -2.02 69.43
C THR A 95 -11.18 -2.43 70.24
N ARG A 96 -12.35 -1.85 69.92
CA ARG A 96 -13.61 -2.39 70.40
C ARG A 96 -14.52 -2.49 69.18
N ASP A 97 -15.58 -3.25 69.37
CA ASP A 97 -16.60 -3.31 68.38
C ASP A 97 -17.08 -1.89 68.08
N PRO A 98 -17.03 -1.41 66.80
CA PRO A 98 -17.55 -0.10 66.46
C PRO A 98 -19.02 0.11 66.76
N PHE A 99 -19.82 -0.97 66.78
CA PHE A 99 -21.24 -0.80 66.93
C PHE A 99 -21.65 -1.04 68.38
N THR A 100 -20.70 -1.13 69.32
CA THR A 100 -21.02 -1.30 70.74
C THR A 100 -20.55 -0.08 71.55
N LEU A 101 -21.51 0.79 71.89
CA LEU A 101 -21.26 1.96 72.70
C LEU A 101 -20.67 1.51 74.04
N THR A 102 -19.46 1.99 74.36
CA THR A 102 -18.72 1.55 75.51
C THR A 102 -18.13 2.76 76.23
N GLU A 103 -18.37 2.85 77.54
CA GLU A 103 -17.77 3.92 78.33
C GLU A 103 -16.42 3.49 78.88
N HIS A 104 -15.40 4.34 78.78
CA HIS A 104 -14.09 4.11 79.38
C HIS A 104 -13.40 5.46 79.67
N ASP A 105 -13.13 5.72 80.97
CA ASP A 105 -12.38 6.90 81.43
C ASP A 105 -12.97 8.19 80.83
N GLY A 106 -14.28 8.37 80.98
CA GLY A 106 -14.94 9.61 80.61
C GLY A 106 -15.24 9.75 79.10
N LYS A 107 -15.11 8.66 78.33
CA LYS A 107 -15.37 8.69 76.90
C LYS A 107 -16.41 7.64 76.56
N LEU A 108 -17.29 7.95 75.60
CA LEU A 108 -18.23 6.97 75.02
C LEU A 108 -17.76 6.62 73.62
N TYR A 109 -17.28 5.38 73.44
CA TYR A 109 -16.67 4.91 72.21
C TYR A 109 -17.68 4.24 71.25
N GLY A 110 -17.56 4.53 69.95
CA GLY A 110 -18.37 3.86 68.96
C GLY A 110 -18.42 4.67 67.66
N LEU A 111 -18.73 3.99 66.56
CA LEU A 111 -18.79 4.61 65.25
C LEU A 111 -20.04 5.50 65.18
N GLY A 112 -19.80 6.78 64.94
CA GLY A 112 -20.88 7.75 64.91
C GLY A 112 -21.20 8.38 66.26
N THR A 113 -20.40 8.11 67.30
CA THR A 113 -20.62 8.77 68.58
C THR A 113 -20.45 10.29 68.46
N ALA A 114 -19.37 10.74 67.81
CA ALA A 114 -19.03 12.13 67.59
C ALA A 114 -19.67 12.65 66.30
N ASP A 115 -19.79 11.78 65.28
CA ASP A 115 -20.18 12.19 63.95
C ASP A 115 -21.23 11.28 63.34
N MET A 116 -22.52 11.53 63.65
CA MET A 116 -23.02 12.49 64.61
C MET A 116 -24.30 11.99 65.28
N LYS A 117 -24.36 10.68 65.60
CA LYS A 117 -25.56 10.06 66.16
C LYS A 117 -25.89 10.59 67.54
N GLY A 118 -24.86 10.99 68.26
CA GLY A 118 -25.07 11.53 69.58
C GLY A 118 -26.05 12.69 69.60
N PHE A 119 -25.94 13.58 68.60
CA PHE A 119 -26.81 14.73 68.52
C PHE A 119 -28.30 14.33 68.58
N PHE A 120 -28.71 13.29 67.82
CA PHE A 120 -30.09 12.85 67.91
C PHE A 120 -30.46 12.32 69.31
N ALA A 121 -29.57 11.55 69.92
CA ALA A 121 -29.81 11.10 71.30
C ALA A 121 -30.00 12.27 72.26
N PHE A 122 -29.22 13.34 72.06
CA PHE A 122 -29.37 14.53 72.89
C PHE A 122 -30.65 15.28 72.64
N ILE A 123 -31.10 15.34 71.39
CA ILE A 123 -32.39 15.98 71.12
C ILE A 123 -33.53 15.22 71.79
N LEU A 124 -33.58 13.89 71.58
CA LEU A 124 -34.64 13.06 72.16
C LEU A 124 -34.61 13.17 73.67
N ASP A 125 -33.41 13.12 74.26
CA ASP A 125 -33.31 13.17 75.69
C ASP A 125 -33.78 14.52 76.23
N ALA A 126 -33.44 15.63 75.54
CA ALA A 126 -33.82 16.96 76.00
C ALA A 126 -35.35 17.09 75.95
N LEU A 127 -35.97 16.41 74.98
CA LEU A 127 -37.41 16.54 74.76
C LEU A 127 -38.23 15.62 75.67
N ARG A 128 -37.62 14.73 76.44
CA ARG A 128 -38.34 13.69 77.15
C ARG A 128 -39.50 14.20 78.01
N ASP A 129 -39.33 15.33 78.69
CA ASP A 129 -40.42 15.79 79.52
C ASP A 129 -41.11 17.04 78.97
N VAL A 130 -40.63 17.55 77.80
CA VAL A 130 -41.12 18.78 77.20
C VAL A 130 -42.49 18.52 76.59
N ASP A 131 -43.45 19.40 76.90
CA ASP A 131 -44.78 19.30 76.36
C ASP A 131 -44.85 20.09 75.05
N VAL A 132 -44.76 19.41 73.90
CA VAL A 132 -44.71 20.10 72.61
C VAL A 132 -46.00 20.85 72.30
N THR A 133 -47.13 20.49 72.94
CA THR A 133 -48.43 21.08 72.65
C THR A 133 -48.46 22.53 73.16
N LYS A 134 -47.50 22.87 74.02
CA LYS A 134 -47.40 24.18 74.65
CA LYS A 134 -47.42 24.18 74.65
C LYS A 134 -46.50 25.13 73.88
N LEU A 135 -45.74 24.63 72.87
CA LEU A 135 -44.87 25.51 72.11
C LEU A 135 -45.71 26.42 71.21
N LYS A 136 -45.31 27.67 71.10
CA LYS A 136 -46.06 28.63 70.32
C LYS A 136 -45.54 28.74 68.89
N LYS A 137 -44.30 28.33 68.64
CA LYS A 137 -43.82 28.27 67.28
C LYS A 137 -43.29 26.87 66.98
N PRO A 138 -43.30 26.46 65.71
CA PRO A 138 -43.02 25.08 65.36
C PRO A 138 -41.58 24.68 65.69
N LEU A 139 -41.42 23.36 65.89
CA LEU A 139 -40.11 22.74 66.00
C LEU A 139 -40.02 21.55 65.05
N TYR A 140 -38.93 21.50 64.33
CA TYR A 140 -38.68 20.52 63.30
C TYR A 140 -37.35 19.83 63.59
N ILE A 141 -37.35 18.51 63.39
CA ILE A 141 -36.14 17.73 63.47
C ILE A 141 -35.97 17.01 62.13
N LEU A 142 -34.85 17.27 61.46
CA LEU A 142 -34.50 16.63 60.21
C LEU A 142 -33.37 15.64 60.44
N ALA A 143 -33.54 14.44 59.91
CA ALA A 143 -32.52 13.42 59.88
C ALA A 143 -32.30 12.99 58.43
N THR A 144 -31.09 13.21 57.93
CA THR A 144 -30.82 13.09 56.49
C THR A 144 -30.05 11.81 56.16
N ALA A 145 -30.12 11.41 54.89
CA ALA A 145 -29.30 10.34 54.33
C ALA A 145 -28.03 10.83 53.65
N ASP A 146 -26.96 10.00 53.75
CA ASP A 146 -25.84 10.05 52.84
C ASP A 146 -25.10 11.38 52.90
N GLU A 147 -24.97 11.97 54.09
CA GLU A 147 -24.14 13.15 54.23
C GLU A 147 -22.68 12.85 53.91
N GLU A 148 -22.19 11.67 54.30
CA GLU A 148 -20.75 11.42 54.24
C GLU A 148 -20.33 11.00 52.81
N THR A 149 -21.25 10.94 51.88
CA THR A 149 -20.93 10.63 50.48
C THR A 149 -21.37 11.76 49.54
N SER A 150 -22.67 11.86 49.24
CA SER A 150 -23.23 12.75 48.23
C SER A 150 -23.95 13.97 48.80
N MET A 151 -24.32 13.94 50.10
CA MET A 151 -25.28 14.88 50.66
C MET A 151 -26.63 14.87 49.95
N ALA A 152 -27.04 13.69 49.44
CA ALA A 152 -28.26 13.56 48.67
C ALA A 152 -29.46 13.89 49.54
N GLY A 153 -29.39 13.46 50.80
CA GLY A 153 -30.50 13.70 51.73
C GLY A 153 -30.79 15.18 51.91
N ALA A 154 -29.78 15.94 52.31
CA ALA A 154 -29.93 17.37 52.53
C ALA A 154 -30.33 18.10 51.24
N ARG A 155 -29.65 17.80 50.14
CA ARG A 155 -29.97 18.38 48.84
C ARG A 155 -31.43 18.22 48.48
N TYR A 156 -31.97 16.98 48.64
CA TYR A 156 -33.35 16.68 48.27
C TYR A 156 -34.32 17.41 49.20
N PHE A 157 -34.02 17.40 50.50
CA PHE A 157 -34.88 18.11 51.44
C PHE A 157 -34.93 19.59 51.06
N ALA A 158 -33.77 20.21 50.88
CA ALA A 158 -33.74 21.64 50.58
C ALA A 158 -34.44 21.93 49.25
N GLU A 159 -34.41 21.01 48.29
CA GLU A 159 -35.09 21.25 47.01
C GLU A 159 -36.60 21.14 47.13
N THR A 160 -37.11 20.38 48.09
CA THR A 160 -38.52 20.04 48.07
C THR A 160 -39.33 20.72 49.15
N THR A 161 -38.71 21.11 50.28
CA THR A 161 -39.52 21.48 51.43
C THR A 161 -40.10 22.88 51.20
N ALA A 162 -41.30 23.11 51.71
CA ALA A 162 -41.86 24.45 51.79
C ALA A 162 -41.58 25.10 53.14
N LEU A 163 -40.89 24.39 54.04
CA LEU A 163 -40.60 24.97 55.37
C LEU A 163 -39.61 26.12 55.28
N ARG A 164 -39.89 27.16 56.07
CA ARG A 164 -39.03 28.32 56.21
C ARG A 164 -38.96 28.62 57.70
N PRO A 165 -38.13 27.87 58.46
CA PRO A 165 -37.93 28.14 59.88
C PRO A 165 -37.30 29.52 60.07
N ASP A 166 -37.34 30.02 61.30
CA ASP A 166 -36.60 31.20 61.65
C ASP A 166 -35.08 30.93 61.58
N CYS A 167 -34.66 29.78 62.11
CA CYS A 167 -33.25 29.41 62.06
C CYS A 167 -33.08 27.90 62.24
N ALA A 168 -31.87 27.43 61.97
CA ALA A 168 -31.53 26.02 62.08
C ALA A 168 -30.16 25.81 62.72
N ILE A 169 -30.00 24.67 63.40
CA ILE A 169 -28.70 24.18 63.82
C ILE A 169 -28.49 22.78 63.27
N ILE A 170 -27.30 22.55 62.70
CA ILE A 170 -26.87 21.23 62.29
C ILE A 170 -25.85 20.76 63.31
N GLY A 171 -26.12 19.61 63.94
CA GLY A 171 -25.35 19.17 65.09
C GLY A 171 -24.08 18.40 64.79
N GLU A 172 -23.31 18.83 63.83
CA GLU A 172 -21.99 18.25 63.54
C GLU A 172 -21.08 18.53 64.74
N PRO A 173 -20.08 17.68 64.99
CA PRO A 173 -19.13 17.87 66.08
C PRO A 173 -18.23 19.10 65.91
N THR A 174 -18.45 20.08 66.78
CA THR A 174 -17.71 21.32 66.77
C THR A 174 -17.18 21.63 68.17
N SER A 175 -17.19 20.64 69.08
CA SER A 175 -16.85 20.81 70.48
C SER A 175 -17.74 21.88 71.12
N LEU A 176 -19.00 21.94 70.68
CA LEU A 176 -19.96 22.95 71.17
C LEU A 176 -19.41 24.36 71.05
N GLN A 177 -18.71 24.62 69.94
CA GLN A 177 -18.27 25.94 69.54
C GLN A 177 -19.02 26.24 68.24
N PRO A 178 -19.72 27.39 68.13
CA PRO A 178 -20.56 27.66 66.95
C PRO A 178 -19.73 27.95 65.70
N VAL A 179 -20.07 27.26 64.62
CA VAL A 179 -19.40 27.46 63.33
C VAL A 179 -20.40 28.14 62.39
N ARG A 180 -20.01 29.26 61.75
CA ARG A 180 -20.95 30.07 60.97
C ARG A 180 -20.57 30.12 59.49
N ALA A 181 -19.49 29.46 59.10
CA ALA A 181 -19.14 29.47 57.69
C ALA A 181 -18.13 28.38 57.37
N HIS A 182 -18.14 28.00 56.09
CA HIS A 182 -17.11 27.16 55.54
C HIS A 182 -17.05 27.35 54.03
N LYS A 183 -15.90 27.02 53.50
CA LYS A 183 -15.72 26.99 52.06
C LYS A 183 -16.52 25.86 51.41
N GLY A 184 -16.76 26.03 50.11
CA GLY A 184 -17.29 24.99 49.24
C GLY A 184 -16.21 24.01 48.78
N HIS A 185 -16.63 23.09 47.89
CA HIS A 185 -15.72 22.14 47.29
C HIS A 185 -16.32 21.64 45.99
N ILE A 186 -15.65 21.93 44.88
CA ILE A 186 -15.98 21.28 43.61
C ILE A 186 -14.74 20.55 43.10
N SER A 187 -14.94 19.35 42.57
CA SER A 187 -13.84 18.55 42.04
C SER A 187 -14.20 18.10 40.63
N ASN A 188 -13.39 18.49 39.63
CA ASN A 188 -13.68 18.19 38.24
C ASN A 188 -12.57 17.39 37.56
N ALA A 189 -12.99 16.55 36.59
CA ALA A 189 -12.08 15.96 35.61
C ALA A 189 -12.23 16.73 34.30
N ILE A 190 -11.12 17.34 33.85
CA ILE A 190 -11.04 17.98 32.56
C ILE A 190 -10.53 16.91 31.60
N ARG A 191 -11.30 16.57 30.57
CA ARG A 191 -11.01 15.43 29.74
C ARG A 191 -10.83 15.94 28.31
N ILE A 192 -9.71 15.56 27.70
CA ILE A 192 -9.46 15.99 26.35
C ILE A 192 -9.29 14.77 25.47
N GLN A 193 -10.05 14.75 24.37
CA GLN A 193 -9.98 13.70 23.37
CA GLN A 193 -9.94 13.68 23.40
C GLN A 193 -9.05 14.18 22.27
N GLY A 194 -7.90 13.51 22.13
CA GLY A 194 -7.01 13.78 21.03
C GLY A 194 -7.25 12.82 19.88
N GLN A 195 -6.23 12.64 19.01
CA GLN A 195 -6.36 11.75 17.85
C GLN A 195 -5.00 11.13 17.58
N SER A 196 -4.91 9.78 17.59
CA SER A 196 -3.57 9.19 17.67
C SER A 196 -2.98 9.11 16.29
N GLY A 197 -1.78 8.54 16.28
CA GLY A 197 -0.94 8.45 15.10
C GLY A 197 0.52 8.23 15.55
N HIS A 198 1.37 7.87 14.60
CA HIS A 198 2.75 7.58 14.90
C HIS A 198 3.48 8.88 15.21
N SER A 199 4.46 8.85 16.12
CA SER A 199 5.13 10.08 16.53
C SER A 199 5.97 10.69 15.39
N SER A 200 6.24 9.93 14.35
CA SER A 200 7.03 10.44 13.24
C SER A 200 6.25 11.44 12.40
N ASP A 201 4.94 11.63 12.67
CA ASP A 201 4.11 12.49 11.84
C ASP A 201 3.06 13.17 12.71
N PRO A 202 3.47 14.09 13.61
CA PRO A 202 2.53 14.73 14.53
C PRO A 202 1.36 15.40 13.86
N ALA A 203 1.58 15.96 12.66
CA ALA A 203 0.56 16.72 11.94
C ALA A 203 -0.68 15.88 11.69
N ARG A 204 -0.56 14.55 11.61
CA ARG A 204 -1.68 13.70 11.27
C ARG A 204 -2.59 13.39 12.47
N GLY A 205 -2.24 13.88 13.65
CA GLY A 205 -3.08 13.65 14.81
C GLY A 205 -3.37 14.95 15.54
N VAL A 206 -3.83 14.80 16.78
CA VAL A 206 -4.13 15.90 17.69
C VAL A 206 -3.67 15.47 19.07
N ASN A 207 -2.71 16.21 19.60
CA ASN A 207 -1.96 15.78 20.76
C ASN A 207 -2.67 16.27 22.02
N ALA A 208 -3.26 15.35 22.80
CA ALA A 208 -4.08 15.74 23.95
C ALA A 208 -3.25 16.40 25.05
N ILE A 209 -1.96 16.07 25.17
CA ILE A 209 -1.11 16.69 26.18
C ILE A 209 -0.90 18.17 25.82
N GLU A 210 -0.69 18.47 24.54
CA GLU A 210 -0.52 19.84 24.10
C GLU A 210 -1.80 20.62 24.37
N LEU A 211 -2.99 20.03 24.10
CA LEU A 211 -4.24 20.73 24.36
C LEU A 211 -4.41 20.92 25.85
N MET A 212 -4.00 19.91 26.61
CA MET A 212 -4.13 19.98 28.05
C MET A 212 -3.18 21.05 28.60
N HIS A 213 -2.00 21.18 27.99
CA HIS A 213 -1.06 22.23 28.37
C HIS A 213 -1.73 23.60 28.19
N ASP A 214 -2.42 23.82 27.08
CA ASP A 214 -3.11 25.08 26.87
C ASP A 214 -4.18 25.29 27.95
N ALA A 215 -4.94 24.23 28.29
CA ALA A 215 -6.01 24.37 29.28
C ALA A 215 -5.43 24.68 30.64
N ILE A 216 -4.31 24.02 30.98
CA ILE A 216 -3.71 24.24 32.29
C ILE A 216 -3.27 25.70 32.43
N GLY A 217 -2.73 26.29 31.36
CA GLY A 217 -2.31 27.69 31.43
C GLY A 217 -3.49 28.59 31.82
N HIS A 218 -4.64 28.32 31.21
CA HIS A 218 -5.86 29.07 31.42
C HIS A 218 -6.38 28.82 32.84
N ILE A 219 -6.28 27.58 33.30
CA ILE A 219 -6.71 27.22 34.63
C ILE A 219 -5.80 27.84 35.70
N LEU A 220 -4.47 27.89 35.45
CA LEU A 220 -3.59 28.55 36.43
C LEU A 220 -3.81 30.07 36.48
N GLN A 221 -4.19 30.65 35.34
CA GLN A 221 -4.56 32.06 35.34
C GLN A 221 -5.80 32.26 36.20
N LEU A 222 -6.78 31.36 36.12
CA LEU A 222 -7.96 31.41 36.96
C LEU A 222 -7.58 31.27 38.44
N ARG A 223 -6.69 30.32 38.74
CA ARG A 223 -6.17 30.18 40.11
C ARG A 223 -5.65 31.53 40.63
N ASP A 224 -4.83 32.19 39.84
CA ASP A 224 -4.21 33.47 40.19
C ASP A 224 -5.29 34.53 40.40
N ASN A 225 -6.30 34.54 39.52
CA ASN A 225 -7.41 35.47 39.62
C ASN A 225 -8.19 35.26 40.93
N LEU A 226 -8.44 34.00 41.27
CA LEU A 226 -9.21 33.66 42.47
C LEU A 226 -8.46 34.11 43.72
N LYS A 227 -7.12 33.94 43.72
CA LYS A 227 -6.28 34.33 44.85
C LYS A 227 -6.23 35.86 45.00
N GLU A 228 -6.21 36.58 43.87
CA GLU A 228 -6.12 38.04 43.86
C GLU A 228 -7.44 38.75 44.17
N ARG A 229 -8.57 38.21 43.75
CA ARG A 229 -9.77 39.03 43.61
C ARG A 229 -10.86 38.69 44.64
N TYR A 230 -10.66 37.64 45.42
CA TYR A 230 -11.66 37.21 46.38
C TYR A 230 -10.96 36.97 47.71
N HIS A 231 -11.52 37.49 48.79
CA HIS A 231 -10.82 37.45 50.06
C HIS A 231 -11.82 37.29 51.20
N TYR A 232 -11.44 36.50 52.21
CA TYR A 232 -12.25 36.32 53.40
C TYR A 232 -11.28 36.09 54.56
N GLU A 233 -11.02 37.15 55.35
CA GLU A 233 -9.89 37.19 56.27
C GLU A 233 -9.92 36.07 57.33
N ALA A 234 -11.12 35.70 57.80
CA ALA A 234 -11.30 34.73 58.86
C ALA A 234 -10.72 33.36 58.50
N PHE A 235 -10.72 33.00 57.21
CA PHE A 235 -10.26 31.68 56.80
C PHE A 235 -8.74 31.65 56.89
N THR A 236 -8.19 30.50 57.28
CA THR A 236 -6.76 30.35 57.45
C THR A 236 -6.04 30.60 56.13
N VAL A 237 -6.60 30.07 55.04
CA VAL A 237 -6.21 30.47 53.70
C VAL A 237 -7.32 31.38 53.20
N PRO A 238 -7.15 32.72 53.16
CA PRO A 238 -8.27 33.63 53.03
C PRO A 238 -8.75 33.88 51.59
N TYR A 239 -8.54 32.92 50.69
CA TYR A 239 -8.95 33.11 49.31
C TYR A 239 -9.45 31.78 48.83
N PRO A 240 -10.16 31.73 47.68
CA PRO A 240 -10.53 30.47 47.06
C PRO A 240 -9.29 29.79 46.49
N THR A 241 -9.15 28.50 46.83
CA THR A 241 -8.02 27.70 46.39
C THR A 241 -8.42 26.87 45.16
N LEU A 242 -7.41 26.53 44.36
CA LEU A 242 -7.55 25.67 43.18
C LEU A 242 -6.35 24.73 43.18
N ASN A 243 -6.59 23.43 43.03
CA ASN A 243 -5.53 22.44 43.12
C ASN A 243 -5.52 21.52 41.90
N LEU A 244 -4.34 21.32 41.30
CA LEU A 244 -4.19 20.33 40.25
C LEU A 244 -3.66 19.05 40.90
N GLY A 245 -4.49 17.99 40.94
CA GLY A 245 -4.17 16.85 41.77
C GLY A 245 -3.63 15.65 41.00
N HIS A 246 -4.21 15.37 39.83
CA HIS A 246 -3.81 14.19 39.07
C HIS A 246 -3.90 14.45 37.57
N ILE A 247 -3.00 13.82 36.79
CA ILE A 247 -3.04 13.91 35.35
C ILE A 247 -2.66 12.56 34.77
N HIS A 248 -3.27 12.19 33.64
CA HIS A 248 -2.95 10.94 33.00
C HIS A 248 -3.38 11.01 31.54
N GLY A 249 -2.49 10.58 30.64
CA GLY A 249 -2.88 10.46 29.24
C GLY A 249 -1.83 9.75 28.40
N GLY A 250 -2.29 9.08 27.33
CA GLY A 250 -1.42 8.49 26.34
C GLY A 250 -0.84 7.13 26.75
N ASP A 251 -0.37 6.41 25.72
CA ASP A 251 0.10 5.04 25.81
C ASP A 251 1.63 4.95 25.73
N ALA A 252 2.29 5.74 24.85
CA ALA A 252 3.72 5.52 24.60
C ALA A 252 4.38 6.79 24.05
N SER A 253 5.70 6.85 24.24
CA SER A 253 6.50 7.97 23.79
C SER A 253 6.43 8.11 22.27
N ASN A 254 6.17 7.00 21.56
CA ASN A 254 6.26 7.01 20.10
C ASN A 254 4.88 7.05 19.45
N ARG A 255 3.88 7.47 20.21
CA ARG A 255 2.53 7.62 19.69
C ARG A 255 2.01 9.00 20.07
N ILE A 256 1.33 9.70 19.16
CA ILE A 256 0.66 10.95 19.52
C ILE A 256 -0.28 10.72 20.69
N CYS A 257 -0.30 11.61 21.68
CA CYS A 257 -1.11 11.31 22.86
C CYS A 257 -2.60 11.44 22.51
N ALA A 258 -3.34 10.31 22.58
CA ALA A 258 -4.69 10.23 22.06
C ALA A 258 -5.74 10.76 23.06
N TRP A 259 -5.38 10.87 24.34
CA TRP A 259 -6.32 11.38 25.33
C TRP A 259 -5.55 11.85 26.57
N CYS A 260 -6.17 12.74 27.33
CA CYS A 260 -5.52 13.24 28.54
C CYS A 260 -6.60 13.73 29.51
N GLU A 261 -6.41 13.41 30.78
CA GLU A 261 -7.37 13.82 31.80
CA GLU A 261 -7.36 13.76 31.82
C GLU A 261 -6.62 14.45 32.96
N LEU A 262 -7.25 15.50 33.52
CA LEU A 262 -6.74 16.28 34.63
C LEU A 262 -7.78 16.35 35.74
N HIS A 263 -7.39 15.98 36.95
CA HIS A 263 -8.32 16.04 38.08
C HIS A 263 -7.90 17.22 38.95
N MET A 264 -8.86 18.12 39.21
CA MET A 264 -8.56 19.35 39.91
C MET A 264 -9.69 19.64 40.89
N ASP A 265 -9.42 20.52 41.85
CA ASP A 265 -10.48 20.97 42.73
C ASP A 265 -10.35 22.46 42.98
N ILE A 266 -11.48 23.02 43.46
CA ILE A 266 -11.59 24.43 43.81
C ILE A 266 -12.39 24.45 45.10
N ARG A 267 -11.96 25.30 46.05
CA ARG A 267 -12.72 25.49 47.28
C ARG A 267 -13.14 26.96 47.37
N PRO A 268 -14.35 27.30 46.92
CA PRO A 268 -14.78 28.69 46.91
C PRO A 268 -15.17 29.21 48.28
N LEU A 269 -15.15 30.54 48.38
CA LEU A 269 -15.50 31.23 49.62
C LEU A 269 -17.02 31.28 49.74
N PRO A 270 -17.55 31.52 50.96
CA PRO A 270 -18.95 31.85 51.08
C PRO A 270 -19.23 33.06 50.19
N GLY A 271 -20.39 33.03 49.55
CA GLY A 271 -20.89 34.13 48.77
C GLY A 271 -20.71 33.91 47.27
N MET A 272 -19.82 33.01 46.87
CA MET A 272 -19.71 32.68 45.45
C MET A 272 -20.64 31.50 45.16
N THR A 273 -21.55 31.65 44.18
CA THR A 273 -22.45 30.56 43.84
C THR A 273 -21.69 29.53 42.99
N LEU A 274 -22.23 28.31 42.91
CA LEU A 274 -21.68 27.33 41.99
C LEU A 274 -21.79 27.81 40.54
N ASN A 275 -22.89 28.47 40.17
CA ASN A 275 -23.07 28.97 38.80
CA ASN A 275 -23.06 28.96 38.80
C ASN A 275 -21.98 29.99 38.45
N GLU A 276 -21.68 30.88 39.39
CA GLU A 276 -20.62 31.86 39.20
C GLU A 276 -19.29 31.15 38.99
N LEU A 277 -18.99 30.15 39.82
CA LEU A 277 -17.71 29.48 39.76
C LEU A 277 -17.61 28.68 38.45
N ASN A 278 -18.68 27.95 38.15
CA ASN A 278 -18.74 27.20 36.90
C ASN A 278 -18.50 28.10 35.69
N GLY A 279 -19.06 29.31 35.70
CA GLY A 279 -18.85 30.23 34.60
C GLY A 279 -17.42 30.76 34.56
N LEU A 280 -16.76 30.93 35.71
CA LEU A 280 -15.36 31.33 35.68
C LEU A 280 -14.51 30.24 35.03
N LEU A 281 -14.83 28.98 35.33
CA LEU A 281 -13.99 27.89 34.84
C LEU A 281 -14.25 27.76 33.34
N ASN A 282 -15.52 27.86 32.96
CA ASN A 282 -15.90 27.74 31.56
C ASN A 282 -15.30 28.86 30.75
N ASP A 283 -15.25 30.07 31.32
CA ASP A 283 -14.62 31.20 30.65
C ASP A 283 -13.13 30.96 30.45
N ALA A 284 -12.48 30.40 31.48
CA ALA A 284 -11.06 30.12 31.38
C ALA A 284 -10.76 29.12 30.26
N LEU A 285 -11.59 28.09 30.12
CA LEU A 285 -11.37 27.00 29.17
C LEU A 285 -11.81 27.37 27.75
N ALA A 286 -12.58 28.47 27.60
CA ALA A 286 -13.24 28.75 26.33
C ALA A 286 -12.27 28.83 25.15
N PRO A 287 -11.13 29.57 25.20
CA PRO A 287 -10.19 29.57 24.07
C PRO A 287 -9.85 28.17 23.58
N VAL A 288 -9.79 27.19 24.50
CA VAL A 288 -9.41 25.84 24.12
C VAL A 288 -10.59 25.10 23.49
N SER A 289 -11.75 25.12 24.15
CA SER A 289 -12.91 24.41 23.64
CA SER A 289 -12.95 24.45 23.66
C SER A 289 -13.34 24.96 22.28
N GLU A 290 -13.20 26.29 22.08
CA GLU A 290 -13.55 26.92 20.81
C GLU A 290 -12.56 26.57 19.69
N ARG A 291 -11.27 26.51 20.01
CA ARG A 291 -10.25 26.11 19.03
C ARG A 291 -10.44 24.63 18.66
N TRP A 292 -10.89 23.81 19.60
CA TRP A 292 -10.98 22.37 19.43
C TRP A 292 -12.38 21.86 19.79
N PRO A 293 -13.38 22.21 18.96
CA PRO A 293 -14.77 21.89 19.28
C PRO A 293 -14.92 20.38 19.42
N GLY A 294 -15.63 19.96 20.47
CA GLY A 294 -15.95 18.56 20.70
C GLY A 294 -14.91 17.79 21.50
N ARG A 295 -13.74 18.39 21.75
CA ARG A 295 -12.61 17.64 22.29
C ARG A 295 -12.46 17.77 23.80
N LEU A 296 -12.95 18.88 24.37
CA LEU A 296 -12.79 19.14 25.80
C LEU A 296 -14.12 19.00 26.53
N THR A 297 -14.15 18.19 27.59
CA THR A 297 -15.30 18.07 28.47
C THR A 297 -14.84 18.23 29.91
N VAL A 298 -15.79 18.60 30.76
CA VAL A 298 -15.60 18.76 32.20
C VAL A 298 -16.65 17.90 32.87
N ASP A 299 -16.21 16.95 33.69
CA ASP A 299 -17.11 16.07 34.43
C ASP A 299 -16.84 16.22 35.92
N GLU A 300 -17.90 16.20 36.73
CA GLU A 300 -17.75 16.28 38.17
CA GLU A 300 -17.77 16.27 38.17
C GLU A 300 -17.24 14.93 38.69
N LEU A 301 -16.35 14.99 39.68
CA LEU A 301 -15.85 13.80 40.33
C LEU A 301 -16.65 13.46 41.58
N HIS A 302 -17.41 14.44 42.09
CA HIS A 302 -18.30 14.25 43.23
C HIS A 302 -19.28 15.41 43.14
N PRO A 303 -20.43 15.33 43.82
CA PRO A 303 -21.44 16.37 43.76
C PRO A 303 -20.83 17.66 44.32
N PRO A 304 -20.97 18.80 43.62
CA PRO A 304 -20.34 20.06 44.07
C PRO A 304 -21.05 20.60 45.31
N ILE A 305 -20.28 21.23 46.21
CA ILE A 305 -20.80 21.82 47.43
C ILE A 305 -20.47 23.30 47.42
N PRO A 306 -21.45 24.22 47.49
CA PRO A 306 -21.14 25.63 47.60
C PRO A 306 -20.60 25.97 48.99
N GLY A 307 -19.94 27.11 49.10
CA GLY A 307 -19.57 27.68 50.38
C GLY A 307 -20.84 28.14 51.11
N TYR A 308 -20.71 28.37 52.41
CA TYR A 308 -21.87 28.73 53.20
C TYR A 308 -21.45 29.77 54.23
N GLU A 309 -22.35 30.69 54.55
CA GLU A 309 -22.21 31.40 55.81
C GLU A 309 -23.57 31.83 56.32
N CYS A 310 -23.63 31.98 57.64
CA CYS A 310 -24.70 32.67 58.32
C CYS A 310 -24.20 34.08 58.65
N PRO A 311 -25.00 35.12 58.45
CA PRO A 311 -24.58 36.47 58.82
C PRO A 311 -24.17 36.55 60.30
N PRO A 312 -23.01 37.16 60.64
CA PRO A 312 -22.49 37.12 62.01
C PRO A 312 -23.32 37.80 63.09
N ASN A 313 -24.20 38.73 62.70
CA ASN A 313 -25.02 39.48 63.66
C ASN A 313 -26.40 38.88 63.83
N HIS A 314 -26.70 37.74 63.18
CA HIS A 314 -28.01 37.11 63.40
C HIS A 314 -28.26 36.80 64.88
N GLN A 315 -29.55 36.81 65.30
CA GLN A 315 -29.92 36.56 66.68
CA GLN A 315 -29.94 36.54 66.67
C GLN A 315 -29.48 35.15 67.14
N LEU A 316 -29.50 34.17 66.24
CA LEU A 316 -29.09 32.82 66.61
C LEU A 316 -27.61 32.84 67.05
N VAL A 317 -26.75 33.60 66.37
CA VAL A 317 -25.34 33.72 66.78
C VAL A 317 -25.21 34.31 68.18
N GLU A 318 -25.91 35.42 68.44
CA GLU A 318 -25.90 36.09 69.73
C GLU A 318 -26.33 35.14 70.83
N VAL A 319 -27.44 34.42 70.59
CA VAL A 319 -27.96 33.53 71.62
C VAL A 319 -26.96 32.44 71.95
N VAL A 320 -26.41 31.78 70.92
CA VAL A 320 -25.53 30.65 71.19
C VAL A 320 -24.21 31.13 71.74
N GLU A 321 -23.65 32.25 71.26
CA GLU A 321 -22.40 32.73 71.81
C GLU A 321 -22.51 32.95 73.31
N LYS A 322 -23.64 33.50 73.79
CA LYS A 322 -23.84 33.74 75.22
C LYS A 322 -24.00 32.44 76.03
N LEU A 323 -24.81 31.47 75.52
CA LEU A 323 -25.06 30.21 76.20
CA LEU A 323 -25.05 30.22 76.24
C LEU A 323 -23.76 29.42 76.35
N LEU A 324 -22.94 29.39 75.27
CA LEU A 324 -21.78 28.53 75.22
C LEU A 324 -20.47 29.15 75.71
N GLY A 325 -20.46 30.48 75.85
CA GLY A 325 -19.25 31.29 76.10
C GLY A 325 -18.16 31.14 75.04
N ALA A 326 -18.55 30.75 73.82
CA ALA A 326 -17.61 30.53 72.74
C ALA A 326 -18.04 31.35 71.54
N LYS A 327 -17.12 32.11 70.93
CA LYS A 327 -17.40 32.91 69.76
C LYS A 327 -17.45 32.08 68.49
N THR A 328 -18.10 32.60 67.45
CA THR A 328 -18.24 31.87 66.21
C THR A 328 -16.91 31.75 65.50
N GLU A 329 -16.77 30.64 64.79
CA GLU A 329 -15.57 30.33 64.01
CA GLU A 329 -15.58 30.35 64.01
C GLU A 329 -15.99 29.96 62.58
N VAL A 330 -14.98 29.88 61.71
CA VAL A 330 -15.18 29.35 60.37
C VAL A 330 -14.28 28.12 60.23
N VAL A 331 -14.63 27.19 59.33
CA VAL A 331 -13.84 26.00 59.08
C VAL A 331 -13.65 25.79 57.60
N ASN A 332 -12.74 24.88 57.23
CA ASN A 332 -12.33 24.71 55.84
C ASN A 332 -13.02 23.51 55.19
N TYR A 333 -13.69 22.67 55.99
CA TYR A 333 -14.32 21.47 55.50
C TYR A 333 -15.83 21.70 55.30
N CYS A 334 -16.51 20.71 54.71
CA CYS A 334 -17.87 20.91 54.25
C CYS A 334 -18.87 20.15 55.15
N THR A 335 -20.10 20.66 55.15
CA THR A 335 -21.25 20.08 55.84
C THR A 335 -22.44 20.29 54.94
N GLU A 336 -23.64 19.94 55.41
CA GLU A 336 -24.86 20.18 54.68
C GLU A 336 -25.36 21.63 54.81
N ALA A 337 -24.64 22.48 55.53
CA ALA A 337 -25.13 23.82 55.85
C ALA A 337 -25.52 24.61 54.60
N PRO A 338 -24.79 24.52 53.45
CA PRO A 338 -25.18 25.32 52.29
C PRO A 338 -26.60 25.03 51.84
N PHE A 339 -27.05 23.79 51.99
CA PHE A 339 -28.40 23.41 51.56
C PHE A 339 -29.42 23.88 52.58
N ILE A 340 -29.14 23.71 53.85
CA ILE A 340 -30.08 24.17 54.86
C ILE A 340 -30.15 25.70 54.92
N GLN A 341 -29.03 26.39 54.67
CA GLN A 341 -28.98 27.84 54.67
C GLN A 341 -29.90 28.43 53.58
N THR A 342 -30.32 27.65 52.56
CA THR A 342 -31.31 28.10 51.58
C THR A 342 -32.68 28.27 52.23
N LEU A 343 -32.93 27.64 53.39
CA LEU A 343 -34.22 27.67 54.03
C LEU A 343 -34.27 28.74 55.11
N CYS A 344 -33.15 28.95 55.79
CA CYS A 344 -33.11 29.82 56.95
C CYS A 344 -31.66 29.98 57.40
N PRO A 345 -31.33 31.04 58.16
CA PRO A 345 -30.02 31.16 58.76
C PRO A 345 -29.70 29.93 59.61
N THR A 346 -28.49 29.42 59.43
CA THR A 346 -28.07 28.11 59.86
C THR A 346 -26.69 28.19 60.51
N LEU A 347 -26.54 27.56 61.68
CA LEU A 347 -25.25 27.37 62.31
C LEU A 347 -24.92 25.88 62.35
N VAL A 348 -23.64 25.60 62.34
CA VAL A 348 -23.12 24.27 62.59
C VAL A 348 -22.56 24.25 64.03
N LEU A 349 -23.10 23.34 64.87
CA LEU A 349 -22.84 23.39 66.29
C LEU A 349 -23.29 22.09 66.91
N GLY A 350 -22.35 21.35 67.50
CA GLY A 350 -22.68 20.07 68.09
C GLY A 350 -21.57 19.54 68.96
N PRO A 351 -21.91 18.51 69.74
CA PRO A 351 -21.00 17.97 70.73
C PRO A 351 -20.00 17.04 70.09
N GLY A 352 -18.97 16.73 70.87
CA GLY A 352 -17.92 15.90 70.32
C GLY A 352 -16.96 16.76 69.51
N SER A 353 -15.83 16.18 69.15
CA SER A 353 -14.77 16.90 68.47
C SER A 353 -14.61 16.37 67.06
N ILE A 354 -14.36 17.34 66.16
CA ILE A 354 -13.93 17.03 64.81
C ILE A 354 -12.72 16.09 64.80
N ASN A 355 -11.85 16.17 65.81
CA ASN A 355 -10.67 15.31 65.89
C ASN A 355 -10.98 13.82 66.05
N GLN A 356 -12.22 13.48 66.46
CA GLN A 356 -12.61 12.08 66.57
C GLN A 356 -13.39 11.61 65.36
N ALA A 357 -13.93 12.52 64.57
CA ALA A 357 -14.71 12.19 63.39
C ALA A 357 -13.88 11.35 62.41
N HIS A 358 -14.45 10.23 61.96
CA HIS A 358 -13.85 9.32 60.99
C HIS A 358 -12.62 8.60 61.51
N GLN A 359 -12.31 8.68 62.81
CA GLN A 359 -11.11 8.08 63.35
C GLN A 359 -11.42 6.71 63.96
N PRO A 360 -10.42 5.81 63.97
CA PRO A 360 -10.52 4.57 64.75
C PRO A 360 -10.82 4.89 66.20
N ASP A 361 -11.67 4.07 66.83
CA ASP A 361 -12.02 4.25 68.24
C ASP A 361 -12.52 5.66 68.48
N GLU A 362 -13.39 6.12 67.57
CA GLU A 362 -14.17 7.35 67.73
C GLU A 362 -14.90 7.33 69.07
N TYR A 363 -14.95 8.51 69.71
CA TYR A 363 -15.65 8.70 70.95
C TYR A 363 -16.24 10.10 71.06
N LEU A 364 -17.12 10.21 72.02
CA LEU A 364 -17.64 11.49 72.50
C LEU A 364 -17.47 11.49 74.01
N GLU A 365 -16.86 12.54 74.55
CA GLU A 365 -16.67 12.59 76.00
C GLU A 365 -17.97 12.85 76.73
N THR A 366 -18.13 12.25 77.90
CA THR A 366 -19.35 12.40 78.67
C THR A 366 -19.52 13.82 79.20
N ARG A 367 -18.42 14.58 79.31
CA ARG A 367 -18.52 15.98 79.68
C ARG A 367 -19.44 16.79 78.77
N PHE A 368 -19.68 16.31 77.56
CA PHE A 368 -20.57 17.00 76.66
C PHE A 368 -22.06 16.80 76.99
N ILE A 369 -22.43 15.82 77.80
CA ILE A 369 -23.83 15.47 77.96
C ILE A 369 -24.61 16.63 78.54
N LYS A 370 -24.21 17.13 79.71
CA LYS A 370 -25.02 18.16 80.36
C LYS A 370 -25.07 19.46 79.55
N PRO A 371 -23.96 19.99 79.00
CA PRO A 371 -24.06 21.23 78.23
C PRO A 371 -24.84 21.09 76.91
N THR A 372 -24.83 19.92 76.27
CA THR A 372 -25.59 19.72 75.06
C THR A 372 -27.09 19.70 75.38
N ARG A 373 -27.50 18.95 76.41
CA ARG A 373 -28.89 18.95 76.84
C ARG A 373 -29.36 20.37 77.14
N GLU A 374 -28.53 21.16 77.84
CA GLU A 374 -28.93 22.52 78.20
C GLU A 374 -29.03 23.40 76.93
N LEU A 375 -28.09 23.27 76.01
CA LEU A 375 -28.12 24.06 74.78
C LEU A 375 -29.42 23.83 74.03
N ILE A 376 -29.72 22.54 73.77
CA ILE A 376 -30.91 22.18 73.03
C ILE A 376 -32.17 22.74 73.74
N THR A 377 -32.26 22.54 75.05
CA THR A 377 -33.38 23.04 75.83
C THR A 377 -33.52 24.54 75.67
N GLN A 378 -32.40 25.27 75.78
CA GLN A 378 -32.43 26.72 75.73
C GLN A 378 -32.79 27.27 74.34
N VAL A 379 -32.32 26.64 73.25
CA VAL A 379 -32.62 27.13 71.92
C VAL A 379 -34.07 26.82 71.56
N ILE A 380 -34.59 25.67 72.01
CA ILE A 380 -36.02 25.37 71.82
C ILE A 380 -36.85 26.43 72.55
N HIS A 381 -36.47 26.71 73.81
CA HIS A 381 -37.17 27.74 74.55
C HIS A 381 -37.12 29.09 73.81
N HIS A 382 -35.93 29.51 73.42
CA HIS A 382 -35.74 30.84 72.83
C HIS A 382 -36.55 31.00 71.54
N PHE A 383 -36.51 30.00 70.65
CA PHE A 383 -37.11 30.16 69.34
C PHE A 383 -38.52 29.55 69.24
N CYS A 384 -39.01 28.79 70.22
CA CYS A 384 -40.27 28.09 70.04
C CYS A 384 -41.30 28.37 71.13
N TRP A 385 -40.87 28.74 72.34
CA TRP A 385 -41.77 28.68 73.48
C TRP A 385 -42.81 29.82 73.49
N HIS A 386 -42.42 31.07 73.26
CA HIS A 386 -43.34 32.19 73.39
C HIS A 386 -43.78 32.73 72.01
N ASN B 6 28.70 -30.21 4.53
CA ASN B 6 27.26 -30.14 4.88
C ASN B 6 26.54 -29.24 3.88
N LYS B 7 25.54 -29.79 3.19
CA LYS B 7 24.83 -29.00 2.21
C LYS B 7 23.80 -28.12 2.92
N LEU B 8 23.60 -26.95 2.35
CA LEU B 8 22.65 -25.98 2.88
C LEU B 8 21.24 -26.47 2.56
N PRO B 9 20.27 -26.43 3.50
CA PRO B 9 18.90 -26.78 3.13
C PRO B 9 18.38 -25.84 2.05
N PRO B 10 17.32 -26.23 1.29
CA PRO B 10 16.63 -25.28 0.42
C PRO B 10 16.13 -24.04 1.18
N PHE B 11 15.94 -22.97 0.41
CA PHE B 11 15.54 -21.66 0.88
C PHE B 11 14.41 -21.76 1.90
N ILE B 12 13.34 -22.50 1.57
CA ILE B 12 12.17 -22.46 2.42
C ILE B 12 12.45 -23.12 3.78
N GLU B 13 13.38 -24.08 3.83
CA GLU B 13 13.74 -24.76 5.08
C GLU B 13 14.59 -23.85 5.98
N ILE B 14 15.48 -23.09 5.35
CA ILE B 14 16.28 -22.10 6.05
C ILE B 14 15.36 -21.06 6.67
N TYR B 15 14.47 -20.50 5.84
CA TYR B 15 13.49 -19.54 6.30
C TYR B 15 12.73 -20.14 7.47
N ARG B 16 12.19 -21.36 7.27
CA ARG B 16 11.31 -21.99 8.27
C ARG B 16 12.02 -22.13 9.62
N ALA B 17 13.29 -22.59 9.61
CA ALA B 17 14.06 -22.76 10.85
C ALA B 17 14.30 -21.41 11.55
N LEU B 18 14.59 -20.35 10.79
CA LEU B 18 14.80 -19.03 11.39
C LEU B 18 13.54 -18.54 12.06
N ILE B 19 12.39 -18.67 11.37
CA ILE B 19 11.14 -18.19 11.96
C ILE B 19 10.78 -19.01 13.21
N ALA B 20 11.09 -20.31 13.19
CA ALA B 20 10.74 -21.25 14.26
C ALA B 20 11.62 -21.04 15.50
N THR B 21 12.72 -20.31 15.36
CA THR B 21 13.65 -20.07 16.47
C THR B 21 13.36 -18.71 17.10
N PRO B 22 12.68 -18.69 18.27
CA PRO B 22 12.26 -17.42 18.85
C PRO B 22 13.45 -16.53 19.20
N SER B 23 13.34 -15.23 18.92
CA SER B 23 14.41 -14.28 19.21
C SER B 23 13.83 -12.91 19.52
N ILE B 24 12.74 -12.90 20.30
CA ILE B 24 12.11 -11.65 20.70
C ILE B 24 13.03 -10.87 21.63
N SER B 25 13.16 -9.56 21.42
CA SER B 25 13.84 -8.70 22.37
C SER B 25 12.76 -7.89 23.08
N ALA B 26 13.06 -7.48 24.33
CA ALA B 26 12.13 -6.67 25.13
C ALA B 26 12.91 -5.95 26.23
N THR B 27 12.41 -4.81 26.70
CA THR B 27 13.00 -4.20 27.88
C THR B 27 12.74 -5.10 29.09
N GLU B 28 11.51 -5.62 29.21
CA GLU B 28 11.13 -6.47 30.33
C GLU B 28 11.84 -7.83 30.22
N GLU B 29 12.53 -8.23 31.28
CA GLU B 29 13.35 -9.43 31.32
C GLU B 29 12.55 -10.69 30.99
N ALA B 30 11.28 -10.75 31.41
CA ALA B 30 10.47 -11.96 31.25
C ALA B 30 10.18 -12.22 29.78
N LEU B 31 10.15 -11.16 28.96
CA LEU B 31 9.87 -11.29 27.53
C LEU B 31 11.13 -11.26 26.67
N ASP B 32 12.30 -11.03 27.28
CA ASP B 32 13.53 -10.80 26.53
C ASP B 32 14.25 -12.12 26.25
N GLN B 33 14.14 -12.66 25.04
CA GLN B 33 14.71 -13.97 24.78
C GLN B 33 16.14 -13.86 24.23
N SER B 34 17.01 -14.78 24.64
CA SER B 34 18.34 -14.90 24.08
C SER B 34 18.28 -15.13 22.58
N ASN B 35 19.17 -14.49 21.83
CA ASN B 35 19.28 -14.80 20.41
C ASN B 35 20.39 -15.84 20.17
N ALA B 36 20.84 -16.55 21.21
CA ALA B 36 21.88 -17.58 21.08
C ALA B 36 21.52 -18.63 20.03
N ASP B 37 20.31 -19.19 20.13
CA ASP B 37 19.93 -20.27 19.23
C ASP B 37 19.94 -19.77 17.75
N LEU B 38 19.36 -18.60 17.49
CA LEU B 38 19.26 -18.05 16.15
C LEU B 38 20.66 -17.78 15.59
N ILE B 39 21.48 -17.13 16.42
CA ILE B 39 22.84 -16.81 16.05
C ILE B 39 23.64 -18.07 15.69
N THR B 40 23.52 -19.13 16.47
CA THR B 40 24.30 -20.33 16.21
C THR B 40 23.85 -20.99 14.91
N LEU B 41 22.54 -20.98 14.68
CA LEU B 41 21.97 -21.50 13.43
C LEU B 41 22.59 -20.80 12.23
N LEU B 42 22.58 -19.45 12.22
CA LEU B 42 23.22 -18.71 11.14
C LEU B 42 24.72 -19.03 11.06
N ALA B 43 25.41 -18.96 12.21
CA ALA B 43 26.86 -19.10 12.25
C ALA B 43 27.31 -20.42 11.64
N ASP B 44 26.61 -21.52 11.92
CA ASP B 44 27.05 -22.81 11.40
C ASP B 44 26.71 -22.95 9.91
N TRP B 45 25.61 -22.34 9.45
CA TRP B 45 25.32 -22.30 8.01
C TRP B 45 26.43 -21.56 7.27
N PHE B 46 26.89 -20.42 7.82
CA PHE B 46 27.96 -19.66 7.19
C PHE B 46 29.26 -20.47 7.23
N LYS B 47 29.56 -21.13 8.35
CA LYS B 47 30.72 -22.02 8.49
C LYS B 47 30.68 -23.13 7.43
N ASP B 48 29.49 -23.68 7.20
CA ASP B 48 29.30 -24.75 6.21
C ASP B 48 29.64 -24.26 4.81
N LEU B 49 29.37 -22.98 4.51
CA LEU B 49 29.71 -22.40 3.22
C LEU B 49 31.16 -21.95 3.15
N GLY B 50 31.95 -22.12 4.22
CA GLY B 50 33.38 -21.87 4.16
C GLY B 50 33.80 -20.50 4.70
N PHE B 51 32.89 -19.81 5.39
CA PHE B 51 33.23 -18.55 6.01
C PHE B 51 33.99 -18.78 7.33
N ASN B 52 34.82 -17.81 7.73
CA ASN B 52 35.31 -17.70 9.11
C ASN B 52 34.20 -17.00 9.92
N VAL B 53 33.82 -17.52 11.09
CA VAL B 53 32.67 -17.00 11.80
C VAL B 53 33.12 -16.73 13.23
N GLU B 54 32.76 -15.56 13.71
CA GLU B 54 33.06 -15.18 15.08
C GLU B 54 31.75 -14.76 15.73
N VAL B 55 31.45 -15.35 16.89
CA VAL B 55 30.27 -14.99 17.64
C VAL B 55 30.78 -14.36 18.93
N GLN B 56 30.24 -13.19 19.27
CA GLN B 56 30.69 -12.45 20.42
C GLN B 56 29.53 -12.09 21.32
N PRO B 57 29.67 -12.23 22.66
CA PRO B 57 28.68 -11.70 23.58
C PRO B 57 28.66 -10.17 23.48
N VAL B 58 27.47 -9.60 23.52
CA VAL B 58 27.30 -8.16 23.50
C VAL B 58 27.20 -7.67 24.94
N PRO B 59 28.21 -6.90 25.42
CA PRO B 59 28.25 -6.47 26.82
C PRO B 59 26.99 -5.70 27.15
N GLY B 60 26.45 -5.97 28.34
CA GLY B 60 25.35 -5.21 28.90
C GLY B 60 23.98 -5.68 28.43
N THR B 61 23.92 -6.71 27.58
CA THR B 61 22.64 -7.25 27.15
C THR B 61 22.33 -8.48 27.98
N ARG B 62 21.08 -8.97 27.90
CA ARG B 62 20.70 -10.18 28.60
CA ARG B 62 20.70 -10.17 28.60
C ARG B 62 21.06 -11.36 27.72
N ASN B 63 22.35 -11.74 27.75
CA ASN B 63 22.83 -12.93 27.08
C ASN B 63 22.59 -12.90 25.58
N LYS B 64 22.87 -11.78 24.94
CA LYS B 64 22.71 -11.66 23.49
C LYS B 64 24.09 -11.67 22.84
N PHE B 65 24.07 -11.99 21.53
CA PHE B 65 25.27 -12.21 20.75
C PHE B 65 25.20 -11.54 19.38
N ASN B 66 26.38 -11.16 18.88
CA ASN B 66 26.56 -10.76 17.50
C ASN B 66 27.24 -11.89 16.77
N MET B 67 27.02 -11.96 15.45
CA MET B 67 27.77 -12.87 14.58
C MET B 67 28.39 -12.05 13.45
N LEU B 68 29.67 -12.30 13.17
CA LEU B 68 30.28 -11.77 11.97
CA LEU B 68 30.30 -11.76 11.98
CA LEU B 68 30.31 -11.75 11.98
C LEU B 68 30.88 -12.93 11.20
N ALA B 69 30.39 -13.13 9.97
CA ALA B 69 30.93 -14.15 9.09
C ALA B 69 31.76 -13.45 8.02
N SER B 70 32.98 -13.94 7.76
CA SER B 70 33.95 -13.29 6.91
C SER B 70 34.47 -14.30 5.92
N THR B 71 34.62 -13.87 4.67
CA THR B 71 35.47 -14.58 3.77
C THR B 71 36.40 -13.56 3.15
N GLY B 72 37.69 -13.91 3.17
CA GLY B 72 38.67 -13.06 2.56
C GLY B 72 39.32 -12.12 3.57
N GLN B 73 40.47 -11.62 3.14
CA GLN B 73 41.26 -10.67 3.89
C GLN B 73 41.68 -9.56 2.93
N GLY B 74 41.92 -8.38 3.49
CA GLY B 74 42.30 -7.25 2.68
C GLY B 74 41.25 -6.16 2.81
N ALA B 75 41.42 -5.13 2.01
CA ALA B 75 40.68 -3.90 2.21
C ALA B 75 39.36 -3.99 1.48
N GLY B 76 38.41 -3.19 1.92
CA GLY B 76 37.18 -3.03 1.15
C GLY B 76 36.28 -4.25 1.29
N GLY B 77 35.52 -4.50 0.23
CA GLY B 77 34.54 -5.56 0.15
C GLY B 77 33.17 -5.07 0.62
N LEU B 78 32.24 -6.02 0.70
CA LEU B 78 30.83 -5.76 0.93
C LEU B 78 30.42 -6.26 2.31
N LEU B 79 29.72 -5.45 3.09
CA LEU B 79 29.07 -5.92 4.32
C LEU B 79 27.56 -6.02 4.09
N LEU B 80 26.99 -7.20 4.37
CA LEU B 80 25.56 -7.39 4.40
C LEU B 80 25.17 -7.57 5.86
N ALA B 81 24.19 -6.79 6.30
CA ALA B 81 23.91 -6.70 7.73
C ALA B 81 22.40 -6.80 8.00
N GLY B 82 22.10 -7.45 9.12
CA GLY B 82 20.74 -7.56 9.59
C GLY B 82 20.72 -7.81 11.08
N HIS B 83 19.54 -7.59 11.70
CA HIS B 83 19.35 -7.98 13.09
C HIS B 83 18.60 -9.32 13.21
N THR B 84 18.90 -10.02 14.32
CA THR B 84 18.41 -11.36 14.62
C THR B 84 17.15 -11.33 15.47
N ASP B 85 16.91 -10.21 16.18
CA ASP B 85 15.77 -10.14 17.11
C ASP B 85 14.53 -9.75 16.34
N THR B 86 13.35 -10.07 16.93
CA THR B 86 12.08 -9.54 16.48
C THR B 86 11.45 -8.81 17.65
N VAL B 87 10.38 -8.10 17.35
CA VAL B 87 9.52 -7.57 18.39
C VAL B 87 8.71 -8.73 18.97
N PRO B 88 8.01 -8.52 20.09
CA PRO B 88 7.12 -9.53 20.62
C PRO B 88 5.89 -9.65 19.74
N PHE B 89 5.04 -10.62 20.05
CA PHE B 89 3.77 -10.77 19.36
C PHE B 89 2.64 -10.63 20.39
N ASP B 90 1.45 -10.22 19.91
CA ASP B 90 0.22 -10.15 20.69
C ASP B 90 -0.63 -11.37 20.36
N ASP B 91 -0.71 -12.37 21.25
CA ASP B 91 -1.33 -13.65 20.89
CA ASP B 91 -1.34 -13.65 20.94
C ASP B 91 -2.85 -13.48 20.75
N GLY B 92 -3.42 -12.41 21.32
CA GLY B 92 -4.79 -12.01 21.05
C GLY B 92 -5.06 -11.77 19.55
N ARG B 93 -4.10 -11.14 18.83
CA ARG B 93 -4.35 -10.65 17.47
C ARG B 93 -3.80 -11.58 16.38
N TRP B 94 -2.77 -12.37 16.65
CA TRP B 94 -2.33 -13.35 15.68
C TRP B 94 -3.40 -14.43 15.54
N THR B 95 -3.51 -14.98 14.31
CA THR B 95 -4.47 -16.02 14.00
C THR B 95 -3.71 -17.26 13.57
N ARG B 96 -2.38 -17.18 13.58
CA ARG B 96 -1.54 -18.34 13.34
C ARG B 96 -0.44 -18.33 14.37
N ASP B 97 0.23 -19.47 14.51
CA ASP B 97 1.41 -19.60 15.34
C ASP B 97 2.48 -18.68 14.76
N PRO B 98 2.91 -17.63 15.49
CA PRO B 98 3.96 -16.74 14.98
C PRO B 98 5.29 -17.43 14.63
N PHE B 99 5.55 -18.63 15.21
CA PHE B 99 6.80 -19.33 14.98
C PHE B 99 6.66 -20.35 13.87
N THR B 100 5.49 -20.39 13.22
CA THR B 100 5.29 -21.40 12.18
C THR B 100 5.18 -20.70 10.83
N LEU B 101 6.21 -20.82 10.00
CA LEU B 101 6.20 -20.21 8.68
C LEU B 101 5.13 -20.91 7.84
N THR B 102 4.12 -20.14 7.41
CA THR B 102 3.00 -20.69 6.63
C THR B 102 2.86 -19.86 5.37
N GLU B 103 2.76 -20.55 4.23
CA GLU B 103 2.47 -19.92 2.95
C GLU B 103 0.96 -19.90 2.71
N HIS B 104 0.41 -18.73 2.39
CA HIS B 104 -1.00 -18.61 2.05
C HIS B 104 -1.19 -17.42 1.12
N ASP B 105 -1.83 -17.68 -0.03
CA ASP B 105 -2.25 -16.66 -0.95
C ASP B 105 -1.05 -15.78 -1.32
N GLY B 106 0.08 -16.42 -1.68
CA GLY B 106 1.29 -15.73 -2.14
C GLY B 106 2.00 -14.94 -1.03
N LYS B 107 1.76 -15.32 0.22
CA LYS B 107 2.41 -14.70 1.35
C LYS B 107 3.01 -15.77 2.26
N LEU B 108 4.13 -15.42 2.93
CA LEU B 108 4.81 -16.29 3.88
C LEU B 108 4.72 -15.63 5.25
N TYR B 109 3.86 -16.19 6.12
CA TYR B 109 3.53 -15.59 7.42
C TYR B 109 4.42 -16.12 8.54
N GLY B 110 4.69 -15.26 9.51
CA GLY B 110 5.53 -15.60 10.65
C GLY B 110 6.13 -14.34 11.26
N LEU B 111 6.47 -14.42 12.54
CA LEU B 111 7.14 -13.36 13.25
C LEU B 111 8.57 -13.25 12.71
N GLY B 112 8.88 -12.05 12.21
CA GLY B 112 10.16 -11.76 11.59
C GLY B 112 10.27 -12.18 10.13
N THR B 113 9.17 -12.59 9.48
CA THR B 113 9.27 -12.89 8.05
C THR B 113 9.70 -11.64 7.30
N ALA B 114 9.11 -10.48 7.66
CA ALA B 114 9.38 -9.24 6.98
C ALA B 114 10.49 -8.50 7.69
N ASP B 115 10.60 -8.70 9.01
CA ASP B 115 11.44 -7.82 9.80
C ASP B 115 12.21 -8.65 10.83
N MET B 116 13.35 -9.22 10.41
CA MET B 116 13.87 -9.16 9.06
C MET B 116 14.63 -10.46 8.78
N LYS B 117 14.14 -11.59 9.32
CA LYS B 117 14.85 -12.85 9.23
C LYS B 117 14.94 -13.35 7.78
N GLY B 118 13.94 -13.01 6.95
CA GLY B 118 13.97 -13.42 5.55
C GLY B 118 15.26 -13.00 4.85
N PHE B 119 15.78 -11.79 5.18
CA PHE B 119 17.01 -11.32 4.54
C PHE B 119 18.17 -12.32 4.66
N PHE B 120 18.31 -12.95 5.83
CA PHE B 120 19.36 -13.94 6.06
C PHE B 120 19.12 -15.19 5.21
N ALA B 121 17.85 -15.61 5.08
CA ALA B 121 17.56 -16.78 4.25
C ALA B 121 17.98 -16.52 2.80
N PHE B 122 17.64 -15.33 2.31
CA PHE B 122 18.01 -14.88 0.97
C PHE B 122 19.53 -14.86 0.79
N ILE B 123 20.28 -14.35 1.77
CA ILE B 123 21.74 -14.30 1.63
C ILE B 123 22.32 -15.71 1.48
N LEU B 124 21.87 -16.60 2.37
CA LEU B 124 22.38 -17.97 2.44
C LEU B 124 22.03 -18.69 1.14
N ASP B 125 20.81 -18.51 0.68
CA ASP B 125 20.34 -19.19 -0.52
C ASP B 125 21.11 -18.71 -1.75
N ALA B 126 21.39 -17.41 -1.82
CA ALA B 126 22.19 -16.88 -2.92
C ALA B 126 23.62 -17.38 -2.88
N LEU B 127 24.14 -17.69 -1.69
CA LEU B 127 25.52 -18.15 -1.57
C LEU B 127 25.62 -19.67 -1.80
N ARG B 128 24.47 -20.35 -1.89
CA ARG B 128 24.36 -21.80 -1.99
C ARG B 128 25.54 -22.44 -2.75
N ASP B 129 25.82 -21.94 -3.96
CA ASP B 129 26.84 -22.54 -4.83
C ASP B 129 28.08 -21.66 -5.01
N VAL B 130 28.03 -20.40 -4.58
CA VAL B 130 29.12 -19.47 -4.82
C VAL B 130 30.37 -20.06 -4.17
N ASP B 131 31.49 -20.11 -4.91
CA ASP B 131 32.74 -20.54 -4.31
C ASP B 131 33.44 -19.29 -3.76
N VAL B 132 33.45 -19.16 -2.44
CA VAL B 132 33.96 -17.94 -1.81
C VAL B 132 35.47 -17.86 -1.98
N THR B 133 36.14 -18.99 -2.29
CA THR B 133 37.57 -18.97 -2.52
C THR B 133 37.90 -18.13 -3.75
N LYS B 134 36.94 -18.00 -4.67
CA LYS B 134 37.18 -17.31 -5.93
C LYS B 134 36.89 -15.81 -5.84
N LEU B 135 36.47 -15.29 -4.67
CA LEU B 135 36.16 -13.86 -4.56
C LEU B 135 37.46 -13.06 -4.52
N LYS B 136 37.43 -11.84 -5.06
CA LYS B 136 38.61 -11.00 -5.10
CA LYS B 136 38.60 -10.98 -5.12
C LYS B 136 38.63 -10.00 -3.94
N LYS B 137 37.45 -9.63 -3.41
CA LYS B 137 37.40 -8.73 -2.27
C LYS B 137 36.51 -9.38 -1.21
N PRO B 138 36.69 -9.02 0.08
CA PRO B 138 36.01 -9.73 1.17
C PRO B 138 34.49 -9.57 1.13
N LEU B 139 33.79 -10.57 1.65
CA LEU B 139 32.35 -10.50 1.89
C LEU B 139 32.16 -10.77 3.38
N TYR B 140 31.37 -9.88 4.00
CA TYR B 140 31.11 -9.95 5.42
C TYR B 140 29.60 -9.96 5.65
N ILE B 141 29.16 -10.79 6.60
CA ILE B 141 27.77 -10.81 7.02
C ILE B 141 27.75 -10.58 8.52
N LEU B 142 27.02 -9.53 8.93
CA LEU B 142 26.82 -9.18 10.33
C LEU B 142 25.38 -9.51 10.71
N ALA B 143 25.25 -10.23 11.84
CA ALA B 143 23.94 -10.46 12.43
C ALA B 143 23.98 -9.92 13.86
N THR B 144 23.12 -8.93 14.16
CA THR B 144 23.22 -8.16 15.39
C THR B 144 22.13 -8.56 16.37
N ALA B 145 22.40 -8.24 17.64
CA ALA B 145 21.45 -8.34 18.76
C ALA B 145 20.72 -7.03 19.01
N ASP B 146 19.44 -7.17 19.39
CA ASP B 146 18.63 -6.17 20.09
C ASP B 146 18.42 -4.90 19.27
N GLU B 147 18.23 -5.03 17.94
CA GLU B 147 17.91 -3.86 17.15
C GLU B 147 16.59 -3.23 17.60
N GLU B 148 15.61 -4.05 18.00
CA GLU B 148 14.24 -3.57 18.17
C GLU B 148 14.10 -2.82 19.49
N THR B 149 15.11 -2.91 20.35
CA THR B 149 15.02 -2.26 21.67
C THR B 149 16.09 -1.18 21.81
N SER B 150 17.36 -1.57 21.84
CA SER B 150 18.44 -0.66 22.20
C SER B 150 19.41 -0.38 21.05
N MET B 151 19.47 -1.32 20.09
CA MET B 151 20.49 -1.33 19.03
C MET B 151 21.88 -1.59 19.61
N ALA B 152 21.96 -2.31 20.75
CA ALA B 152 23.22 -2.53 21.44
C ALA B 152 24.15 -3.36 20.56
N GLY B 153 23.59 -4.31 19.80
CA GLY B 153 24.43 -5.13 18.94
C GLY B 153 25.20 -4.31 17.92
N ALA B 154 24.48 -3.48 17.17
CA ALA B 154 25.10 -2.69 16.12
C ALA B 154 26.05 -1.65 16.72
N ARG B 155 25.61 -1.03 17.82
CA ARG B 155 26.45 -0.02 18.47
CA ARG B 155 26.42 -0.04 18.51
C ARG B 155 27.76 -0.68 18.89
N TYR B 156 27.70 -1.87 19.51
CA TYR B 156 28.89 -2.53 20.01
C TYR B 156 29.83 -2.91 18.86
N PHE B 157 29.29 -3.52 17.79
CA PHE B 157 30.06 -3.82 16.60
C PHE B 157 30.78 -2.58 16.06
N ALA B 158 30.04 -1.47 15.92
CA ALA B 158 30.62 -0.26 15.32
C ALA B 158 31.74 0.30 16.19
N GLU B 159 31.61 0.12 17.51
CA GLU B 159 32.57 0.65 18.47
C GLU B 159 33.85 -0.18 18.47
N THR B 160 33.76 -1.46 18.16
CA THR B 160 34.91 -2.32 18.39
C THR B 160 35.55 -2.84 17.11
N THR B 161 34.82 -2.94 15.98
CA THR B 161 35.34 -3.64 14.82
C THR B 161 36.47 -2.85 14.19
N ALA B 162 37.42 -3.57 13.58
CA ALA B 162 38.46 -2.91 12.78
C ALA B 162 38.06 -2.87 11.31
N LEU B 163 36.94 -3.51 10.94
CA LEU B 163 36.60 -3.64 9.53
C LEU B 163 36.22 -2.27 8.97
N ARG B 164 36.65 -2.03 7.71
CA ARG B 164 36.27 -0.87 6.92
C ARG B 164 35.94 -1.35 5.51
N PRO B 165 34.72 -1.90 5.30
CA PRO B 165 34.28 -2.35 3.97
C PRO B 165 34.19 -1.20 2.96
N ASP B 166 34.06 -1.52 1.66
CA ASP B 166 33.76 -0.48 0.70
C ASP B 166 32.36 0.09 0.94
N CYS B 167 31.41 -0.80 1.30
CA CYS B 167 30.01 -0.40 1.41
C CYS B 167 29.19 -1.51 2.09
N ALA B 168 27.99 -1.12 2.54
CA ALA B 168 27.16 -1.99 3.34
C ALA B 168 25.71 -1.83 2.94
N ILE B 169 24.99 -2.94 3.02
CA ILE B 169 23.55 -2.96 2.88
C ILE B 169 22.95 -3.61 4.13
N ILE B 170 22.00 -2.89 4.74
CA ILE B 170 21.20 -3.40 5.83
C ILE B 170 19.85 -3.82 5.29
N GLY B 171 19.52 -5.11 5.41
CA GLY B 171 18.36 -5.66 4.72
C GLY B 171 17.02 -5.47 5.44
N GLU B 172 16.79 -4.32 6.06
CA GLU B 172 15.47 -4.04 6.63
C GLU B 172 14.42 -4.00 5.52
N PRO B 173 13.13 -4.22 5.83
CA PRO B 173 12.09 -4.22 4.81
C PRO B 173 11.89 -2.83 4.24
N THR B 174 12.19 -2.68 2.94
CA THR B 174 12.00 -1.42 2.23
C THR B 174 11.27 -1.60 0.91
N SER B 175 10.60 -2.77 0.74
CA SER B 175 10.00 -3.19 -0.51
C SER B 175 11.00 -3.13 -1.65
N LEU B 176 12.23 -3.54 -1.31
CA LEU B 176 13.35 -3.57 -2.23
C LEU B 176 13.51 -2.23 -2.91
N GLN B 177 13.18 -1.13 -2.21
CA GLN B 177 13.56 0.21 -2.62
C GLN B 177 14.77 0.62 -1.80
N PRO B 178 15.80 1.22 -2.43
CA PRO B 178 17.03 1.57 -1.74
C PRO B 178 16.80 2.85 -0.95
N VAL B 179 17.06 2.81 0.37
CA VAL B 179 16.89 3.93 1.26
C VAL B 179 18.29 4.45 1.62
N ARG B 180 18.51 5.76 1.43
CA ARG B 180 19.79 6.41 1.62
C ARG B 180 19.86 7.30 2.86
N ALA B 181 18.76 7.52 3.59
CA ALA B 181 18.78 8.40 4.75
C ALA B 181 17.55 8.18 5.59
N HIS B 182 17.71 8.48 6.88
CA HIS B 182 16.58 8.56 7.78
C HIS B 182 16.93 9.43 8.99
N LYS B 183 15.87 9.74 9.76
CA LYS B 183 15.96 10.55 10.95
C LYS B 183 16.47 9.68 12.09
N GLY B 184 16.94 10.38 13.14
CA GLY B 184 17.34 9.78 14.40
C GLY B 184 16.14 9.52 15.29
N HIS B 185 16.43 9.10 16.53
CA HIS B 185 15.36 8.85 17.46
C HIS B 185 15.91 8.99 18.87
N ILE B 186 15.37 9.95 19.64
CA ILE B 186 15.67 10.00 21.06
C ILE B 186 14.34 10.02 21.81
N SER B 187 14.26 9.20 22.87
CA SER B 187 13.05 9.09 23.66
C SER B 187 13.44 9.25 25.13
N ASN B 188 12.82 10.22 25.83
CA ASN B 188 13.14 10.58 27.20
C ASN B 188 11.89 10.55 28.09
N ALA B 189 12.12 10.25 29.36
CA ALA B 189 11.16 10.53 30.41
C ALA B 189 11.67 11.73 31.22
N ILE B 190 10.84 12.78 31.31
CA ILE B 190 11.05 13.93 32.19
C ILE B 190 10.27 13.64 33.48
N ARG B 191 10.96 13.68 34.64
CA ARG B 191 10.39 13.30 35.91
CA ARG B 191 10.33 13.32 35.89
C ARG B 191 10.48 14.50 36.84
N ILE B 192 9.39 14.90 37.47
CA ILE B 192 9.43 16.02 38.37
C ILE B 192 8.92 15.56 39.73
N GLN B 193 9.70 15.85 40.77
CA GLN B 193 9.28 15.49 42.10
C GLN B 193 8.70 16.72 42.79
N GLY B 194 7.42 16.66 43.14
CA GLY B 194 6.77 17.71 43.92
C GLY B 194 6.73 17.34 45.41
N GLN B 195 5.86 18.03 46.17
CA GLN B 195 5.69 17.80 47.60
CA GLN B 195 5.66 17.74 47.58
C GLN B 195 4.19 17.64 47.87
N SER B 196 3.83 16.66 48.71
CA SER B 196 2.44 16.36 49.02
C SER B 196 1.84 17.39 49.98
N GLY B 197 0.51 17.36 50.08
CA GLY B 197 -0.22 18.23 50.98
C GLY B 197 -1.68 18.24 50.61
N HIS B 198 -2.51 18.68 51.54
CA HIS B 198 -3.93 18.71 51.32
C HIS B 198 -4.28 19.92 50.44
N SER B 199 -5.27 19.74 49.56
CA SER B 199 -5.65 20.75 48.57
C SER B 199 -6.28 21.98 49.22
N SER B 200 -6.63 21.90 50.52
CA SER B 200 -7.10 23.08 51.22
C SER B 200 -6.00 24.15 51.36
N ASP B 201 -4.72 23.79 51.16
CA ASP B 201 -3.63 24.76 51.30
C ASP B 201 -2.58 24.50 50.24
N PRO B 202 -2.88 24.76 48.96
CA PRO B 202 -1.98 24.42 47.84
C PRO B 202 -0.59 25.04 47.89
N ALA B 203 -0.50 26.23 48.47
CA ALA B 203 0.77 26.95 48.48
C ALA B 203 1.81 26.24 49.35
N ARG B 204 1.38 25.27 50.17
CA ARG B 204 2.21 24.68 51.21
CA ARG B 204 2.23 24.69 51.20
C ARG B 204 3.15 23.63 50.62
N GLY B 205 2.87 23.18 49.41
CA GLY B 205 3.69 22.18 48.77
C GLY B 205 4.18 22.68 47.41
N VAL B 206 4.84 21.80 46.69
CA VAL B 206 5.30 22.08 45.34
C VAL B 206 4.49 21.16 44.42
N ASN B 207 3.75 21.73 43.47
CA ASN B 207 2.86 20.98 42.59
C ASN B 207 3.58 20.53 41.32
N ALA B 208 3.78 19.23 41.22
CA ALA B 208 4.51 18.65 40.08
C ALA B 208 3.85 18.91 38.73
N ILE B 209 2.51 18.98 38.66
CA ILE B 209 1.86 19.28 37.38
C ILE B 209 2.17 20.72 36.98
N GLU B 210 2.15 21.65 37.94
CA GLU B 210 2.47 23.05 37.65
C GLU B 210 3.90 23.15 37.12
N LEU B 211 4.85 22.46 37.77
CA LEU B 211 6.22 22.47 37.27
C LEU B 211 6.29 21.81 35.89
N MET B 212 5.56 20.69 35.72
CA MET B 212 5.58 20.03 34.41
C MET B 212 4.95 20.94 33.36
N HIS B 213 3.90 21.73 33.71
CA HIS B 213 3.38 22.72 32.77
C HIS B 213 4.47 23.68 32.27
N ASP B 214 5.29 24.19 33.20
CA ASP B 214 6.38 25.10 32.88
CA ASP B 214 6.39 25.10 32.89
C ASP B 214 7.37 24.40 31.95
N ALA B 215 7.72 23.15 32.30
CA ALA B 215 8.63 22.36 31.48
C ALA B 215 8.07 22.15 30.07
N ILE B 216 6.78 21.81 29.94
CA ILE B 216 6.18 21.53 28.64
C ILE B 216 6.21 22.80 27.78
N GLY B 217 5.96 23.95 28.42
CA GLY B 217 6.12 25.22 27.72
C GLY B 217 7.48 25.34 27.00
N HIS B 218 8.53 25.11 27.76
CA HIS B 218 9.89 25.14 27.21
C HIS B 218 10.08 24.07 26.14
N ILE B 219 9.57 22.86 26.35
CA ILE B 219 9.75 21.79 25.38
C ILE B 219 9.03 22.11 24.07
N LEU B 220 7.87 22.77 24.17
CA LEU B 220 7.11 23.08 22.96
C LEU B 220 7.75 24.23 22.19
N GLN B 221 8.44 25.14 22.92
CA GLN B 221 9.25 26.17 22.28
C GLN B 221 10.44 25.54 21.52
N LEU B 222 11.04 24.51 22.09
CA LEU B 222 12.06 23.76 21.37
C LEU B 222 11.46 23.11 20.13
N ARG B 223 10.29 22.47 20.27
CA ARG B 223 9.65 21.86 19.09
C ARG B 223 9.48 22.90 17.97
N ASP B 224 8.94 24.08 18.34
CA ASP B 224 8.75 25.18 17.37
C ASP B 224 10.07 25.62 16.73
N ASN B 225 11.14 25.77 17.52
CA ASN B 225 12.43 26.22 17.01
C ASN B 225 13.04 25.19 16.06
N LEU B 226 12.91 23.91 16.40
CA LEU B 226 13.38 22.85 15.52
C LEU B 226 12.68 22.95 14.16
N LYS B 227 11.36 23.11 14.20
CA LYS B 227 10.56 23.15 13.01
C LYS B 227 10.83 24.42 12.21
N GLU B 228 11.07 25.57 12.85
CA GLU B 228 11.29 26.82 12.14
CA GLU B 228 11.26 26.79 12.09
C GLU B 228 12.65 26.78 11.44
N ARG B 229 13.64 26.11 12.06
CA ARG B 229 15.03 26.27 11.67
C ARG B 229 15.50 25.21 10.66
N TYR B 230 14.90 24.02 10.65
CA TYR B 230 15.48 22.92 9.90
C TYR B 230 14.41 22.31 9.01
N HIS B 231 14.78 22.03 7.76
CA HIS B 231 13.87 21.50 6.77
C HIS B 231 14.68 20.68 5.75
N TYR B 232 14.20 19.49 5.46
CA TYR B 232 14.69 18.72 4.34
C TYR B 232 13.44 18.17 3.64
N GLU B 233 12.98 18.88 2.60
CA GLU B 233 11.71 18.53 1.96
C GLU B 233 11.79 17.17 1.26
N ALA B 234 12.98 16.56 1.20
CA ALA B 234 13.05 15.20 0.66
C ALA B 234 12.30 14.25 1.59
N PHE B 235 12.24 14.58 2.89
CA PHE B 235 11.46 13.83 3.86
C PHE B 235 9.99 14.21 3.78
N THR B 236 9.10 13.21 3.88
CA THR B 236 7.66 13.51 3.81
C THR B 236 7.25 14.41 4.98
N VAL B 237 7.96 14.32 6.10
CA VAL B 237 7.81 15.24 7.22
C VAL B 237 9.12 16.01 7.27
N PRO B 238 9.21 17.24 6.72
CA PRO B 238 10.50 17.90 6.45
C PRO B 238 11.32 18.35 7.67
N TYR B 239 10.64 18.45 8.81
CA TYR B 239 11.25 19.03 9.98
C TYR B 239 11.63 17.91 10.95
N PRO B 240 12.56 18.17 11.89
CA PRO B 240 12.71 17.33 13.07
C PRO B 240 11.43 17.36 13.91
N THR B 241 10.95 16.19 14.36
CA THR B 241 9.68 16.12 15.03
C THR B 241 9.92 15.94 16.54
N LEU B 242 8.95 16.39 17.34
CA LEU B 242 9.03 16.25 18.78
C LEU B 242 7.62 15.91 19.26
N ASN B 243 7.47 14.82 19.99
CA ASN B 243 6.17 14.25 20.29
C ASN B 243 6.04 14.04 21.80
N LEU B 244 4.98 14.60 22.37
CA LEU B 244 4.59 14.29 23.74
C LEU B 244 3.65 13.08 23.75
N GLY B 245 4.11 11.99 24.33
CA GLY B 245 3.44 10.72 24.18
C GLY B 245 2.58 10.29 25.34
N HIS B 246 3.06 10.54 26.58
CA HIS B 246 2.43 10.01 27.78
C HIS B 246 2.75 10.95 28.94
N ILE B 247 1.79 11.08 29.85
CA ILE B 247 1.98 11.88 31.04
C ILE B 247 1.23 11.17 32.16
N HIS B 248 1.77 11.22 33.37
CA HIS B 248 1.13 10.62 34.51
C HIS B 248 1.66 11.28 35.78
N GLY B 249 0.77 11.59 36.72
CA GLY B 249 1.24 12.04 38.02
C GLY B 249 0.10 12.30 38.99
N GLY B 250 0.40 12.19 40.29
CA GLY B 250 -0.56 12.57 41.29
C GLY B 250 -1.53 11.44 41.63
N ASP B 251 -1.99 11.47 42.89
CA ASP B 251 -2.89 10.48 43.48
C ASP B 251 -4.35 10.90 43.31
N ALA B 252 -4.71 12.13 43.69
CA ALA B 252 -6.11 12.47 43.85
C ALA B 252 -6.32 13.96 43.66
N SER B 253 -7.56 14.31 43.29
CA SER B 253 -7.99 15.69 43.08
C SER B 253 -7.71 16.56 44.31
N ASN B 254 -7.76 15.96 45.51
CA ASN B 254 -7.74 16.75 46.74
C ASN B 254 -6.36 16.72 47.40
N ARG B 255 -5.32 16.37 46.64
CA ARG B 255 -3.97 16.37 47.16
C ARG B 255 -3.05 17.10 46.19
N ILE B 256 -2.07 17.83 46.70
CA ILE B 256 -1.07 18.46 45.86
C ILE B 256 -0.40 17.34 45.07
N CYS B 257 -0.21 17.54 43.77
CA CYS B 257 0.40 16.51 42.96
C CYS B 257 1.89 16.40 43.33
N ALA B 258 2.26 15.23 43.86
CA ALA B 258 3.58 15.00 44.45
C ALA B 258 4.61 14.55 43.43
N TRP B 259 4.19 14.15 42.23
CA TRP B 259 5.13 13.75 41.19
C TRP B 259 4.45 13.75 39.82
N CYS B 260 5.25 13.86 38.76
CA CYS B 260 4.70 13.85 37.43
C CYS B 260 5.80 13.45 36.47
N GLU B 261 5.42 12.57 35.53
CA GLU B 261 6.35 12.04 34.55
CA GLU B 261 6.36 12.04 34.54
C GLU B 261 5.77 12.23 33.15
N LEU B 262 6.63 12.64 32.22
CA LEU B 262 6.27 12.86 30.83
C LEU B 262 7.22 12.03 29.97
N HIS B 263 6.66 11.27 29.00
CA HIS B 263 7.45 10.53 28.02
C HIS B 263 7.28 11.21 26.67
N MET B 264 8.41 11.50 26.04
CA MET B 264 8.45 12.26 24.79
C MET B 264 9.51 11.68 23.85
N ASP B 265 9.46 12.07 22.57
CA ASP B 265 10.53 11.68 21.67
C ASP B 265 10.84 12.84 20.73
N ILE B 266 12.03 12.71 20.10
CA ILE B 266 12.48 13.63 19.06
C ILE B 266 13.07 12.77 17.94
N ARG B 267 12.83 13.16 16.69
CA ARG B 267 13.41 12.49 15.54
C ARG B 267 14.17 13.55 14.76
N PRO B 268 15.49 13.66 15.00
CA PRO B 268 16.31 14.68 14.36
C PRO B 268 16.64 14.32 12.92
N LEU B 269 16.88 15.35 12.13
CA LEU B 269 17.28 15.19 10.74
C LEU B 269 18.74 14.74 10.70
N PRO B 270 19.17 14.11 9.60
CA PRO B 270 20.59 13.80 9.41
C PRO B 270 21.41 15.08 9.55
N GLY B 271 22.55 14.97 10.22
CA GLY B 271 23.43 16.12 10.28
C GLY B 271 23.42 16.77 11.67
N MET B 272 22.32 16.60 12.40
CA MET B 272 22.33 17.04 13.78
C MET B 272 22.97 15.94 14.64
N THR B 273 23.95 16.32 15.46
CA THR B 273 24.63 15.38 16.36
C THR B 273 23.79 15.16 17.61
N LEU B 274 24.00 14.05 18.33
CA LEU B 274 23.26 13.82 19.57
C LEU B 274 23.67 14.84 20.62
N ASN B 275 24.96 15.18 20.60
CA ASN B 275 25.49 16.13 21.56
C ASN B 275 24.77 17.46 21.39
N GLU B 276 24.60 17.89 20.14
CA GLU B 276 23.88 19.12 19.84
C GLU B 276 22.48 19.09 20.47
N LEU B 277 21.81 17.97 20.27
CA LEU B 277 20.38 17.94 20.54
C LEU B 277 20.15 17.87 22.06
N ASN B 278 21.02 17.12 22.72
CA ASN B 278 21.01 17.02 24.18
CA ASN B 278 21.09 17.02 24.17
C ASN B 278 21.17 18.43 24.74
N GLY B 279 22.14 19.19 24.23
CA GLY B 279 22.33 20.57 24.67
C GLY B 279 21.07 21.41 24.53
N LEU B 280 20.35 21.26 23.40
CA LEU B 280 19.16 22.05 23.10
C LEU B 280 18.02 21.69 24.07
N LEU B 281 17.89 20.38 24.42
CA LEU B 281 16.91 19.95 25.38
C LEU B 281 17.24 20.42 26.80
N ASN B 282 18.53 20.33 27.19
CA ASN B 282 18.97 20.78 28.50
C ASN B 282 18.78 22.28 28.62
N ASP B 283 19.15 23.01 27.56
CA ASP B 283 18.94 24.46 27.56
C ASP B 283 17.47 24.74 27.71
N ALA B 284 16.61 23.92 27.08
CA ALA B 284 15.18 24.19 27.08
C ALA B 284 14.67 24.06 28.50
N LEU B 285 15.10 22.99 29.20
CA LEU B 285 14.64 22.71 30.55
C LEU B 285 15.37 23.53 31.61
N ALA B 286 16.43 24.26 31.26
CA ALA B 286 17.31 24.89 32.23
C ALA B 286 16.53 25.85 33.11
N PRO B 287 15.63 26.70 32.57
CA PRO B 287 14.91 27.64 33.43
C PRO B 287 14.14 26.94 34.56
N VAL B 288 13.59 25.75 34.28
CA VAL B 288 12.88 25.02 35.30
C VAL B 288 13.87 24.38 36.26
N SER B 289 14.89 23.69 35.73
CA SER B 289 15.81 23.01 36.63
C SER B 289 16.47 24.02 37.57
N GLU B 290 16.73 25.27 37.13
CA GLU B 290 17.46 26.25 37.91
C GLU B 290 16.56 26.89 38.98
N ARG B 291 15.27 27.05 38.69
CA ARG B 291 14.28 27.55 39.63
C ARG B 291 14.01 26.52 40.74
N TRP B 292 14.07 25.22 40.41
CA TRP B 292 13.67 24.14 41.31
C TRP B 292 14.79 23.10 41.37
N PRO B 293 15.95 23.46 41.91
CA PRO B 293 17.13 22.60 41.84
C PRO B 293 16.86 21.22 42.44
N GLY B 294 17.21 20.19 41.68
CA GLY B 294 17.13 18.80 42.11
C GLY B 294 15.80 18.12 41.77
N ARG B 295 14.78 18.89 41.41
CA ARG B 295 13.43 18.34 41.31
C ARG B 295 13.12 17.75 39.95
N LEU B 296 13.87 18.14 38.92
CA LEU B 296 13.61 17.69 37.56
C LEU B 296 14.74 16.78 37.12
N THR B 297 14.41 15.58 36.63
CA THR B 297 15.41 14.67 36.09
C THR B 297 14.95 14.21 34.72
N VAL B 298 15.93 13.84 33.87
CA VAL B 298 15.65 13.29 32.55
C VAL B 298 16.25 11.89 32.48
N ASP B 299 15.45 10.90 32.07
CA ASP B 299 15.94 9.53 31.85
C ASP B 299 15.74 9.19 30.38
N GLU B 300 16.60 8.34 29.83
CA GLU B 300 16.41 7.87 28.47
C GLU B 300 15.53 6.63 28.50
N LEU B 301 14.63 6.50 27.54
CA LEU B 301 13.79 5.34 27.40
C LEU B 301 14.47 4.26 26.55
N HIS B 302 15.41 4.66 25.68
CA HIS B 302 16.32 3.78 24.97
C HIS B 302 17.55 4.60 24.64
N PRO B 303 18.70 3.98 24.32
CA PRO B 303 19.89 4.76 24.00
C PRO B 303 19.59 5.55 22.73
N PRO B 304 20.09 6.79 22.61
CA PRO B 304 19.70 7.67 21.52
C PRO B 304 20.39 7.28 20.22
N ILE B 305 19.72 7.56 19.11
CA ILE B 305 20.21 7.19 17.79
C ILE B 305 20.20 8.44 16.92
N PRO B 306 21.33 8.76 16.25
CA PRO B 306 21.37 9.88 15.32
C PRO B 306 20.72 9.46 14.02
N GLY B 307 20.39 10.48 13.22
CA GLY B 307 19.98 10.33 11.84
C GLY B 307 21.17 9.92 10.97
N TYR B 308 20.91 9.62 9.70
CA TYR B 308 22.01 9.21 8.84
C TYR B 308 21.67 9.57 7.42
N GLU B 309 22.71 9.69 6.61
CA GLU B 309 22.58 9.84 5.17
CA GLU B 309 22.57 9.82 5.17
C GLU B 309 23.83 9.26 4.50
N CYS B 310 23.60 8.42 3.52
CA CYS B 310 24.65 7.90 2.69
C CYS B 310 25.14 9.01 1.76
N PRO B 311 26.47 9.27 1.61
CA PRO B 311 26.95 10.31 0.70
C PRO B 311 26.59 10.01 -0.76
N PRO B 312 26.65 11.03 -1.63
CA PRO B 312 26.36 10.85 -3.06
C PRO B 312 27.56 10.25 -3.76
N ASN B 313 27.33 9.79 -4.99
CA ASN B 313 28.42 9.44 -5.90
C ASN B 313 29.12 8.17 -5.40
N HIS B 314 28.42 7.31 -4.66
CA HIS B 314 29.05 6.06 -4.25
C HIS B 314 28.68 4.99 -5.26
N GLN B 315 29.65 4.12 -5.59
CA GLN B 315 29.40 3.00 -6.48
CA GLN B 315 29.39 3.01 -6.50
C GLN B 315 28.19 2.18 -6.03
N LEU B 316 28.04 2.04 -4.70
CA LEU B 316 26.95 1.24 -4.15
C LEU B 316 25.59 1.70 -4.70
N VAL B 317 25.39 3.02 -4.68
CA VAL B 317 24.13 3.59 -5.12
C VAL B 317 23.99 3.38 -6.63
N GLU B 318 25.03 3.78 -7.35
CA GLU B 318 25.03 3.63 -8.80
C GLU B 318 24.65 2.19 -9.12
N VAL B 319 25.33 1.20 -8.53
CA VAL B 319 25.10 -0.18 -8.88
C VAL B 319 23.68 -0.61 -8.51
N VAL B 320 23.23 -0.28 -7.29
CA VAL B 320 21.93 -0.77 -6.84
C VAL B 320 20.78 -0.14 -7.63
N GLU B 321 20.87 1.18 -7.91
CA GLU B 321 19.85 1.91 -8.65
C GLU B 321 19.66 1.30 -10.04
N LYS B 322 20.79 1.00 -10.68
CA LYS B 322 20.77 0.34 -11.99
C LYS B 322 20.22 -1.08 -11.85
N LEU B 323 20.64 -1.81 -10.82
CA LEU B 323 20.14 -3.17 -10.65
C LEU B 323 18.63 -3.14 -10.44
N LEU B 324 18.10 -2.15 -9.68
CA LEU B 324 16.68 -2.18 -9.33
C LEU B 324 15.83 -1.32 -10.25
N GLY B 325 16.43 -0.46 -11.06
CA GLY B 325 15.64 0.55 -11.76
C GLY B 325 14.85 1.44 -10.82
N ALA B 326 15.54 1.96 -9.79
CA ALA B 326 14.85 2.70 -8.74
C ALA B 326 15.83 3.70 -8.15
N LYS B 327 15.33 4.87 -7.79
CA LYS B 327 16.14 5.89 -7.15
C LYS B 327 16.04 5.74 -5.64
N THR B 328 17.06 6.23 -4.93
CA THR B 328 17.07 6.19 -3.47
C THR B 328 15.93 7.06 -2.91
N GLU B 329 15.44 6.65 -1.74
CA GLU B 329 14.37 7.30 -0.98
CA GLU B 329 14.39 7.35 -1.00
C GLU B 329 14.87 7.55 0.43
N VAL B 330 14.10 8.34 1.20
CA VAL B 330 14.44 8.60 2.58
C VAL B 330 13.22 8.21 3.41
N VAL B 331 13.44 7.88 4.69
CA VAL B 331 12.33 7.49 5.55
C VAL B 331 12.47 8.23 6.87
N ASN B 332 11.36 8.28 7.62
CA ASN B 332 11.30 9.07 8.85
C ASN B 332 11.71 8.24 10.07
N TYR B 333 11.61 6.90 9.96
CA TYR B 333 11.88 5.97 11.05
C TYR B 333 13.38 5.65 11.12
N CYS B 334 13.78 4.77 12.06
CA CYS B 334 15.18 4.64 12.41
C CYS B 334 15.64 3.19 12.22
N THR B 335 16.94 3.02 11.90
CA THR B 335 17.59 1.71 11.75
C THR B 335 18.98 1.74 12.34
N GLU B 336 19.74 0.63 12.21
CA GLU B 336 21.10 0.57 12.65
C GLU B 336 22.04 1.27 11.67
N ALA B 337 21.52 1.85 10.59
CA ALA B 337 22.38 2.42 9.57
C ALA B 337 23.36 3.47 10.13
N PRO B 338 22.97 4.36 11.05
CA PRO B 338 23.89 5.38 11.55
C PRO B 338 25.13 4.76 12.16
N PHE B 339 25.00 3.57 12.78
CA PHE B 339 26.16 2.91 13.36
C PHE B 339 27.03 2.30 12.27
N ILE B 340 26.40 1.65 11.28
CA ILE B 340 27.17 1.02 10.23
C ILE B 340 27.81 2.10 9.35
N GLN B 341 27.12 3.22 9.14
CA GLN B 341 27.61 4.29 8.28
C GLN B 341 28.92 4.87 8.85
N THR B 342 29.22 4.62 10.13
CA THR B 342 30.48 5.07 10.68
C THR B 342 31.63 4.24 10.11
N LEU B 343 31.32 3.11 9.48
CA LEU B 343 32.33 2.21 8.94
C LEU B 343 32.47 2.39 7.42
N CYS B 344 31.34 2.59 6.73
CA CYS B 344 31.37 2.67 5.28
C CYS B 344 30.03 3.22 4.79
N PRO B 345 29.99 3.71 3.52
CA PRO B 345 28.72 4.05 2.87
C PRO B 345 27.73 2.89 2.97
N THR B 346 26.51 3.22 3.39
CA THR B 346 25.52 2.24 3.79
C THR B 346 24.17 2.59 3.16
N LEU B 347 23.48 1.60 2.60
CA LEU B 347 22.08 1.72 2.22
C LEU B 347 21.22 0.78 3.07
N VAL B 348 19.96 1.15 3.22
CA VAL B 348 18.96 0.28 3.80
C VAL B 348 18.14 -0.24 2.62
N LEU B 349 18.13 -1.55 2.46
CA LEU B 349 17.52 -2.13 1.29
C LEU B 349 17.17 -3.56 1.63
N GLY B 350 15.88 -3.91 1.58
CA GLY B 350 15.53 -5.29 1.83
C GLY B 350 14.12 -5.64 1.36
N PRO B 351 13.82 -6.96 1.33
CA PRO B 351 12.51 -7.43 0.90
C PRO B 351 11.45 -7.30 1.99
N GLY B 352 10.18 -7.30 1.55
CA GLY B 352 9.06 -7.17 2.46
C GLY B 352 8.76 -5.71 2.75
N SER B 353 7.62 -5.44 3.41
CA SER B 353 7.19 -4.07 3.61
C SER B 353 7.14 -3.73 5.09
N ILE B 354 7.53 -2.49 5.38
CA ILE B 354 7.34 -1.86 6.67
C ILE B 354 5.90 -2.01 7.14
N ASN B 355 4.93 -2.10 6.22
CA ASN B 355 3.52 -2.20 6.59
C ASN B 355 3.23 -3.47 7.39
N GLN B 356 4.05 -4.52 7.18
CA GLN B 356 3.87 -5.78 7.89
C GLN B 356 4.74 -5.86 9.14
N ALA B 357 5.78 -5.01 9.23
CA ALA B 357 6.68 -5.03 10.37
C ALA B 357 5.91 -4.77 11.68
N HIS B 358 6.17 -5.63 12.66
CA HIS B 358 5.64 -5.55 14.02
C HIS B 358 4.13 -5.77 14.05
N GLN B 359 3.53 -6.23 12.95
CA GLN B 359 2.08 -6.34 12.89
C GLN B 359 1.66 -7.78 13.20
N PRO B 360 0.44 -7.99 13.73
CA PRO B 360 -0.15 -9.32 13.77
C PRO B 360 -0.18 -9.94 12.38
N ASP B 361 0.13 -11.22 12.32
CA ASP B 361 0.11 -12.00 11.09
C ASP B 361 1.02 -11.29 10.07
N GLU B 362 2.18 -10.86 10.58
CA GLU B 362 3.30 -10.43 9.73
C GLU B 362 3.53 -11.44 8.61
N TYR B 363 3.81 -10.93 7.39
CA TYR B 363 4.20 -11.76 6.25
C TYR B 363 5.17 -11.05 5.31
N LEU B 364 5.78 -11.87 4.44
CA LEU B 364 6.58 -11.46 3.29
C LEU B 364 5.97 -12.07 2.03
N GLU B 365 5.78 -11.25 1.00
CA GLU B 365 5.16 -11.72 -0.22
C GLU B 365 6.17 -12.51 -1.03
N THR B 366 5.69 -13.62 -1.61
CA THR B 366 6.55 -14.51 -2.36
C THR B 366 7.11 -13.82 -3.58
N ARG B 367 6.46 -12.76 -4.06
CA ARG B 367 6.95 -12.06 -5.24
C ARG B 367 8.35 -11.45 -4.99
N PHE B 368 8.73 -11.27 -3.71
CA PHE B 368 10.06 -10.74 -3.42
C PHE B 368 11.17 -11.78 -3.59
N ILE B 369 10.83 -13.09 -3.67
CA ILE B 369 11.84 -14.13 -3.59
C ILE B 369 12.88 -14.00 -4.72
N LYS B 370 12.44 -14.08 -5.97
CA LYS B 370 13.35 -14.04 -7.10
C LYS B 370 14.11 -12.72 -7.23
N PRO B 371 13.45 -11.55 -7.16
CA PRO B 371 14.15 -10.28 -7.27
C PRO B 371 15.14 -10.06 -6.12
N THR B 372 14.87 -10.58 -4.93
CA THR B 372 15.81 -10.45 -3.83
C THR B 372 17.06 -11.31 -4.05
N ARG B 373 16.87 -12.58 -4.45
CA ARG B 373 17.96 -13.51 -4.74
C ARG B 373 18.87 -12.91 -5.82
N GLU B 374 18.26 -12.27 -6.82
CA GLU B 374 18.98 -11.66 -7.93
C GLU B 374 19.81 -10.47 -7.46
N LEU B 375 19.21 -9.58 -6.67
CA LEU B 375 19.90 -8.39 -6.19
CA LEU B 375 19.91 -8.39 -6.20
C LEU B 375 21.15 -8.81 -5.41
N ILE B 376 20.98 -9.79 -4.51
CA ILE B 376 22.08 -10.18 -3.64
C ILE B 376 23.19 -10.81 -4.48
N THR B 377 22.84 -11.73 -5.38
CA THR B 377 23.85 -12.33 -6.25
C THR B 377 24.63 -11.24 -6.99
N GLN B 378 23.90 -10.24 -7.49
CA GLN B 378 24.48 -9.18 -8.31
C GLN B 378 25.38 -8.24 -7.50
N VAL B 379 25.01 -7.90 -6.25
CA VAL B 379 25.88 -7.01 -5.49
C VAL B 379 27.14 -7.75 -5.03
N ILE B 380 27.03 -9.04 -4.73
CA ILE B 380 28.21 -9.82 -4.41
C ILE B 380 29.15 -9.86 -5.62
N HIS B 381 28.60 -10.26 -6.78
CA HIS B 381 29.39 -10.22 -7.99
C HIS B 381 30.12 -8.88 -8.11
N HIS B 382 29.40 -7.77 -8.08
CA HIS B 382 29.98 -6.47 -8.37
CA HIS B 382 30.01 -6.49 -8.38
C HIS B 382 31.03 -6.07 -7.33
N PHE B 383 30.70 -6.22 -6.04
CA PHE B 383 31.56 -5.70 -4.98
C PHE B 383 32.64 -6.69 -4.51
N CYS B 384 32.51 -8.00 -4.80
CA CYS B 384 33.43 -8.99 -4.26
C CYS B 384 34.18 -9.78 -5.35
N TRP B 385 33.52 -9.99 -6.50
CA TRP B 385 34.09 -10.84 -7.55
C TRP B 385 34.93 -10.00 -8.50
N HIS B 386 34.55 -8.73 -8.74
CA HIS B 386 35.43 -7.82 -9.47
C HIS B 386 36.74 -7.60 -8.68
N LYS C 7 -22.10 30.06 4.29
CA LYS C 7 -23.15 29.24 3.61
C LYS C 7 -22.70 28.97 2.17
N LEU C 8 -22.67 27.68 1.84
CA LEU C 8 -22.26 27.16 0.54
C LEU C 8 -23.07 27.83 -0.55
N PRO C 9 -22.53 28.00 -1.78
CA PRO C 9 -23.36 28.41 -2.91
C PRO C 9 -24.42 27.38 -3.26
N PRO C 10 -25.45 27.79 -4.04
CA PRO C 10 -26.50 26.86 -4.44
C PRO C 10 -25.93 25.73 -5.29
N PHE C 11 -26.66 24.64 -5.32
CA PHE C 11 -26.27 23.44 -6.06
C PHE C 11 -25.73 23.74 -7.46
N ILE C 12 -26.45 24.54 -8.24
CA ILE C 12 -26.15 24.69 -9.64
C ILE C 12 -24.82 25.44 -9.80
N GLU C 13 -24.50 26.36 -8.87
CA GLU C 13 -23.21 27.05 -8.97
C GLU C 13 -22.04 26.12 -8.63
N ILE C 14 -22.23 25.27 -7.62
CA ILE C 14 -21.21 24.30 -7.27
C ILE C 14 -20.93 23.43 -8.49
N TYR C 15 -22.00 22.93 -9.10
CA TYR C 15 -21.92 22.03 -10.22
C TYR C 15 -21.20 22.70 -11.38
N ARG C 16 -21.64 23.91 -11.69
CA ARG C 16 -21.04 24.72 -12.75
C ARG C 16 -19.54 24.89 -12.54
N ALA C 17 -19.12 25.19 -11.30
CA ALA C 17 -17.72 25.45 -10.99
C ALA C 17 -16.87 24.20 -11.22
N LEU C 18 -17.40 23.02 -10.86
CA LEU C 18 -16.67 21.78 -11.02
C LEU C 18 -16.55 21.46 -12.51
N ILE C 19 -17.64 21.63 -13.27
CA ILE C 19 -17.64 21.33 -14.68
C ILE C 19 -16.66 22.28 -15.40
N ALA C 20 -16.64 23.52 -14.98
CA ALA C 20 -15.79 24.52 -15.61
C ALA C 20 -14.30 24.35 -15.29
N THR C 21 -13.94 23.49 -14.35
CA THR C 21 -12.55 23.29 -13.96
C THR C 21 -12.04 22.03 -14.67
N PRO C 22 -11.28 22.17 -15.79
CA PRO C 22 -10.75 21.01 -16.52
C PRO C 22 -9.94 20.09 -15.60
N SER C 23 -10.21 18.78 -15.72
CA SER C 23 -9.52 17.75 -14.97
C SER C 23 -9.43 16.46 -15.78
N ILE C 24 -9.14 16.60 -17.06
CA ILE C 24 -8.95 15.47 -17.96
C ILE C 24 -7.68 14.74 -17.56
N SER C 25 -7.79 13.40 -17.41
CA SER C 25 -6.64 12.52 -17.25
C SER C 25 -6.30 11.85 -18.60
N ALA C 26 -5.01 11.62 -18.82
CA ALA C 26 -4.55 10.96 -20.04
C ALA C 26 -3.18 10.33 -19.81
N THR C 27 -2.89 9.25 -20.54
CA THR C 27 -1.54 8.68 -20.53
C THR C 27 -0.57 9.70 -21.14
N GLU C 28 -0.97 10.37 -22.24
CA GLU C 28 -0.12 11.31 -22.98
C GLU C 28 0.06 12.61 -22.19
N GLU C 29 1.32 12.96 -21.89
CA GLU C 29 1.65 14.15 -21.13
C GLU C 29 0.88 15.40 -21.61
N ALA C 30 0.80 15.57 -22.93
CA ALA C 30 0.21 16.76 -23.54
C ALA C 30 -1.26 16.93 -23.12
N LEU C 31 -1.98 15.83 -22.95
CA LEU C 31 -3.41 15.90 -22.66
C LEU C 31 -3.72 15.71 -21.17
N ASP C 32 -2.70 15.49 -20.33
CA ASP C 32 -2.93 15.05 -18.96
C ASP C 32 -2.98 16.26 -18.02
N GLN C 33 -4.16 16.59 -17.49
CA GLN C 33 -4.35 17.82 -16.74
C GLN C 33 -4.30 17.52 -15.23
N SER C 34 -3.59 18.38 -14.51
CA SER C 34 -3.58 18.31 -13.08
C SER C 34 -5.03 18.45 -12.57
N ASN C 35 -5.34 17.71 -11.50
CA ASN C 35 -6.60 17.84 -10.80
C ASN C 35 -6.48 18.77 -9.60
N ALA C 36 -5.36 19.51 -9.46
CA ALA C 36 -5.17 20.35 -8.28
C ALA C 36 -6.33 21.35 -8.14
N ASP C 37 -6.69 22.02 -9.23
CA ASP C 37 -7.69 23.07 -9.16
C ASP C 37 -9.06 22.50 -8.75
N LEU C 38 -9.40 21.31 -9.26
CA LEU C 38 -10.66 20.66 -8.89
C LEU C 38 -10.68 20.35 -7.38
N ILE C 39 -9.56 19.78 -6.93
CA ILE C 39 -9.37 19.41 -5.54
C ILE C 39 -9.52 20.64 -4.65
N THR C 40 -8.94 21.75 -5.08
CA THR C 40 -8.96 22.96 -4.24
C THR C 40 -10.38 23.47 -4.02
N LEU C 41 -11.19 23.51 -5.07
CA LEU C 41 -12.61 23.84 -4.93
C LEU C 41 -13.27 22.95 -3.90
N LEU C 42 -13.14 21.63 -4.04
CA LEU C 42 -13.77 20.73 -3.09
C LEU C 42 -13.23 20.97 -1.67
N ALA C 43 -11.89 21.03 -1.55
CA ALA C 43 -11.24 21.14 -0.24
C ALA C 43 -11.76 22.36 0.49
N ASP C 44 -11.78 23.50 -0.22
CA ASP C 44 -12.24 24.72 0.40
C ASP C 44 -13.70 24.59 0.84
N TRP C 45 -14.58 23.99 0.03
CA TRP C 45 -15.97 23.89 0.42
C TRP C 45 -16.14 22.97 1.63
N PHE C 46 -15.44 21.83 1.65
CA PHE C 46 -15.53 20.96 2.82
C PHE C 46 -15.01 21.68 4.08
N LYS C 47 -13.95 22.47 3.92
CA LYS C 47 -13.48 23.26 5.05
C LYS C 47 -14.54 24.23 5.51
N ASP C 48 -15.23 24.86 4.54
CA ASP C 48 -16.31 25.77 4.84
C ASP C 48 -17.39 25.08 5.67
N LEU C 49 -17.62 23.78 5.45
CA LEU C 49 -18.64 23.04 6.19
C LEU C 49 -18.14 22.48 7.52
N GLY C 50 -16.90 22.72 7.89
CA GLY C 50 -16.41 22.27 9.16
C GLY C 50 -15.72 20.91 9.12
N PHE C 51 -15.37 20.40 7.93
CA PHE C 51 -14.60 19.16 7.86
C PHE C 51 -13.13 19.48 8.07
N ASN C 52 -12.42 18.46 8.58
CA ASN C 52 -10.97 18.37 8.47
C ASN C 52 -10.60 17.88 7.08
N VAL C 53 -9.68 18.58 6.41
CA VAL C 53 -9.39 18.22 5.03
C VAL C 53 -7.91 17.95 4.87
N GLU C 54 -7.61 16.83 4.21
CA GLU C 54 -6.23 16.47 3.89
C GLU C 54 -6.14 16.30 2.38
N VAL C 55 -5.13 16.95 1.79
CA VAL C 55 -4.85 16.82 0.38
C VAL C 55 -3.49 16.16 0.24
N GLN C 56 -3.39 15.06 -0.51
CA GLN C 56 -2.15 14.29 -0.60
C GLN C 56 -1.74 14.15 -2.06
N PRO C 57 -0.47 14.41 -2.43
CA PRO C 57 0.01 14.12 -3.76
C PRO C 57 0.00 12.62 -3.97
N VAL C 58 -0.32 12.18 -5.18
CA VAL C 58 -0.36 10.78 -5.49
C VAL C 58 0.96 10.44 -6.17
N PRO C 59 1.79 9.56 -5.57
CA PRO C 59 3.08 9.21 -6.15
C PRO C 59 2.95 8.59 -7.53
N GLY C 60 3.84 9.00 -8.42
CA GLY C 60 3.91 8.48 -9.77
C GLY C 60 2.94 9.12 -10.76
N THR C 61 2.15 10.11 -10.33
CA THR C 61 1.21 10.74 -11.25
C THR C 61 1.86 12.03 -11.73
N ARG C 62 1.25 12.72 -12.70
CA ARG C 62 1.73 14.05 -13.09
C ARG C 62 0.97 15.12 -12.30
N ASN C 63 1.47 15.39 -11.09
CA ASN C 63 0.99 16.47 -10.25
C ASN C 63 -0.52 16.28 -9.98
N LYS C 64 -0.90 15.07 -9.54
CA LYS C 64 -2.29 14.75 -9.17
C LYS C 64 -2.38 14.53 -7.67
N PHE C 65 -3.60 14.72 -7.15
CA PHE C 65 -3.86 14.77 -5.73
C PHE C 65 -5.08 13.94 -5.38
N ASN C 66 -5.08 13.42 -4.13
CA ASN C 66 -6.30 12.92 -3.49
C ASN C 66 -6.73 13.90 -2.39
N MET C 67 -8.03 13.90 -2.08
CA MET C 67 -8.56 14.65 -0.98
C MET C 67 -9.35 13.68 -0.11
N LEU C 68 -9.13 13.80 1.20
CA LEU C 68 -9.97 13.12 2.15
C LEU C 68 -10.49 14.16 3.14
N ALA C 69 -11.79 14.41 3.06
CA ALA C 69 -12.47 15.27 4.02
C ALA C 69 -13.12 14.41 5.10
N SER C 70 -12.97 14.82 6.36
CA SER C 70 -13.39 13.97 7.48
C SER C 70 -14.09 14.82 8.51
N THR C 71 -15.12 14.27 9.12
CA THR C 71 -15.67 14.84 10.33
C THR C 71 -15.93 13.71 11.30
N GLY C 72 -15.61 13.97 12.56
CA GLY C 72 -15.83 12.99 13.61
C GLY C 72 -14.61 12.11 13.80
N GLN C 73 -14.67 11.26 14.82
CA GLN C 73 -13.64 10.23 14.90
C GLN C 73 -14.20 9.03 15.66
N GLY C 74 -13.46 7.92 15.60
CA GLY C 74 -13.91 6.68 16.20
C GLY C 74 -14.20 5.63 15.13
N ALA C 75 -14.86 4.55 15.55
CA ALA C 75 -15.11 3.38 14.73
C ALA C 75 -16.21 3.66 13.70
N GLY C 76 -16.08 3.06 12.51
CA GLY C 76 -17.20 2.96 11.59
C GLY C 76 -17.48 4.27 10.84
N GLY C 77 -18.77 4.49 10.58
CA GLY C 77 -19.28 5.64 9.85
C GLY C 77 -19.34 5.33 8.35
N LEU C 78 -19.45 6.40 7.54
CA LEU C 78 -19.76 6.31 6.12
C LEU C 78 -18.65 6.96 5.30
N LEU C 79 -18.28 6.31 4.21
CA LEU C 79 -17.36 6.88 3.23
C LEU C 79 -18.15 7.11 1.95
N LEU C 80 -18.17 8.36 1.47
CA LEU C 80 -18.62 8.69 0.12
C LEU C 80 -17.40 8.99 -0.73
N ALA C 81 -17.34 8.37 -1.92
CA ALA C 81 -16.13 8.47 -2.72
C ALA C 81 -16.50 8.76 -4.17
N GLY C 82 -15.59 9.45 -4.85
CA GLY C 82 -15.66 9.62 -6.29
C GLY C 82 -14.31 10.04 -6.86
N HIS C 83 -14.22 10.02 -8.20
CA HIS C 83 -13.02 10.47 -8.89
C HIS C 83 -13.24 11.87 -9.46
N THR C 84 -12.14 12.63 -9.45
CA THR C 84 -12.17 14.03 -9.82
C THR C 84 -11.83 14.28 -11.28
N ASP C 85 -11.24 13.28 -11.94
CA ASP C 85 -10.87 13.37 -13.33
C ASP C 85 -12.00 12.97 -14.26
N THR C 86 -11.88 13.43 -15.51
CA THR C 86 -12.74 13.00 -16.59
C THR C 86 -11.85 12.44 -17.70
N VAL C 87 -12.51 11.74 -18.62
CA VAL C 87 -11.91 11.40 -19.91
C VAL C 87 -11.75 12.67 -20.74
N PRO C 88 -10.92 12.63 -21.83
CA PRO C 88 -10.81 13.72 -22.77
C PRO C 88 -12.13 13.86 -23.51
N PHE C 89 -12.25 14.95 -24.27
CA PHE C 89 -13.45 15.15 -25.07
C PHE C 89 -13.04 15.16 -26.54
N ASP C 90 -13.91 14.60 -27.38
CA ASP C 90 -13.76 14.61 -28.83
C ASP C 90 -14.34 15.93 -29.39
N ASP C 91 -13.44 16.88 -29.60
CA ASP C 91 -13.73 18.21 -30.11
C ASP C 91 -14.48 18.19 -31.45
N GLY C 92 -14.23 17.16 -32.27
CA GLY C 92 -15.02 16.93 -33.46
C GLY C 92 -16.52 16.86 -33.17
N ARG C 93 -16.91 16.08 -32.13
CA ARG C 93 -18.26 15.57 -32.03
C ARG C 93 -19.11 16.28 -30.97
N TRP C 94 -18.49 17.02 -30.04
CA TRP C 94 -19.26 17.89 -29.16
C TRP C 94 -19.86 19.02 -29.99
N THR C 95 -21.12 19.35 -29.68
CA THR C 95 -21.81 20.46 -30.30
C THR C 95 -21.87 21.56 -29.26
N ARG C 96 -21.34 21.20 -28.09
CA ARG C 96 -21.50 22.01 -26.90
C ARG C 96 -20.10 22.28 -26.32
N ASP C 97 -19.96 23.40 -25.63
CA ASP C 97 -18.73 23.68 -24.92
C ASP C 97 -18.65 22.76 -23.70
N PRO C 98 -17.69 21.82 -23.65
CA PRO C 98 -17.69 20.78 -22.64
C PRO C 98 -17.54 21.37 -21.24
N PHE C 99 -16.99 22.60 -21.11
CA PHE C 99 -16.71 23.12 -19.78
C PHE C 99 -17.77 24.09 -19.29
N THR C 100 -18.87 24.27 -20.04
CA THR C 100 -19.93 25.18 -19.66
C THR C 100 -21.19 24.38 -19.35
N LEU C 101 -21.49 24.18 -18.07
CA LEU C 101 -22.69 23.47 -17.68
C LEU C 101 -23.93 24.21 -18.22
N THR C 102 -24.73 23.51 -19.04
CA THR C 102 -25.81 24.14 -19.78
C THR C 102 -27.08 23.30 -19.68
N GLU C 103 -28.20 23.90 -19.28
CA GLU C 103 -29.47 23.18 -19.18
C GLU C 103 -30.23 23.31 -20.51
N HIS C 104 -30.72 22.19 -21.02
CA HIS C 104 -31.57 22.17 -22.19
C HIS C 104 -32.49 20.96 -22.09
N ASP C 105 -33.79 21.26 -22.12
CA ASP C 105 -34.88 20.28 -22.15
C ASP C 105 -34.66 19.14 -21.13
N GLY C 106 -34.43 19.53 -19.88
CA GLY C 106 -34.35 18.63 -18.73
C GLY C 106 -32.98 17.96 -18.57
N LYS C 107 -31.96 18.46 -19.32
CA LYS C 107 -30.65 17.88 -19.29
C LYS C 107 -29.59 18.92 -18.94
N LEU C 108 -28.64 18.55 -18.06
CA LEU C 108 -27.49 19.41 -17.74
C LEU C 108 -26.30 18.86 -18.48
N TYR C 109 -25.85 19.61 -19.50
CA TYR C 109 -24.76 19.16 -20.36
C TYR C 109 -23.39 19.64 -19.87
N GLY C 110 -22.35 18.81 -20.07
CA GLY C 110 -20.98 19.17 -19.78
C GLY C 110 -20.11 17.94 -19.56
N LEU C 111 -18.82 18.10 -19.75
CA LEU C 111 -17.88 17.02 -19.53
C LEU C 111 -17.76 16.69 -18.06
N GLY C 112 -18.11 15.46 -17.70
CA GLY C 112 -18.08 15.04 -16.31
C GLY C 112 -19.37 15.32 -15.55
N THR C 113 -20.43 15.74 -16.25
CA THR C 113 -21.73 15.87 -15.61
C THR C 113 -22.23 14.54 -15.05
N ALA C 114 -22.13 13.49 -15.86
CA ALA C 114 -22.57 12.16 -15.48
C ALA C 114 -21.44 11.37 -14.83
N ASP C 115 -20.20 11.58 -15.28
CA ASP C 115 -19.08 10.76 -14.84
C ASP C 115 -17.90 11.63 -14.44
N MET C 116 -17.87 12.06 -13.16
CA MET C 116 -18.92 11.89 -12.17
C MET C 116 -18.90 13.10 -11.21
N LYS C 117 -18.66 14.29 -11.75
CA LYS C 117 -18.49 15.49 -10.93
C LYS C 117 -19.79 15.88 -10.23
N GLY C 118 -20.92 15.52 -10.85
CA GLY C 118 -22.23 15.77 -10.25
C GLY C 118 -22.32 15.20 -8.83
N PHE C 119 -21.77 14.00 -8.62
CA PHE C 119 -21.85 13.39 -7.28
C PHE C 119 -21.30 14.33 -6.20
N PHE C 120 -20.16 14.98 -6.46
CA PHE C 120 -19.57 15.90 -5.48
C PHE C 120 -20.46 17.11 -5.23
N ALA C 121 -21.11 17.60 -6.30
CA ALA C 121 -22.04 18.72 -6.12
C ALA C 121 -23.22 18.27 -5.25
N PHE C 122 -23.72 17.03 -5.46
CA PHE C 122 -24.80 16.53 -4.65
C PHE C 122 -24.39 16.33 -3.19
N ILE C 123 -23.18 15.83 -2.93
CA ILE C 123 -22.74 15.65 -1.55
C ILE C 123 -22.75 17.01 -0.84
N LEU C 124 -22.05 17.99 -1.40
CA LEU C 124 -21.93 19.31 -0.79
C LEU C 124 -23.31 19.94 -0.59
N ASP C 125 -24.14 19.85 -1.64
CA ASP C 125 -25.49 20.41 -1.55
C ASP C 125 -26.29 19.75 -0.42
N ALA C 126 -26.18 18.43 -0.25
CA ALA C 126 -26.91 17.74 0.80
C ALA C 126 -26.40 18.16 2.18
N LEU C 127 -25.10 18.46 2.30
CA LEU C 127 -24.46 18.80 3.56
C LEU C 127 -24.73 20.26 3.97
N ARG C 128 -25.29 21.11 3.10
CA ARG C 128 -25.48 22.51 3.45
C ARG C 128 -26.30 22.67 4.73
N ASP C 129 -27.26 21.78 4.96
CA ASP C 129 -28.17 21.91 6.09
C ASP C 129 -27.54 21.26 7.34
N VAL C 130 -26.77 20.17 7.11
CA VAL C 130 -26.37 19.19 8.10
C VAL C 130 -25.41 19.79 9.13
N ASP C 131 -25.77 19.70 10.41
CA ASP C 131 -24.86 20.09 11.47
C ASP C 131 -23.98 18.88 11.79
N VAL C 132 -22.72 18.94 11.39
CA VAL C 132 -21.86 17.78 11.47
C VAL C 132 -21.48 17.48 12.92
N THR C 133 -21.67 18.47 13.82
CA THR C 133 -21.30 18.30 15.22
C THR C 133 -22.32 17.41 15.94
N LYS C 134 -23.49 17.16 15.30
CA LYS C 134 -24.52 16.30 15.86
C LYS C 134 -24.41 14.85 15.38
N LEU C 135 -23.45 14.53 14.48
CA LEU C 135 -23.30 13.17 13.99
C LEU C 135 -22.64 12.32 15.08
N LYS C 136 -22.96 11.03 15.12
CA LYS C 136 -22.46 10.18 16.18
C LYS C 136 -21.36 9.28 15.64
N LYS C 137 -21.31 9.11 14.32
CA LYS C 137 -20.26 8.34 13.72
C LYS C 137 -19.66 9.17 12.60
N PRO C 138 -18.41 8.87 12.21
CA PRO C 138 -17.69 9.72 11.28
C PRO C 138 -18.30 9.71 9.88
N LEU C 139 -18.02 10.78 9.14
CA LEU C 139 -18.35 10.88 7.74
C LEU C 139 -17.09 11.24 7.00
N TYR C 140 -16.79 10.46 5.96
CA TYR C 140 -15.63 10.71 5.13
C TYR C 140 -16.04 10.92 3.67
N ILE C 141 -15.37 11.85 3.01
CA ILE C 141 -15.46 12.06 1.57
C ILE C 141 -14.08 12.00 0.96
N LEU C 142 -13.97 11.10 -0.03
CA LEU C 142 -12.74 10.84 -0.74
C LEU C 142 -12.97 11.31 -2.17
N ALA C 143 -11.99 12.05 -2.66
CA ALA C 143 -11.95 12.48 -4.04
C ALA C 143 -10.60 12.09 -4.60
N THR C 144 -10.63 11.22 -5.63
CA THR C 144 -9.44 10.55 -6.13
C THR C 144 -8.95 11.17 -7.44
N ALA C 145 -7.65 10.96 -7.72
CA ALA C 145 -7.00 11.23 -9.00
C ALA C 145 -6.97 10.01 -9.91
N ASP C 146 -7.11 10.29 -11.21
CA ASP C 146 -6.75 9.42 -12.32
C ASP C 146 -7.53 8.11 -12.37
N GLU C 147 -8.84 8.13 -12.05
CA GLU C 147 -9.64 6.91 -12.16
C GLU C 147 -9.71 6.45 -13.62
N GLU C 148 -9.71 7.41 -14.55
CA GLU C 148 -10.05 7.13 -15.93
C GLU C 148 -8.82 6.62 -16.71
N THR C 149 -7.65 6.60 -16.10
CA THR C 149 -6.44 6.06 -16.71
C THR C 149 -5.99 4.84 -15.91
N SER C 150 -5.45 5.07 -14.71
CA SER C 150 -4.63 4.10 -13.97
C SER C 150 -5.25 3.71 -12.61
N MET C 151 -6.26 4.48 -12.18
CA MET C 151 -6.82 4.40 -10.84
C MET C 151 -5.73 4.57 -9.76
N ALA C 152 -4.71 5.37 -10.07
CA ALA C 152 -3.57 5.56 -9.16
C ALA C 152 -4.06 6.13 -7.84
N GLY C 153 -5.04 7.06 -7.89
CA GLY C 153 -5.54 7.72 -6.70
C GLY C 153 -6.16 6.74 -5.71
N ALA C 154 -7.09 5.94 -6.21
CA ALA C 154 -7.80 4.98 -5.37
C ALA C 154 -6.82 3.89 -4.87
N ARG C 155 -5.91 3.43 -5.72
CA ARG C 155 -4.96 2.39 -5.30
C ARG C 155 -4.11 2.93 -4.14
N TYR C 156 -3.65 4.17 -4.28
CA TYR C 156 -2.77 4.80 -3.31
C TYR C 156 -3.50 4.97 -1.98
N PHE C 157 -4.77 5.43 -2.06
CA PHE C 157 -5.55 5.62 -0.85
C PHE C 157 -5.75 4.28 -0.13
N ALA C 158 -6.16 3.23 -0.86
CA ALA C 158 -6.47 1.97 -0.20
C ALA C 158 -5.20 1.36 0.40
N GLU C 159 -4.03 1.59 -0.20
CA GLU C 159 -2.78 1.01 0.27
C GLU C 159 -2.22 1.81 1.45
N THR C 160 -2.77 3.00 1.78
CA THR C 160 -2.15 3.85 2.80
C THR C 160 -3.09 4.14 3.96
N THR C 161 -4.41 4.11 3.73
CA THR C 161 -5.31 4.58 4.78
C THR C 161 -5.45 3.51 5.86
N ALA C 162 -5.76 3.95 7.07
CA ALA C 162 -6.13 3.08 8.16
C ALA C 162 -7.64 3.12 8.34
N LEU C 163 -8.36 3.94 7.56
CA LEU C 163 -9.80 4.05 7.73
C LEU C 163 -10.49 2.70 7.51
N ARG C 164 -11.44 2.40 8.40
CA ARG C 164 -12.31 1.24 8.30
C ARG C 164 -13.74 1.68 8.59
N PRO C 165 -14.43 2.27 7.59
CA PRO C 165 -15.81 2.70 7.78
C PRO C 165 -16.73 1.47 7.89
N ASP C 166 -18.00 1.69 8.28
CA ASP C 166 -19.00 0.65 8.23
C ASP C 166 -19.33 0.33 6.77
N CYS C 167 -19.32 1.35 5.89
CA CYS C 167 -19.68 1.10 4.49
C CYS C 167 -19.40 2.32 3.64
N ALA C 168 -19.39 2.11 2.31
CA ALA C 168 -18.98 3.12 1.36
C ALA C 168 -19.87 3.06 0.12
N ILE C 169 -20.08 4.26 -0.47
CA ILE C 169 -20.67 4.40 -1.80
C ILE C 169 -19.69 5.14 -2.69
N ILE C 170 -19.47 4.57 -3.87
CA ILE C 170 -18.75 5.26 -4.94
C ILE C 170 -19.79 5.73 -5.96
N GLY C 171 -19.83 7.05 -6.19
CA GLY C 171 -20.96 7.65 -6.88
C GLY C 171 -20.85 7.67 -8.40
N GLU C 172 -20.37 6.59 -9.02
CA GLU C 172 -20.35 6.43 -10.48
C GLU C 172 -21.78 6.47 -11.02
N PRO C 173 -21.99 6.88 -12.28
CA PRO C 173 -23.32 6.89 -12.87
C PRO C 173 -23.88 5.47 -13.04
N THR C 174 -24.95 5.17 -12.30
CA THR C 174 -25.62 3.88 -12.38
C THR C 174 -27.14 4.05 -12.52
N SER C 175 -27.59 5.25 -12.88
CA SER C 175 -28.99 5.61 -12.93
C SER C 175 -29.64 5.43 -11.56
N LEU C 176 -28.90 5.66 -10.48
CA LEU C 176 -29.37 5.39 -9.13
C LEU C 176 -29.98 3.99 -8.96
N GLN C 177 -29.31 3.00 -9.53
CA GLN C 177 -29.57 1.58 -9.34
C GLN C 177 -28.31 1.07 -8.67
N PRO C 178 -28.42 0.36 -7.54
CA PRO C 178 -27.21 -0.08 -6.84
C PRO C 178 -26.48 -1.20 -7.55
N VAL C 179 -25.16 -1.04 -7.70
CA VAL C 179 -24.31 -2.01 -8.34
C VAL C 179 -23.41 -2.60 -7.27
N ARG C 180 -23.37 -3.95 -7.23
CA ARG C 180 -22.73 -4.66 -6.13
C ARG C 180 -21.55 -5.54 -6.56
N ALA C 181 -21.28 -5.69 -7.87
CA ALA C 181 -20.12 -6.47 -8.28
C ALA C 181 -19.70 -6.19 -9.72
N HIS C 182 -18.44 -6.49 -9.99
CA HIS C 182 -17.89 -6.50 -11.32
C HIS C 182 -16.63 -7.37 -11.29
N LYS C 183 -16.30 -7.93 -12.44
CA LYS C 183 -15.09 -8.72 -12.55
C LYS C 183 -13.86 -7.81 -12.50
N GLY C 184 -12.69 -8.46 -12.37
CA GLY C 184 -11.42 -7.79 -12.44
C GLY C 184 -10.87 -7.74 -13.87
N HIS C 185 -9.57 -7.41 -14.00
CA HIS C 185 -8.95 -7.35 -15.30
C HIS C 185 -7.43 -7.41 -15.13
N ILE C 186 -6.79 -8.44 -15.69
CA ILE C 186 -5.35 -8.47 -15.76
C ILE C 186 -4.97 -8.76 -17.20
N SER C 187 -3.87 -8.12 -17.65
CA SER C 187 -3.44 -8.23 -19.04
C SER C 187 -1.94 -8.49 -19.06
N ASN C 188 -1.49 -9.54 -19.76
CA ASN C 188 -0.10 -9.96 -19.71
C ASN C 188 0.45 -10.16 -21.11
N ALA C 189 1.76 -9.88 -21.29
CA ALA C 189 2.52 -10.33 -22.44
C ALA C 189 3.34 -11.54 -22.03
N ILE C 190 3.16 -12.63 -22.78
CA ILE C 190 4.02 -13.79 -22.68
C ILE C 190 5.11 -13.62 -23.75
N ARG C 191 6.39 -13.66 -23.34
CA ARG C 191 7.50 -13.46 -24.28
C ARG C 191 8.41 -14.70 -24.28
N ILE C 192 8.73 -15.18 -25.50
CA ILE C 192 9.60 -16.33 -25.68
C ILE C 192 10.77 -15.99 -26.59
N GLN C 193 11.94 -16.46 -26.14
CA GLN C 193 13.24 -16.24 -26.77
C GLN C 193 13.69 -17.56 -27.39
N GLY C 194 13.71 -17.62 -28.73
CA GLY C 194 14.24 -18.76 -29.47
C GLY C 194 15.69 -18.50 -29.91
N GLN C 195 16.16 -19.24 -30.94
CA GLN C 195 17.49 -19.07 -31.54
C GLN C 195 17.34 -18.93 -33.06
N SER C 196 18.15 -18.06 -33.67
CA SER C 196 18.09 -17.77 -35.09
C SER C 196 18.64 -18.90 -35.97
N GLY C 197 18.35 -18.83 -37.27
CA GLY C 197 18.93 -19.77 -38.21
C GLY C 197 18.16 -19.86 -39.51
N HIS C 198 18.74 -20.58 -40.47
CA HIS C 198 18.16 -20.74 -41.79
C HIS C 198 17.13 -21.87 -41.80
N SER C 199 16.07 -21.70 -42.58
CA SER C 199 14.98 -22.67 -42.59
C SER C 199 15.37 -23.98 -43.26
N SER C 200 16.53 -24.01 -43.91
CA SER C 200 16.96 -25.23 -44.56
C SER C 200 17.43 -26.24 -43.51
N ASP C 201 17.68 -25.77 -42.27
CA ASP C 201 18.15 -26.61 -41.18
C ASP C 201 17.46 -26.18 -39.88
N PRO C 202 16.17 -26.47 -39.73
CA PRO C 202 15.43 -26.05 -38.54
C PRO C 202 15.98 -26.55 -37.21
N ALA C 203 16.55 -27.75 -37.20
CA ALA C 203 16.92 -28.38 -35.94
C ALA C 203 18.17 -27.73 -35.33
N ARG C 204 18.84 -26.80 -36.02
CA ARG C 204 19.94 -26.10 -35.40
C ARG C 204 19.43 -25.18 -34.28
N GLY C 205 18.25 -24.58 -34.43
CA GLY C 205 17.81 -23.56 -33.49
C GLY C 205 16.50 -23.92 -32.82
N VAL C 206 16.14 -23.16 -31.77
CA VAL C 206 14.89 -23.27 -31.02
C VAL C 206 13.87 -22.29 -31.61
N ASN C 207 12.73 -22.83 -32.07
CA ASN C 207 11.74 -22.04 -32.79
C ASN C 207 10.74 -21.43 -31.79
N ALA C 208 10.70 -20.09 -31.67
CA ALA C 208 9.86 -19.43 -30.67
C ALA C 208 8.36 -19.58 -30.93
N ILE C 209 7.94 -19.81 -32.18
CA ILE C 209 6.53 -20.04 -32.48
C ILE C 209 6.14 -21.42 -31.96
N GLU C 210 7.03 -22.41 -32.14
CA GLU C 210 6.75 -23.75 -31.64
C GLU C 210 6.63 -23.72 -30.11
N LEU C 211 7.49 -22.93 -29.46
CA LEU C 211 7.46 -22.88 -28.01
C LEU C 211 6.17 -22.18 -27.58
N MET C 212 5.78 -21.14 -28.32
CA MET C 212 4.59 -20.37 -28.02
C MET C 212 3.37 -21.26 -28.19
N HIS C 213 3.42 -22.15 -29.19
CA HIS C 213 2.36 -23.11 -29.44
C HIS C 213 2.19 -24.02 -28.22
N ASP C 214 3.28 -24.48 -27.63
CA ASP C 214 3.21 -25.28 -26.41
CA ASP C 214 3.25 -25.27 -26.40
C ASP C 214 2.60 -24.44 -25.29
N ALA C 215 3.06 -23.19 -25.14
CA ALA C 215 2.55 -22.26 -24.13
C ALA C 215 1.05 -21.97 -24.29
N ILE C 216 0.60 -21.72 -25.52
CA ILE C 216 -0.81 -21.45 -25.75
C ILE C 216 -1.64 -22.67 -25.35
N GLY C 217 -1.15 -23.89 -25.64
CA GLY C 217 -1.84 -25.07 -25.19
C GLY C 217 -2.09 -25.07 -23.67
N HIS C 218 -1.06 -24.71 -22.89
CA HIS C 218 -1.21 -24.65 -21.44
C HIS C 218 -2.17 -23.52 -21.04
N ILE C 219 -2.10 -22.39 -21.75
CA ILE C 219 -2.93 -21.24 -21.39
C ILE C 219 -4.39 -21.54 -21.68
N LEU C 220 -4.67 -22.28 -22.76
CA LEU C 220 -6.04 -22.60 -23.12
C LEU C 220 -6.58 -23.68 -22.19
N GLN C 221 -5.69 -24.55 -21.69
CA GLN C 221 -6.06 -25.45 -20.61
C GLN C 221 -6.43 -24.66 -19.36
N LEU C 222 -5.66 -23.61 -19.03
CA LEU C 222 -6.05 -22.72 -17.94
C LEU C 222 -7.43 -22.10 -18.18
N ARG C 223 -7.67 -21.64 -19.41
CA ARG C 223 -8.97 -21.09 -19.77
C ARG C 223 -10.09 -22.06 -19.47
N ASP C 224 -9.91 -23.33 -19.88
CA ASP C 224 -10.87 -24.39 -19.60
C ASP C 224 -11.06 -24.61 -18.11
N ASN C 225 -9.96 -24.58 -17.34
CA ASN C 225 -10.01 -24.84 -15.91
C ASN C 225 -10.85 -23.75 -15.20
N LEU C 226 -10.63 -22.50 -15.63
CA LEU C 226 -11.29 -21.33 -15.09
C LEU C 226 -12.79 -21.47 -15.26
N LYS C 227 -13.20 -21.82 -16.48
CA LYS C 227 -14.62 -21.95 -16.77
C LYS C 227 -15.25 -23.13 -16.00
N GLU C 228 -14.46 -24.19 -15.83
CA GLU C 228 -14.97 -25.40 -15.18
C GLU C 228 -15.13 -25.21 -13.67
N ARG C 229 -14.15 -24.61 -12.99
CA ARG C 229 -14.10 -24.67 -11.53
C ARG C 229 -14.74 -23.43 -10.91
N TYR C 230 -14.91 -22.36 -11.68
CA TYR C 230 -15.26 -21.08 -11.06
C TYR C 230 -16.54 -20.59 -11.71
N HIS C 231 -17.48 -20.09 -10.90
CA HIS C 231 -18.76 -19.70 -11.46
C HIS C 231 -19.39 -18.59 -10.62
N TYR C 232 -20.09 -17.69 -11.30
CA TYR C 232 -20.77 -16.56 -10.67
C TYR C 232 -21.95 -16.19 -11.56
N GLU C 233 -23.09 -16.80 -11.20
CA GLU C 233 -24.31 -16.86 -11.99
C GLU C 233 -24.83 -15.47 -12.33
N ALA C 234 -24.62 -14.49 -11.45
CA ALA C 234 -25.18 -13.15 -11.65
C ALA C 234 -24.60 -12.46 -12.90
N PHE C 235 -23.42 -12.82 -13.37
CA PHE C 235 -22.85 -12.18 -14.56
C PHE C 235 -23.38 -12.83 -15.82
N THR C 236 -23.48 -12.04 -16.90
CA THR C 236 -24.00 -12.53 -18.16
C THR C 236 -23.11 -13.66 -18.66
N VAL C 237 -21.80 -13.48 -18.49
CA VAL C 237 -20.83 -14.55 -18.72
C VAL C 237 -20.39 -15.02 -17.34
N PRO C 238 -20.87 -16.17 -16.83
CA PRO C 238 -20.73 -16.45 -15.40
C PRO C 238 -19.39 -17.09 -15.02
N TYR C 239 -18.38 -17.04 -15.86
CA TYR C 239 -17.10 -17.66 -15.51
C TYR C 239 -16.00 -16.63 -15.72
N PRO C 240 -14.77 -16.88 -15.21
CA PRO C 240 -13.65 -15.96 -15.43
C PRO C 240 -13.28 -16.16 -16.89
N THR C 241 -13.05 -15.07 -17.60
CA THR C 241 -12.76 -15.18 -19.01
C THR C 241 -11.27 -15.05 -19.29
N LEU C 242 -10.82 -15.63 -20.40
CA LEU C 242 -9.45 -15.51 -20.84
C LEU C 242 -9.46 -15.26 -22.34
N ASN C 243 -8.74 -14.22 -22.76
CA ASN C 243 -8.74 -13.83 -24.16
C ASN C 243 -7.32 -13.76 -24.68
N LEU C 244 -7.08 -14.34 -25.86
CA LEU C 244 -5.83 -14.12 -26.56
C LEU C 244 -6.06 -13.03 -27.61
N GLY C 245 -5.37 -11.90 -27.44
CA GLY C 245 -5.67 -10.70 -28.20
C GLY C 245 -4.69 -10.42 -29.33
N HIS C 246 -3.39 -10.68 -29.09
CA HIS C 246 -2.39 -10.28 -30.06
C HIS C 246 -1.20 -11.23 -30.02
N ILE C 247 -0.64 -11.51 -31.21
CA ILE C 247 0.55 -12.32 -31.32
C ILE C 247 1.47 -11.72 -32.39
N HIS C 248 2.79 -11.83 -32.16
CA HIS C 248 3.78 -11.27 -33.08
C HIS C 248 5.11 -11.97 -32.83
N GLY C 249 5.72 -12.51 -33.90
CA GLY C 249 7.06 -13.04 -33.78
C GLY C 249 7.70 -13.32 -35.13
N GLY C 250 9.05 -13.26 -35.15
CA GLY C 250 9.88 -13.77 -36.24
C GLY C 250 10.01 -12.80 -37.41
N ASP C 251 11.08 -13.01 -38.22
CA ASP C 251 11.44 -12.14 -39.34
C ASP C 251 10.85 -12.61 -40.68
N ALA C 252 11.00 -13.89 -41.06
CA ALA C 252 10.61 -14.30 -42.41
C ALA C 252 10.32 -15.79 -42.44
N SER C 253 9.65 -16.22 -43.53
CA SER C 253 9.32 -17.60 -43.75
C SER C 253 10.57 -18.47 -43.79
N ASN C 254 11.70 -17.94 -44.25
CA ASN C 254 12.90 -18.72 -44.51
C ASN C 254 13.92 -18.63 -43.37
N ARG C 255 13.47 -18.20 -42.19
CA ARG C 255 14.31 -18.13 -41.00
C ARG C 255 13.61 -18.86 -39.86
N ILE C 256 14.39 -19.52 -39.00
CA ILE C 256 13.84 -20.02 -37.74
C ILE C 256 13.33 -18.81 -36.94
N CYS C 257 12.12 -18.94 -36.37
CA CYS C 257 11.54 -17.84 -35.61
C CYS C 257 12.26 -17.66 -34.28
N ALA C 258 12.87 -16.47 -34.10
CA ALA C 258 13.81 -16.30 -33.00
C ALA C 258 13.16 -15.64 -31.78
N TRP C 259 11.95 -15.09 -31.91
CA TRP C 259 11.24 -14.54 -30.76
C TRP C 259 9.72 -14.56 -31.05
N CYS C 260 8.90 -14.68 -30.01
CA CYS C 260 7.46 -14.56 -30.15
C CYS C 260 6.85 -13.98 -28.88
N GLU C 261 5.86 -13.10 -29.08
CA GLU C 261 5.13 -12.39 -28.04
C GLU C 261 3.63 -12.63 -28.21
N LEU C 262 2.94 -12.81 -27.06
CA LEU C 262 1.50 -13.00 -27.01
C LEU C 262 0.92 -12.06 -25.95
N HIS C 263 -0.12 -11.32 -26.31
CA HIS C 263 -0.81 -10.46 -25.35
C HIS C 263 -2.17 -11.08 -25.06
N MET C 264 -2.50 -11.18 -23.77
CA MET C 264 -3.67 -11.92 -23.34
C MET C 264 -4.27 -11.20 -22.13
N ASP C 265 -5.57 -11.41 -21.90
CA ASP C 265 -6.17 -10.90 -20.68
C ASP C 265 -7.00 -11.99 -20.02
N ILE C 266 -7.25 -11.77 -18.73
CA ILE C 266 -8.15 -12.59 -17.93
C ILE C 266 -9.01 -11.62 -17.12
N ARG C 267 -10.29 -11.99 -16.90
CA ARG C 267 -11.21 -11.17 -16.12
C ARG C 267 -11.71 -12.04 -14.99
N PRO C 268 -11.04 -12.00 -13.82
CA PRO C 268 -11.36 -12.87 -12.70
C PRO C 268 -12.65 -12.43 -12.03
N LEU C 269 -13.31 -13.40 -11.38
CA LEU C 269 -14.53 -13.20 -10.65
C LEU C 269 -14.21 -12.58 -9.29
N PRO C 270 -15.18 -11.86 -8.70
CA PRO C 270 -15.09 -11.43 -7.31
C PRO C 270 -14.74 -12.61 -6.42
N GLY C 271 -13.86 -12.41 -5.45
CA GLY C 271 -13.43 -13.49 -4.56
C GLY C 271 -12.11 -14.16 -4.96
N MET C 272 -11.64 -14.04 -6.20
CA MET C 272 -10.34 -14.57 -6.53
C MET C 272 -9.29 -13.46 -6.36
N THR C 273 -8.18 -13.76 -5.67
CA THR C 273 -7.17 -12.74 -5.44
C THR C 273 -6.25 -12.67 -6.64
N LEU C 274 -5.54 -11.55 -6.77
CA LEU C 274 -4.52 -11.42 -7.81
C LEU C 274 -3.40 -12.43 -7.64
N ASN C 275 -2.97 -12.63 -6.38
CA ASN C 275 -1.92 -13.62 -6.12
C ASN C 275 -2.39 -14.99 -6.57
N GLU C 276 -3.67 -15.28 -6.33
CA GLU C 276 -4.23 -16.57 -6.73
C GLU C 276 -4.15 -16.71 -8.25
N LEU C 277 -4.58 -15.66 -8.94
CA LEU C 277 -4.64 -15.70 -10.39
C LEU C 277 -3.23 -15.83 -10.96
N ASN C 278 -2.26 -15.09 -10.43
CA ASN C 278 -0.88 -15.16 -10.88
C ASN C 278 -0.32 -16.57 -10.71
N GLY C 279 -0.70 -17.20 -9.59
CA GLY C 279 -0.29 -18.56 -9.31
C GLY C 279 -0.79 -19.52 -10.38
N LEU C 280 -2.06 -19.35 -10.76
CA LEU C 280 -2.68 -20.20 -11.75
C LEU C 280 -1.97 -20.05 -13.10
N LEU C 281 -1.63 -18.81 -13.47
CA LEU C 281 -1.00 -18.60 -14.76
C LEU C 281 0.45 -19.13 -14.75
N ASN C 282 1.15 -18.95 -13.63
CA ASN C 282 2.51 -19.46 -13.46
C ASN C 282 2.55 -20.97 -13.53
N ASP C 283 1.67 -21.64 -12.78
CA ASP C 283 1.58 -23.09 -12.81
C ASP C 283 1.25 -23.59 -14.21
N ALA C 284 0.37 -22.87 -14.92
CA ALA C 284 0.03 -23.22 -16.29
C ALA C 284 1.29 -23.26 -17.16
N LEU C 285 2.14 -22.24 -17.03
CA LEU C 285 3.27 -22.04 -17.93
C LEU C 285 4.53 -22.82 -17.47
N ALA C 286 4.43 -23.51 -16.32
CA ALA C 286 5.59 -24.13 -15.69
C ALA C 286 6.15 -25.25 -16.57
N PRO C 287 5.33 -26.20 -17.07
CA PRO C 287 5.85 -27.24 -17.94
C PRO C 287 6.73 -26.73 -19.09
N VAL C 288 6.38 -25.55 -19.66
CA VAL C 288 7.13 -24.95 -20.76
C VAL C 288 8.40 -24.27 -20.25
N SER C 289 8.28 -23.53 -19.14
CA SER C 289 9.35 -22.70 -18.60
CA SER C 289 9.38 -22.70 -18.67
C SER C 289 10.46 -23.57 -18.04
N GLU C 290 10.09 -24.75 -17.52
CA GLU C 290 11.04 -25.70 -16.95
C GLU C 290 11.73 -26.49 -18.08
N ARG C 291 11.01 -26.75 -19.18
CA ARG C 291 11.58 -27.46 -20.31
CA ARG C 291 11.55 -27.45 -20.33
C ARG C 291 12.53 -26.53 -21.06
N TRP C 292 12.27 -25.22 -20.97
CA TRP C 292 13.03 -24.19 -21.67
C TRP C 292 13.46 -23.07 -20.72
N PRO C 293 14.35 -23.35 -19.74
CA PRO C 293 14.72 -22.36 -18.74
C PRO C 293 15.34 -21.13 -19.38
N GLY C 294 15.00 -19.95 -18.86
CA GLY C 294 15.48 -18.69 -19.38
C GLY C 294 14.68 -18.18 -20.59
N ARG C 295 13.89 -19.03 -21.29
CA ARG C 295 13.32 -18.62 -22.58
C ARG C 295 11.98 -17.85 -22.43
N LEU C 296 11.20 -18.14 -21.39
CA LEU C 296 9.83 -17.63 -21.26
C LEU C 296 9.73 -16.59 -20.14
N THR C 297 9.26 -15.37 -20.46
CA THR C 297 8.96 -14.38 -19.42
C THR C 297 7.50 -13.94 -19.49
N VAL C 298 6.97 -13.45 -18.36
CA VAL C 298 5.61 -12.91 -18.28
C VAL C 298 5.70 -11.48 -17.76
N ASP C 299 5.17 -10.52 -18.53
CA ASP C 299 5.16 -9.13 -18.11
C ASP C 299 3.73 -8.61 -18.15
N GLU C 300 3.39 -7.75 -17.19
CA GLU C 300 2.07 -7.21 -17.14
C GLU C 300 2.01 -6.07 -18.14
N LEU C 301 0.86 -5.92 -18.81
CA LEU C 301 0.65 -4.82 -19.75
C LEU C 301 0.04 -3.59 -19.09
N HIS C 302 -0.58 -3.75 -17.91
CA HIS C 302 -1.13 -2.65 -17.16
C HIS C 302 -1.29 -3.12 -15.72
N PRO C 303 -1.41 -2.22 -14.71
CA PRO C 303 -1.60 -2.67 -13.33
C PRO C 303 -2.84 -3.57 -13.24
N PRO C 304 -2.77 -4.74 -12.56
CA PRO C 304 -3.92 -5.64 -12.50
C PRO C 304 -5.01 -5.09 -11.57
N ILE C 305 -6.25 -5.45 -11.88
CA ILE C 305 -7.42 -5.07 -11.09
C ILE C 305 -8.12 -6.35 -10.62
N PRO C 306 -8.32 -6.58 -9.31
CA PRO C 306 -9.11 -7.71 -8.86
C PRO C 306 -10.59 -7.44 -9.02
N GLY C 307 -11.37 -8.53 -9.02
CA GLY C 307 -12.81 -8.42 -8.99
C GLY C 307 -13.30 -7.80 -7.68
N TYR C 308 -14.55 -7.33 -7.71
CA TYR C 308 -15.12 -6.60 -6.60
C TYR C 308 -16.50 -7.18 -6.34
N GLU C 309 -16.85 -7.32 -5.07
CA GLU C 309 -18.25 -7.49 -4.71
C GLU C 309 -18.50 -6.91 -3.33
N CYS C 310 -19.77 -6.55 -3.10
CA CYS C 310 -20.30 -6.15 -1.81
C CYS C 310 -21.05 -7.32 -1.19
N PRO C 311 -20.83 -7.64 0.10
CA PRO C 311 -21.63 -8.67 0.77
C PRO C 311 -23.11 -8.38 0.54
N PRO C 312 -23.90 -9.36 0.05
CA PRO C 312 -25.18 -9.02 -0.59
C PRO C 312 -26.33 -8.70 0.35
N ASN C 313 -26.16 -8.92 1.67
CA ASN C 313 -27.22 -8.65 2.64
C ASN C 313 -26.77 -7.61 3.66
N HIS C 314 -25.81 -6.78 3.28
CA HIS C 314 -25.35 -5.71 4.16
C HIS C 314 -26.48 -4.70 4.32
N GLN C 315 -26.56 -4.09 5.49
CA GLN C 315 -27.58 -3.10 5.78
C GLN C 315 -27.65 -1.97 4.74
N LEU C 316 -26.52 -1.58 4.13
CA LEU C 316 -26.51 -0.53 3.12
C LEU C 316 -27.39 -0.96 1.94
N VAL C 317 -27.25 -2.23 1.55
CA VAL C 317 -28.06 -2.79 0.46
C VAL C 317 -29.53 -2.58 0.79
N GLU C 318 -29.94 -2.97 2.00
CA GLU C 318 -31.35 -2.92 2.42
C GLU C 318 -31.86 -1.49 2.36
N VAL C 319 -31.04 -0.56 2.85
CA VAL C 319 -31.44 0.83 2.91
C VAL C 319 -31.66 1.38 1.50
N VAL C 320 -30.68 1.14 0.60
CA VAL C 320 -30.73 1.75 -0.73
C VAL C 320 -31.76 1.03 -1.60
N GLU C 321 -31.90 -0.29 -1.50
CA GLU C 321 -32.86 -0.96 -2.33
C GLU C 321 -34.26 -0.39 -2.06
N LYS C 322 -34.60 -0.16 -0.80
CA LYS C 322 -35.90 0.36 -0.43
C LYS C 322 -36.05 1.81 -0.87
N LEU C 323 -35.02 2.65 -0.63
CA LEU C 323 -35.16 4.06 -0.91
C LEU C 323 -35.25 4.30 -2.41
N LEU C 324 -34.46 3.55 -3.18
CA LEU C 324 -34.34 3.78 -4.61
C LEU C 324 -35.37 2.97 -5.42
N GLY C 325 -36.00 2.02 -4.78
CA GLY C 325 -36.90 1.09 -5.46
C GLY C 325 -36.22 0.27 -6.55
N ALA C 326 -34.90 0.03 -6.40
CA ALA C 326 -34.18 -0.73 -7.40
C ALA C 326 -33.26 -1.72 -6.69
N LYS C 327 -33.31 -2.98 -7.20
CA LYS C 327 -32.53 -4.08 -6.67
C LYS C 327 -31.08 -4.01 -7.17
N THR C 328 -30.17 -4.63 -6.41
CA THR C 328 -28.77 -4.61 -6.81
C THR C 328 -28.57 -5.38 -8.10
N GLU C 329 -27.57 -4.92 -8.83
CA GLU C 329 -27.20 -5.54 -10.09
C GLU C 329 -25.67 -5.62 -10.12
N VAL C 330 -25.13 -6.35 -11.15
CA VAL C 330 -23.70 -6.43 -11.44
C VAL C 330 -23.44 -5.84 -12.81
N VAL C 331 -22.20 -5.47 -13.07
CA VAL C 331 -21.91 -4.78 -14.32
C VAL C 331 -20.67 -5.39 -14.99
N ASN C 332 -20.49 -5.01 -16.25
CA ASN C 332 -19.43 -5.58 -17.07
CA ASN C 332 -19.44 -5.57 -17.10
C ASN C 332 -18.36 -4.52 -17.36
N TYR C 333 -18.08 -3.66 -16.38
CA TYR C 333 -17.04 -2.67 -16.53
C TYR C 333 -16.39 -2.52 -15.15
N CYS C 334 -15.24 -1.84 -15.10
CA CYS C 334 -14.43 -1.71 -13.90
C CYS C 334 -14.62 -0.30 -13.28
N THR C 335 -14.45 -0.25 -11.97
CA THR C 335 -14.48 0.99 -11.21
C THR C 335 -13.36 0.90 -10.18
N GLU C 336 -13.31 1.87 -9.24
CA GLU C 336 -12.38 1.85 -8.14
C GLU C 336 -12.83 0.94 -6.99
N ALA C 337 -13.99 0.28 -7.09
CA ALA C 337 -14.53 -0.55 -6.02
C ALA C 337 -13.56 -1.67 -5.61
N PRO C 338 -12.79 -2.30 -6.50
CA PRO C 338 -11.81 -3.31 -6.08
C PRO C 338 -10.81 -2.81 -5.02
N PHE C 339 -10.54 -1.50 -4.98
CA PHE C 339 -9.62 -0.93 -4.00
C PHE C 339 -10.41 -0.48 -2.76
N ILE C 340 -11.56 0.17 -2.95
CA ILE C 340 -12.31 0.64 -1.80
C ILE C 340 -12.87 -0.52 -0.98
N GLN C 341 -13.19 -1.66 -1.63
CA GLN C 341 -13.79 -2.79 -0.93
C GLN C 341 -12.82 -3.32 0.14
N THR C 342 -11.52 -3.00 0.06
CA THR C 342 -10.56 -3.45 1.07
C THR C 342 -10.80 -2.75 2.39
N LEU C 343 -11.55 -1.64 2.37
CA LEU C 343 -11.78 -0.80 3.54
C LEU C 343 -13.07 -1.17 4.26
N CYS C 344 -14.10 -1.56 3.52
CA CYS C 344 -15.44 -1.77 4.04
C CYS C 344 -16.35 -2.28 2.92
N PRO C 345 -17.54 -2.84 3.25
CA PRO C 345 -18.62 -3.03 2.28
C PRO C 345 -18.85 -1.77 1.45
N THR C 346 -18.80 -1.93 0.12
CA THR C 346 -18.87 -0.82 -0.81
C THR C 346 -19.92 -1.12 -1.89
N LEU C 347 -20.76 -0.13 -2.22
CA LEU C 347 -21.65 -0.19 -3.38
C LEU C 347 -21.24 0.90 -4.37
N VAL C 348 -21.43 0.60 -5.66
CA VAL C 348 -21.30 1.58 -6.73
C VAL C 348 -22.73 2.07 -7.05
N LEU C 349 -22.96 3.37 -6.87
CA LEU C 349 -24.31 3.92 -6.92
C LEU C 349 -24.25 5.43 -7.06
N GLY C 350 -24.74 5.93 -8.18
CA GLY C 350 -24.76 7.37 -8.41
C GLY C 350 -25.71 7.76 -9.52
N PRO C 351 -25.93 9.09 -9.64
CA PRO C 351 -26.86 9.64 -10.61
C PRO C 351 -26.27 9.72 -12.00
N GLY C 352 -27.15 9.94 -12.96
CA GLY C 352 -26.75 9.96 -14.36
C GLY C 352 -26.64 8.52 -14.86
N SER C 353 -26.46 8.40 -16.17
CA SER C 353 -26.45 7.10 -16.81
C SER C 353 -25.08 6.78 -17.39
N ILE C 354 -24.70 5.50 -17.27
CA ILE C 354 -23.55 4.96 -17.94
C ILE C 354 -23.60 5.28 -19.43
N ASN C 355 -24.80 5.42 -20.00
CA ASN C 355 -24.94 5.66 -21.45
C ASN C 355 -24.40 7.04 -21.86
N GLN C 356 -24.23 7.98 -20.94
CA GLN C 356 -23.69 9.30 -21.26
C GLN C 356 -22.21 9.38 -20.92
N ALA C 357 -21.71 8.48 -20.08
CA ALA C 357 -20.30 8.46 -19.68
C ALA C 357 -19.39 8.40 -20.90
N HIS C 358 -18.45 9.35 -20.98
CA HIS C 358 -17.45 9.42 -22.04
C HIS C 358 -18.06 9.72 -23.41
N GLN C 359 -19.32 10.15 -23.50
CA GLN C 359 -19.91 10.44 -24.81
C GLN C 359 -19.84 11.91 -25.12
N PRO C 360 -19.84 12.30 -26.42
CA PRO C 360 -20.04 13.69 -26.82
C PRO C 360 -21.38 14.19 -26.25
N ASP C 361 -21.41 15.45 -25.84
CA ASP C 361 -22.58 16.11 -25.30
C ASP C 361 -23.13 15.27 -24.13
N GLU C 362 -22.21 14.79 -23.30
CA GLU C 362 -22.51 14.18 -22.00
C GLU C 362 -23.44 15.06 -21.19
N TYR C 363 -24.43 14.43 -20.58
CA TYR C 363 -25.33 15.15 -19.69
C TYR C 363 -25.75 14.30 -18.49
N LEU C 364 -26.34 15.00 -17.51
CA LEU C 364 -27.03 14.39 -16.40
C LEU C 364 -28.41 15.03 -16.39
N GLU C 365 -29.47 14.21 -16.34
CA GLU C 365 -30.83 14.75 -16.36
C GLU C 365 -31.20 15.36 -15.02
N THR C 366 -31.95 16.48 -15.04
CA THR C 366 -32.28 17.19 -13.80
C THR C 366 -33.20 16.37 -12.89
N ARG C 367 -33.89 15.37 -13.47
CA ARG C 367 -34.73 14.47 -12.69
C ARG C 367 -33.93 13.70 -11.62
N PHE C 368 -32.60 13.60 -11.76
CA PHE C 368 -31.76 13.01 -10.75
C PHE C 368 -31.54 13.88 -9.51
N ILE C 369 -31.87 15.18 -9.55
CA ILE C 369 -31.40 16.07 -8.52
C ILE C 369 -32.07 15.73 -7.17
N LYS C 370 -33.40 15.74 -7.12
CA LYS C 370 -34.09 15.47 -5.87
C LYS C 370 -33.77 14.10 -5.31
N PRO C 371 -33.88 13.00 -6.06
CA PRO C 371 -33.61 11.67 -5.51
C PRO C 371 -32.17 11.49 -5.01
N THR C 372 -31.18 12.12 -5.69
CA THR C 372 -29.81 11.99 -5.25
C THR C 372 -29.56 12.76 -3.94
N ARG C 373 -30.12 13.96 -3.84
CA ARG C 373 -30.10 14.71 -2.58
C ARG C 373 -30.66 13.88 -1.43
N GLU C 374 -31.80 13.23 -1.67
CA GLU C 374 -32.48 12.44 -0.65
C GLU C 374 -31.69 11.17 -0.33
N LEU C 375 -31.13 10.51 -1.34
CA LEU C 375 -30.27 9.37 -1.11
C LEU C 375 -29.12 9.73 -0.15
N ILE C 376 -28.34 10.78 -0.48
CA ILE C 376 -27.19 11.18 0.33
C ILE C 376 -27.63 11.55 1.76
N THR C 377 -28.69 12.36 1.87
CA THR C 377 -29.23 12.76 3.17
C THR C 377 -29.58 11.51 3.96
N GLN C 378 -30.26 10.53 3.34
CA GLN C 378 -30.70 9.35 4.07
C GLN C 378 -29.55 8.42 4.48
N VAL C 379 -28.54 8.19 3.63
CA VAL C 379 -27.46 7.31 4.03
C VAL C 379 -26.59 7.95 5.12
N ILE C 380 -26.39 9.27 5.08
CA ILE C 380 -25.67 9.98 6.15
C ILE C 380 -26.46 9.81 7.43
N HIS C 381 -27.77 10.01 7.29
CA HIS C 381 -28.64 9.87 8.45
C HIS C 381 -28.50 8.48 9.06
N HIS C 382 -28.66 7.42 8.27
CA HIS C 382 -28.71 6.07 8.77
C HIS C 382 -27.35 5.62 9.32
N PHE C 383 -26.25 6.03 8.68
CA PHE C 383 -24.96 5.46 9.08
C PHE C 383 -24.16 6.41 9.97
N CYS C 384 -24.56 7.68 10.11
CA CYS C 384 -23.74 8.64 10.87
C CYS C 384 -24.51 9.30 12.01
N TRP C 385 -25.82 9.51 11.80
CA TRP C 385 -26.62 10.26 12.77
C TRP C 385 -27.09 9.30 13.85
N HIS C 386 -27.40 8.07 13.44
CA HIS C 386 -28.01 7.09 14.33
C HIS C 386 -27.07 6.83 15.50
N ASN D 6 31.40 -3.66 -82.31
CA ASN D 6 31.85 -4.80 -83.17
C ASN D 6 32.96 -5.58 -82.46
N LYS D 7 33.78 -4.93 -81.59
CA LYS D 7 34.80 -5.64 -80.84
C LYS D 7 34.45 -5.75 -79.36
N LEU D 8 34.40 -6.98 -78.85
CA LEU D 8 34.04 -7.25 -77.48
C LEU D 8 35.12 -6.68 -76.55
N PRO D 9 34.76 -5.90 -75.51
CA PRO D 9 35.75 -5.41 -74.54
C PRO D 9 36.36 -6.51 -73.66
N PRO D 10 37.44 -6.24 -72.90
CA PRO D 10 38.09 -7.26 -72.09
C PRO D 10 37.28 -7.64 -70.84
N PHE D 11 37.59 -8.81 -70.31
CA PHE D 11 36.79 -9.41 -69.25
C PHE D 11 36.47 -8.41 -68.12
N ILE D 12 37.48 -7.61 -67.72
CA ILE D 12 37.32 -6.75 -66.56
C ILE D 12 36.27 -5.67 -66.85
N GLU D 13 36.23 -5.19 -68.11
CA GLU D 13 35.30 -4.15 -68.52
C GLU D 13 33.86 -4.71 -68.54
N ILE D 14 33.69 -5.86 -69.20
CA ILE D 14 32.40 -6.53 -69.24
C ILE D 14 31.87 -6.70 -67.83
N TYR D 15 32.73 -7.21 -66.94
CA TYR D 15 32.36 -7.44 -65.56
C TYR D 15 31.92 -6.14 -64.90
N ARG D 16 32.65 -5.05 -65.16
CA ARG D 16 32.40 -3.79 -64.46
C ARG D 16 31.04 -3.21 -64.87
N ALA D 17 30.79 -3.21 -66.19
CA ALA D 17 29.52 -2.78 -66.76
C ALA D 17 28.34 -3.61 -66.20
N LEU D 18 28.48 -4.92 -66.12
CA LEU D 18 27.37 -5.71 -65.59
C LEU D 18 27.10 -5.31 -64.15
N ILE D 19 28.15 -5.19 -63.34
CA ILE D 19 27.96 -4.83 -61.94
C ILE D 19 27.42 -3.40 -61.83
N ALA D 20 27.92 -2.48 -62.68
CA ALA D 20 27.51 -1.08 -62.71
C ALA D 20 26.03 -0.90 -63.09
N THR D 21 25.39 -1.93 -63.68
CA THR D 21 24.02 -1.83 -64.15
C THR D 21 23.07 -2.44 -63.11
N PRO D 22 22.36 -1.60 -62.32
CA PRO D 22 21.49 -2.11 -61.27
C PRO D 22 20.41 -3.04 -61.82
N SER D 23 20.17 -4.15 -61.12
CA SER D 23 19.17 -5.12 -61.51
C SER D 23 18.60 -5.82 -60.29
N ILE D 24 18.41 -5.06 -59.19
CA ILE D 24 17.82 -5.59 -57.97
C ILE D 24 16.40 -6.06 -58.25
N SER D 25 16.04 -7.29 -57.84
CA SER D 25 14.66 -7.72 -57.81
C SER D 25 14.09 -7.56 -56.40
N ALA D 26 12.81 -7.19 -56.30
CA ALA D 26 12.14 -7.16 -55.01
C ALA D 26 10.66 -7.43 -55.21
N THR D 27 10.00 -7.95 -54.19
CA THR D 27 8.55 -8.13 -54.26
C THR D 27 7.87 -6.75 -54.07
N GLU D 28 8.57 -5.80 -53.44
CA GLU D 28 8.00 -4.48 -53.19
C GLU D 28 8.31 -3.53 -54.34
N GLU D 29 7.27 -2.86 -54.84
CA GLU D 29 7.32 -2.12 -56.09
C GLU D 29 8.46 -1.10 -56.08
N ALA D 30 8.90 -0.67 -54.89
CA ALA D 30 9.74 0.51 -54.76
C ALA D 30 11.22 0.17 -54.93
N LEU D 31 11.60 -1.10 -54.70
CA LEU D 31 12.99 -1.52 -54.82
C LEU D 31 13.18 -2.46 -56.01
N ASP D 32 12.11 -2.69 -56.79
CA ASP D 32 12.11 -3.75 -57.80
C ASP D 32 12.52 -3.20 -59.16
N GLN D 33 13.83 -3.24 -59.46
CA GLN D 33 14.37 -2.57 -60.62
C GLN D 33 14.23 -3.44 -61.87
N SER D 34 13.98 -2.74 -62.99
CA SER D 34 13.84 -3.38 -64.29
C SER D 34 15.19 -3.92 -64.68
N ASN D 35 15.21 -5.08 -65.36
CA ASN D 35 16.47 -5.59 -65.86
C ASN D 35 16.65 -5.25 -67.33
N ALA D 36 15.88 -4.29 -67.85
CA ALA D 36 16.00 -3.85 -69.24
C ALA D 36 17.44 -3.52 -69.62
N ASP D 37 18.10 -2.68 -68.83
CA ASP D 37 19.44 -2.24 -69.22
C ASP D 37 20.46 -3.41 -69.15
N LEU D 38 20.39 -4.24 -68.13
CA LEU D 38 21.28 -5.40 -68.04
C LEU D 38 21.07 -6.27 -69.29
N ILE D 39 19.78 -6.49 -69.65
CA ILE D 39 19.43 -7.47 -70.67
C ILE D 39 19.95 -6.94 -72.01
N THR D 40 19.81 -5.61 -72.20
CA THR D 40 20.18 -5.02 -73.47
C THR D 40 21.68 -5.10 -73.65
N LEU D 41 22.40 -4.89 -72.56
CA LEU D 41 23.86 -4.96 -72.57
C LEU D 41 24.30 -6.34 -73.06
N LEU D 42 23.75 -7.42 -72.43
CA LEU D 42 24.10 -8.78 -72.80
C LEU D 42 23.67 -9.06 -74.24
N ALA D 43 22.45 -8.63 -74.60
CA ALA D 43 21.91 -8.94 -75.90
C ALA D 43 22.81 -8.39 -77.00
N ASP D 44 23.26 -7.14 -76.87
CA ASP D 44 24.04 -6.49 -77.93
C ASP D 44 25.44 -7.10 -78.06
N TRP D 45 26.02 -7.49 -76.93
CA TRP D 45 27.27 -8.23 -76.94
C TRP D 45 27.15 -9.58 -77.66
N PHE D 46 26.09 -10.35 -77.38
CA PHE D 46 25.94 -11.61 -78.08
C PHE D 46 25.64 -11.38 -79.56
N LYS D 47 24.86 -10.35 -79.88
CA LYS D 47 24.69 -9.98 -81.29
C LYS D 47 26.05 -9.66 -81.91
N ASP D 48 26.89 -8.88 -81.21
CA ASP D 48 28.22 -8.56 -81.72
C ASP D 48 29.04 -9.81 -82.04
N LEU D 49 28.83 -10.92 -81.32
CA LEU D 49 29.59 -12.15 -81.51
C LEU D 49 28.97 -13.05 -82.57
N GLY D 50 27.89 -12.62 -83.18
CA GLY D 50 27.27 -13.39 -84.26
C GLY D 50 26.09 -14.26 -83.82
N PHE D 51 25.62 -14.10 -82.57
CA PHE D 51 24.45 -14.86 -82.11
C PHE D 51 23.16 -14.21 -82.62
N ASN D 52 22.17 -15.06 -82.89
CA ASN D 52 20.76 -14.66 -82.96
C ASN D 52 20.22 -14.38 -81.55
N VAL D 53 19.58 -13.25 -81.35
CA VAL D 53 19.20 -12.86 -79.99
C VAL D 53 17.73 -12.46 -79.96
N GLU D 54 16.99 -13.05 -79.01
CA GLU D 54 15.59 -12.75 -78.78
CA GLU D 54 15.61 -12.68 -78.80
C GLU D 54 15.46 -12.23 -77.35
N VAL D 55 14.83 -11.08 -77.18
CA VAL D 55 14.52 -10.52 -75.88
C VAL D 55 13.01 -10.51 -75.78
N GLN D 56 12.50 -11.04 -74.68
CA GLN D 56 11.07 -11.21 -74.48
C GLN D 56 10.66 -10.64 -73.12
N PRO D 57 9.53 -9.90 -73.05
CA PRO D 57 8.99 -9.49 -71.76
C PRO D 57 8.49 -10.73 -71.02
N VAL D 58 8.67 -10.77 -69.69
CA VAL D 58 8.26 -11.92 -68.90
C VAL D 58 6.89 -11.61 -68.31
N PRO D 59 5.81 -12.34 -68.67
CA PRO D 59 4.47 -11.94 -68.23
C PRO D 59 4.36 -11.96 -66.72
N GLY D 60 3.63 -10.97 -66.19
CA GLY D 60 3.35 -10.88 -64.77
C GLY D 60 4.43 -10.11 -64.00
N THR D 61 5.59 -9.83 -64.61
CA THR D 61 6.69 -9.23 -63.87
C THR D 61 6.53 -7.71 -63.95
N ARG D 62 7.26 -6.95 -63.14
CA ARG D 62 7.30 -5.51 -63.33
C ARG D 62 8.36 -5.14 -64.35
N ASN D 63 7.99 -5.22 -65.62
CA ASN D 63 8.86 -4.73 -66.67
C ASN D 63 10.18 -5.51 -66.74
N LYS D 64 10.10 -6.85 -66.61
CA LYS D 64 11.32 -7.64 -66.67
C LYS D 64 11.36 -8.42 -67.97
N PHE D 65 12.55 -8.93 -68.29
CA PHE D 65 12.81 -9.51 -69.59
C PHE D 65 13.73 -10.72 -69.47
N ASN D 66 13.60 -11.61 -70.43
CA ASN D 66 14.54 -12.70 -70.63
C ASN D 66 15.29 -12.46 -71.93
N MET D 67 16.52 -12.99 -72.01
CA MET D 67 17.28 -12.99 -73.26
C MET D 67 17.66 -14.43 -73.58
N LEU D 68 17.52 -14.81 -74.84
CA LEU D 68 18.09 -16.06 -75.30
C LEU D 68 18.95 -15.79 -76.54
N ALA D 69 20.23 -16.12 -76.44
CA ALA D 69 21.18 -15.94 -77.50
C ALA D 69 21.43 -17.33 -78.07
N SER D 70 21.36 -17.48 -79.40
CA SER D 70 21.34 -18.79 -80.03
C SER D 70 22.35 -18.75 -81.17
N THR D 71 23.18 -19.77 -81.30
CA THR D 71 23.91 -19.92 -82.55
C THR D 71 23.76 -21.36 -82.97
N GLY D 72 23.54 -21.57 -84.28
CA GLY D 72 23.32 -22.90 -84.82
C GLY D 72 21.83 -23.22 -84.94
N GLN D 73 21.51 -24.09 -85.91
CA GLN D 73 20.23 -24.77 -85.95
C GLN D 73 20.53 -26.24 -85.70
N GLY D 74 19.53 -26.99 -85.26
CA GLY D 74 19.64 -28.43 -85.18
C GLY D 74 19.41 -28.94 -83.77
N ALA D 75 19.58 -30.24 -83.63
CA ALA D 75 19.19 -30.94 -82.43
C ALA D 75 20.30 -30.77 -81.39
N GLY D 76 19.89 -30.78 -80.12
CA GLY D 76 20.85 -30.89 -79.03
C GLY D 76 21.61 -29.59 -78.75
N GLY D 77 22.88 -29.72 -78.38
CA GLY D 77 23.70 -28.58 -78.08
C GLY D 77 23.71 -28.30 -76.57
N LEU D 78 24.33 -27.19 -76.21
CA LEU D 78 24.58 -26.83 -74.82
C LEU D 78 23.83 -25.54 -74.47
N LEU D 79 23.23 -25.53 -73.28
CA LEU D 79 22.58 -24.32 -72.75
C LEU D 79 23.38 -23.86 -71.54
N LEU D 80 23.89 -22.62 -71.62
CA LEU D 80 24.48 -21.96 -70.48
C LEU D 80 23.48 -20.93 -69.98
N ALA D 81 23.15 -20.98 -68.67
CA ALA D 81 22.05 -20.17 -68.16
C ALA D 81 22.45 -19.44 -66.89
N GLY D 82 21.82 -18.28 -66.68
CA GLY D 82 22.10 -17.50 -65.49
C GLY D 82 20.98 -16.48 -65.31
N HIS D 83 20.85 -15.96 -64.09
CA HIS D 83 19.87 -14.92 -63.81
C HIS D 83 20.54 -13.55 -63.87
N THR D 84 19.75 -12.54 -64.27
CA THR D 84 20.27 -11.18 -64.40
C THR D 84 20.00 -10.34 -63.15
N ASP D 85 19.10 -10.77 -62.25
CA ASP D 85 18.75 -9.97 -61.08
C ASP D 85 19.71 -10.26 -59.94
N THR D 86 19.82 -9.27 -59.04
CA THR D 86 20.52 -9.44 -57.77
C THR D 86 19.51 -9.26 -56.64
N VAL D 87 19.92 -9.66 -55.43
CA VAL D 87 19.17 -9.25 -54.24
C VAL D 87 19.47 -7.77 -53.99
N PRO D 88 18.67 -7.13 -53.12
CA PRO D 88 18.97 -5.76 -52.68
C PRO D 88 20.24 -5.73 -51.84
N PHE D 89 20.69 -4.51 -51.51
CA PHE D 89 21.81 -4.34 -50.60
C PHE D 89 21.35 -3.50 -49.41
N ASP D 90 21.76 -3.91 -48.20
CA ASP D 90 21.54 -3.15 -46.98
C ASP D 90 22.69 -2.15 -46.84
N ASP D 91 22.38 -0.84 -46.98
CA ASP D 91 23.39 0.21 -47.08
CA ASP D 91 23.42 0.18 -47.08
C ASP D 91 24.01 0.48 -45.71
N GLY D 92 23.38 -0.07 -44.65
CA GLY D 92 23.93 -0.02 -43.31
C GLY D 92 25.07 -1.02 -43.09
N ARG D 93 25.50 -1.74 -44.14
CA ARG D 93 26.60 -2.70 -44.01
C ARG D 93 27.62 -2.55 -45.15
N TRP D 94 27.14 -2.54 -46.40
CA TRP D 94 28.05 -2.31 -47.51
C TRP D 94 28.98 -1.14 -47.22
N THR D 95 30.27 -1.44 -47.13
CA THR D 95 31.30 -0.45 -46.86
C THR D 95 31.76 0.15 -48.19
N ARG D 96 31.47 -0.55 -49.29
CA ARG D 96 31.87 -0.11 -50.62
C ARG D 96 30.61 0.19 -51.44
N ASP D 97 30.77 0.87 -52.58
CA ASP D 97 29.66 1.18 -53.46
C ASP D 97 29.27 -0.07 -54.24
N PRO D 98 28.12 -0.71 -53.94
CA PRO D 98 27.79 -2.03 -54.52
C PRO D 98 27.82 -2.10 -56.05
N PHE D 99 27.65 -0.96 -56.71
CA PHE D 99 27.59 -0.93 -58.16
C PHE D 99 28.95 -0.61 -58.74
N THR D 100 30.00 -0.56 -57.91
CA THR D 100 31.32 -0.31 -58.47
C THR D 100 32.24 -1.49 -58.14
N LEU D 101 32.68 -2.17 -59.21
CA LEU D 101 33.56 -3.32 -59.16
C LEU D 101 34.98 -2.87 -58.82
N THR D 102 35.53 -3.39 -57.72
CA THR D 102 36.89 -3.06 -57.30
C THR D 102 37.60 -4.31 -56.76
N GLU D 103 38.91 -4.40 -57.05
CA GLU D 103 39.74 -5.55 -56.72
C GLU D 103 40.66 -5.22 -55.54
N HIS D 104 40.58 -6.06 -54.49
CA HIS D 104 41.32 -5.90 -53.26
C HIS D 104 41.68 -7.27 -52.69
N ASP D 105 43.00 -7.51 -52.52
CA ASP D 105 43.49 -8.75 -51.93
C ASP D 105 42.88 -9.94 -52.65
N GLY D 106 43.04 -9.96 -53.98
CA GLY D 106 42.51 -11.00 -54.84
C GLY D 106 41.00 -11.27 -54.71
N LYS D 107 40.21 -10.23 -54.38
CA LYS D 107 38.76 -10.34 -54.34
C LYS D 107 38.15 -9.19 -55.15
N LEU D 108 37.14 -9.53 -55.98
CA LEU D 108 36.39 -8.53 -56.72
C LEU D 108 35.04 -8.33 -56.04
N TYR D 109 34.83 -7.11 -55.52
CA TYR D 109 33.65 -6.76 -54.76
C TYR D 109 32.62 -6.07 -55.66
N GLY D 110 31.35 -6.30 -55.34
CA GLY D 110 30.26 -5.84 -56.18
C GLY D 110 28.99 -6.63 -55.89
N LEU D 111 27.86 -5.96 -56.09
CA LEU D 111 26.60 -6.65 -55.96
C LEU D 111 26.42 -7.45 -57.24
N GLY D 112 26.27 -8.78 -57.09
CA GLY D 112 26.18 -9.70 -58.22
C GLY D 112 27.52 -10.25 -58.69
N THR D 113 28.66 -9.93 -58.04
CA THR D 113 29.94 -10.46 -58.47
C THR D 113 29.94 -11.98 -58.36
N ALA D 114 29.29 -12.49 -57.32
CA ALA D 114 29.25 -13.92 -57.09
C ALA D 114 27.91 -14.49 -57.54
N ASP D 115 26.82 -13.71 -57.38
CA ASP D 115 25.47 -14.24 -57.57
C ASP D 115 24.64 -13.32 -58.46
N MET D 116 24.81 -13.40 -59.79
CA MET D 116 25.76 -14.30 -60.45
C MET D 116 26.24 -13.70 -61.77
N LYS D 117 26.48 -12.38 -61.79
CA LYS D 117 26.74 -11.67 -63.03
C LYS D 117 28.10 -12.05 -63.62
N GLY D 118 29.04 -12.44 -62.76
CA GLY D 118 30.31 -12.91 -63.25
C GLY D 118 30.17 -13.99 -64.33
N PHE D 119 29.22 -14.92 -64.14
CA PHE D 119 29.11 -16.06 -65.05
C PHE D 119 28.96 -15.55 -66.47
N PHE D 120 28.19 -14.46 -66.69
CA PHE D 120 27.98 -13.95 -68.04
C PHE D 120 29.26 -13.37 -68.63
N ALA D 121 30.01 -12.68 -67.78
CA ALA D 121 31.27 -12.08 -68.19
C ALA D 121 32.26 -13.20 -68.59
N PHE D 122 32.25 -14.34 -67.88
CA PHE D 122 33.13 -15.44 -68.25
C PHE D 122 32.69 -16.02 -69.59
N ILE D 123 31.37 -16.16 -69.80
CA ILE D 123 30.89 -16.73 -71.04
C ILE D 123 31.35 -15.89 -72.22
N LEU D 124 31.17 -14.56 -72.13
CA LEU D 124 31.49 -13.68 -73.24
C LEU D 124 32.99 -13.69 -73.55
N ASP D 125 33.81 -13.59 -72.50
CA ASP D 125 35.26 -13.64 -72.65
C ASP D 125 35.67 -14.94 -73.32
N ALA D 126 35.07 -16.08 -72.94
CA ALA D 126 35.44 -17.37 -73.50
C ALA D 126 35.11 -17.44 -75.00
N LEU D 127 34.05 -16.73 -75.42
CA LEU D 127 33.58 -16.80 -76.80
C LEU D 127 34.27 -15.78 -77.72
N ARG D 128 34.97 -14.81 -77.12
CA ARG D 128 35.60 -13.71 -77.83
C ARG D 128 36.17 -14.12 -79.18
N ASP D 129 36.98 -15.19 -79.21
CA ASP D 129 37.71 -15.54 -80.41
C ASP D 129 37.08 -16.72 -81.13
N VAL D 130 35.93 -17.22 -80.63
CA VAL D 130 35.28 -18.40 -81.19
C VAL D 130 34.48 -17.99 -82.42
N ASP D 131 34.63 -18.75 -83.51
CA ASP D 131 33.82 -18.56 -84.72
C ASP D 131 32.64 -19.52 -84.64
N VAL D 132 31.49 -18.95 -84.30
CA VAL D 132 30.31 -19.72 -83.94
C VAL D 132 29.78 -20.44 -85.18
N THR D 133 30.17 -19.98 -86.37
CA THR D 133 29.78 -20.65 -87.60
C THR D 133 30.47 -22.02 -87.73
N LYS D 134 31.57 -22.25 -87.01
CA LYS D 134 32.25 -23.53 -87.09
C LYS D 134 31.65 -24.60 -86.15
N LEU D 135 30.79 -24.21 -85.21
CA LEU D 135 30.33 -25.20 -84.23
C LEU D 135 29.45 -26.20 -84.96
N LYS D 136 29.53 -27.45 -84.54
CA LYS D 136 28.74 -28.49 -85.14
C LYS D 136 27.40 -28.66 -84.43
N LYS D 137 27.28 -28.24 -83.16
CA LYS D 137 26.02 -28.34 -82.45
CA LYS D 137 26.01 -28.33 -82.44
C LYS D 137 25.70 -26.96 -81.84
N PRO D 138 24.41 -26.64 -81.62
CA PRO D 138 24.05 -25.29 -81.22
C PRO D 138 24.56 -24.97 -79.81
N LEU D 139 24.77 -23.68 -79.58
CA LEU D 139 25.05 -23.16 -78.26
C LEU D 139 24.01 -22.07 -77.94
N TYR D 140 23.51 -22.14 -76.72
CA TYR D 140 22.49 -21.20 -76.28
C TYR D 140 22.90 -20.59 -74.94
N ILE D 141 22.61 -19.29 -74.80
CA ILE D 141 22.81 -18.59 -73.54
C ILE D 141 21.48 -17.99 -73.14
N LEU D 142 20.99 -18.34 -71.93
CA LEU D 142 19.76 -17.79 -71.39
C LEU D 142 20.12 -16.85 -70.25
N ALA D 143 19.50 -15.66 -70.24
CA ALA D 143 19.63 -14.69 -69.16
C ALA D 143 18.23 -14.42 -68.66
N THR D 144 17.93 -14.79 -67.40
CA THR D 144 16.58 -14.77 -66.88
C THR D 144 16.32 -13.56 -65.97
N ALA D 145 15.00 -13.33 -65.82
CA ALA D 145 14.46 -12.33 -64.89
C ALA D 145 14.05 -12.99 -63.57
N ASP D 146 14.29 -12.24 -62.49
CA ASP D 146 13.60 -12.42 -61.20
C ASP D 146 13.84 -13.79 -60.57
N GLU D 147 15.08 -14.29 -60.62
CA GLU D 147 15.36 -15.57 -59.99
C GLU D 147 15.26 -15.46 -58.47
N GLU D 148 15.77 -14.35 -57.91
CA GLU D 148 15.84 -14.13 -56.47
C GLU D 148 14.46 -13.86 -55.82
N THR D 149 13.38 -13.76 -56.59
CA THR D 149 12.07 -13.50 -56.01
C THR D 149 11.12 -14.62 -56.38
N SER D 150 10.80 -14.76 -57.68
CA SER D 150 9.76 -15.66 -58.10
C SER D 150 10.26 -16.78 -58.99
N MET D 151 11.46 -16.58 -59.55
CA MET D 151 11.93 -17.38 -60.68
C MET D 151 10.97 -17.30 -61.87
N ALA D 152 10.26 -16.17 -62.05
CA ALA D 152 9.29 -16.10 -63.14
C ALA D 152 9.95 -16.27 -64.52
N GLY D 153 11.16 -15.74 -64.68
CA GLY D 153 11.84 -15.77 -65.97
C GLY D 153 12.14 -17.19 -66.44
N ALA D 154 12.70 -18.00 -65.52
CA ALA D 154 13.01 -19.39 -65.85
C ALA D 154 11.74 -20.18 -66.05
N ARG D 155 10.72 -19.91 -65.21
CA ARG D 155 9.45 -20.63 -65.32
C ARG D 155 8.87 -20.35 -66.69
N TYR D 156 8.89 -19.09 -67.11
CA TYR D 156 8.28 -18.70 -68.37
C TYR D 156 9.05 -19.28 -69.56
N PHE D 157 10.39 -19.26 -69.49
CA PHE D 157 11.18 -19.87 -70.55
C PHE D 157 10.84 -21.36 -70.64
N ALA D 158 10.79 -22.06 -69.51
CA ALA D 158 10.60 -23.51 -69.52
C ALA D 158 9.20 -23.88 -69.99
N GLU D 159 8.23 -22.98 -69.72
CA GLU D 159 6.87 -23.15 -70.21
C GLU D 159 6.73 -22.98 -71.72
N THR D 160 7.54 -22.10 -72.33
CA THR D 160 7.26 -21.67 -73.69
C THR D 160 8.28 -22.16 -74.70
N THR D 161 9.50 -22.53 -74.28
CA THR D 161 10.55 -22.81 -75.26
C THR D 161 10.34 -24.19 -75.89
N ALA D 162 10.69 -24.29 -77.19
CA ALA D 162 10.73 -25.52 -77.94
C ALA D 162 12.15 -26.11 -77.89
N LEU D 163 13.10 -25.42 -77.26
CA LEU D 163 14.49 -25.89 -77.30
C LEU D 163 14.66 -27.15 -76.45
N ARG D 164 15.40 -28.13 -76.96
CA ARG D 164 15.69 -29.33 -76.19
C ARG D 164 17.18 -29.60 -76.32
N PRO D 165 18.03 -28.90 -75.52
CA PRO D 165 19.48 -29.09 -75.61
C PRO D 165 19.88 -30.49 -75.13
N ASP D 166 21.14 -30.87 -75.38
CA ASP D 166 21.68 -32.09 -74.81
C ASP D 166 21.82 -31.95 -73.31
N CYS D 167 22.23 -30.76 -72.86
CA CYS D 167 22.44 -30.52 -71.44
C CYS D 167 22.63 -29.03 -71.16
N ALA D 168 22.62 -28.70 -69.87
CA ALA D 168 22.67 -27.33 -69.45
C ALA D 168 23.49 -27.18 -68.19
N ILE D 169 24.08 -25.98 -68.08
CA ILE D 169 24.73 -25.56 -66.86
C ILE D 169 24.13 -24.22 -66.45
N ILE D 170 23.72 -24.13 -65.17
CA ILE D 170 23.31 -22.86 -64.58
C ILE D 170 24.47 -22.39 -63.69
N GLY D 171 25.01 -21.21 -63.98
CA GLY D 171 26.26 -20.77 -63.40
C GLY D 171 26.13 -20.10 -62.01
N GLU D 172 25.21 -20.60 -61.17
CA GLU D 172 25.13 -20.17 -59.77
C GLU D 172 26.46 -20.44 -59.08
N PRO D 173 26.80 -19.66 -58.01
CA PRO D 173 28.08 -19.84 -57.29
C PRO D 173 28.14 -21.14 -56.51
N THR D 174 28.99 -22.07 -56.98
CA THR D 174 29.17 -23.32 -56.27
C THR D 174 30.65 -23.59 -56.01
N SER D 175 31.51 -22.55 -56.09
CA SER D 175 32.95 -22.69 -56.00
C SER D 175 33.49 -23.70 -57.00
N LEU D 176 32.90 -23.70 -58.20
CA LEU D 176 33.28 -24.59 -59.27
C LEU D 176 33.20 -26.05 -58.86
N GLN D 177 32.20 -26.37 -58.05
CA GLN D 177 31.92 -27.74 -57.67
CA GLN D 177 31.91 -27.75 -57.69
C GLN D 177 30.56 -28.11 -58.29
N PRO D 178 30.45 -29.18 -59.11
CA PRO D 178 29.17 -29.52 -59.70
C PRO D 178 28.11 -29.91 -58.68
N VAL D 179 26.91 -29.41 -58.89
CA VAL D 179 25.74 -29.74 -58.08
C VAL D 179 24.70 -30.34 -59.01
N ARG D 180 24.17 -31.51 -58.63
CA ARG D 180 23.30 -32.33 -59.47
C ARG D 180 21.91 -32.43 -58.88
N ALA D 181 21.69 -31.93 -57.67
CA ALA D 181 20.36 -32.04 -57.11
C ALA D 181 20.18 -31.04 -55.97
N HIS D 182 18.92 -30.64 -55.77
CA HIS D 182 18.59 -29.82 -54.60
C HIS D 182 17.11 -29.96 -54.26
N LYS D 183 16.79 -29.46 -53.08
CA LYS D 183 15.42 -29.56 -52.60
C LYS D 183 14.59 -28.51 -53.32
N GLY D 184 13.27 -28.69 -53.22
CA GLY D 184 12.32 -27.67 -53.65
C GLY D 184 12.12 -26.60 -52.58
N HIS D 185 11.15 -25.73 -52.84
CA HIS D 185 10.89 -24.68 -51.90
C HIS D 185 9.47 -24.18 -52.15
N ILE D 186 8.61 -24.37 -51.13
CA ILE D 186 7.35 -23.71 -51.11
C ILE D 186 7.29 -22.88 -49.83
N SER D 187 6.78 -21.65 -49.99
CA SER D 187 6.61 -20.71 -48.90
C SER D 187 5.18 -20.22 -48.92
N ASN D 188 4.46 -20.39 -47.79
CA ASN D 188 3.06 -20.05 -47.71
C ASN D 188 2.78 -19.21 -46.47
N ALA D 189 1.76 -18.34 -46.62
CA ALA D 189 1.14 -17.64 -45.51
C ALA D 189 -0.20 -18.32 -45.23
N ILE D 190 -0.32 -18.89 -44.01
CA ILE D 190 -1.55 -19.47 -43.54
C ILE D 190 -2.31 -18.32 -42.89
N ARG D 191 -3.48 -18.03 -43.41
CA ARG D 191 -4.24 -16.88 -42.96
C ARG D 191 -5.56 -17.36 -42.39
N ILE D 192 -5.88 -16.89 -41.18
CA ILE D 192 -7.15 -17.19 -40.54
C ILE D 192 -7.88 -15.89 -40.28
N GLN D 193 -9.14 -15.83 -40.72
CA GLN D 193 -9.97 -14.66 -40.52
C GLN D 193 -10.94 -15.04 -39.40
N GLY D 194 -10.72 -14.43 -38.24
CA GLY D 194 -11.62 -14.56 -37.10
C GLY D 194 -12.68 -13.46 -37.06
N GLN D 195 -13.27 -13.27 -35.88
CA GLN D 195 -14.34 -12.30 -35.68
C GLN D 195 -14.14 -11.64 -34.33
N SER D 196 -13.97 -10.31 -34.31
CA SER D 196 -13.61 -9.63 -33.08
C SER D 196 -14.87 -9.41 -32.24
N GLY D 197 -14.61 -8.83 -31.08
CA GLY D 197 -15.57 -8.56 -30.05
C GLY D 197 -14.78 -8.17 -28.81
N HIS D 198 -15.44 -7.57 -27.84
CA HIS D 198 -14.83 -7.28 -26.57
C HIS D 198 -14.44 -8.57 -25.84
N SER D 199 -13.31 -8.55 -25.12
CA SER D 199 -12.77 -9.75 -24.50
C SER D 199 -13.62 -10.18 -23.31
N SER D 200 -14.56 -9.34 -22.84
CA SER D 200 -15.43 -9.74 -21.75
C SER D 200 -16.42 -10.85 -22.16
N ASP D 201 -16.54 -11.14 -23.47
CA ASP D 201 -17.43 -12.21 -23.93
C ASP D 201 -16.76 -12.96 -25.08
N PRO D 202 -15.73 -13.77 -24.81
CA PRO D 202 -15.08 -14.54 -25.87
C PRO D 202 -16.01 -15.39 -26.73
N ALA D 203 -17.05 -15.97 -26.13
CA ALA D 203 -17.91 -16.89 -26.89
C ALA D 203 -18.65 -16.19 -28.05
N ARG D 204 -18.71 -14.86 -28.09
CA ARG D 204 -19.45 -14.20 -29.16
C ARG D 204 -18.58 -13.88 -30.36
N GLY D 205 -17.28 -14.24 -30.31
CA GLY D 205 -16.37 -14.06 -31.43
C GLY D 205 -15.77 -15.40 -31.85
N VAL D 206 -14.83 -15.33 -32.77
CA VAL D 206 -14.04 -16.47 -33.22
C VAL D 206 -12.59 -16.02 -33.17
N ASN D 207 -11.82 -16.65 -32.29
CA ASN D 207 -10.48 -16.15 -31.99
C ASN D 207 -9.48 -16.72 -32.98
N ALA D 208 -8.90 -15.86 -33.82
CA ALA D 208 -7.98 -16.33 -34.89
C ALA D 208 -6.71 -16.96 -34.32
N ILE D 209 -6.27 -16.54 -33.14
CA ILE D 209 -5.08 -17.15 -32.55
C ILE D 209 -5.39 -18.58 -32.09
N GLU D 210 -6.59 -18.79 -31.52
CA GLU D 210 -6.97 -20.14 -31.12
C GLU D 210 -7.07 -21.07 -32.33
N LEU D 211 -7.67 -20.56 -33.40
CA LEU D 211 -7.78 -21.35 -34.62
C LEU D 211 -6.38 -21.62 -35.16
N MET D 212 -5.49 -20.63 -35.06
CA MET D 212 -4.14 -20.78 -35.58
C MET D 212 -3.38 -21.84 -34.78
N HIS D 213 -3.61 -21.89 -33.46
CA HIS D 213 -3.03 -22.88 -32.57
C HIS D 213 -3.45 -24.28 -33.01
N ASP D 214 -4.73 -24.46 -33.32
CA ASP D 214 -5.20 -25.73 -33.87
CA ASP D 214 -5.20 -25.73 -33.87
C ASP D 214 -4.41 -26.05 -35.15
N ALA D 215 -4.29 -25.05 -36.04
CA ALA D 215 -3.64 -25.28 -37.34
C ALA D 215 -2.17 -25.64 -37.15
N ILE D 216 -1.48 -24.95 -36.24
CA ILE D 216 -0.06 -25.20 -36.05
C ILE D 216 0.13 -26.64 -35.55
N GLY D 217 -0.74 -27.11 -34.64
CA GLY D 217 -0.68 -28.50 -34.18
C GLY D 217 -0.62 -29.49 -35.35
N HIS D 218 -1.46 -29.25 -36.35
CA HIS D 218 -1.61 -30.11 -37.52
C HIS D 218 -0.39 -29.99 -38.42
N ILE D 219 0.11 -28.75 -38.54
CA ILE D 219 1.26 -28.47 -39.41
C ILE D 219 2.49 -29.13 -38.81
N LEU D 220 2.61 -29.08 -37.48
CA LEU D 220 3.78 -29.68 -36.83
C LEU D 220 3.74 -31.21 -36.90
N GLN D 221 2.55 -31.83 -36.89
CA GLN D 221 2.41 -33.26 -37.16
C GLN D 221 2.83 -33.57 -38.60
N LEU D 222 2.53 -32.67 -39.55
CA LEU D 222 2.98 -32.87 -40.92
C LEU D 222 4.49 -32.84 -40.95
N ARG D 223 5.06 -31.82 -40.30
CA ARG D 223 6.50 -31.70 -40.18
C ARG D 223 7.10 -33.02 -39.70
N ASP D 224 6.53 -33.57 -38.62
CA ASP D 224 7.01 -34.82 -38.04
C ASP D 224 6.89 -35.96 -39.04
N ASN D 225 5.75 -36.03 -39.73
CA ASN D 225 5.58 -37.09 -40.70
C ASN D 225 6.67 -36.97 -41.77
N LEU D 226 6.95 -35.74 -42.22
CA LEU D 226 7.96 -35.56 -43.26
C LEU D 226 9.31 -36.09 -42.77
N LYS D 227 9.64 -35.78 -41.51
CA LYS D 227 10.97 -36.07 -40.99
C LYS D 227 11.12 -37.56 -40.72
N GLU D 228 9.97 -38.23 -40.48
CA GLU D 228 9.93 -39.60 -40.03
C GLU D 228 9.85 -40.58 -41.19
N ARG D 229 9.36 -40.15 -42.36
CA ARG D 229 9.00 -41.08 -43.43
C ARG D 229 9.92 -40.99 -44.63
N TYR D 230 10.78 -39.97 -44.70
CA TYR D 230 11.60 -39.76 -45.89
C TYR D 230 13.07 -39.65 -45.49
N HIS D 231 13.98 -40.16 -46.36
CA HIS D 231 15.40 -40.02 -46.12
C HIS D 231 16.15 -40.09 -47.45
N TYR D 232 16.96 -39.05 -47.69
CA TYR D 232 17.82 -39.01 -48.85
C TYR D 232 19.23 -38.69 -48.35
N GLU D 233 20.00 -39.76 -48.17
CA GLU D 233 21.22 -39.73 -47.37
C GLU D 233 22.14 -38.61 -47.86
N ALA D 234 22.25 -38.41 -49.18
CA ALA D 234 23.27 -37.52 -49.71
C ALA D 234 23.11 -36.07 -49.20
N PHE D 235 21.88 -35.68 -48.84
CA PHE D 235 21.61 -34.33 -48.35
C PHE D 235 22.07 -34.24 -46.90
N THR D 236 22.72 -33.12 -46.54
CA THR D 236 23.27 -32.94 -45.20
C THR D 236 22.13 -32.92 -44.17
N VAL D 237 20.94 -32.45 -44.57
CA VAL D 237 19.71 -32.58 -43.83
C VAL D 237 18.84 -33.53 -44.66
N PRO D 238 18.77 -34.84 -44.33
CA PRO D 238 18.28 -35.81 -45.31
C PRO D 238 16.78 -36.02 -45.40
N TYR D 239 16.01 -35.15 -44.74
CA TYR D 239 14.56 -35.19 -44.80
C TYR D 239 14.03 -33.86 -45.30
N PRO D 240 12.79 -33.85 -45.80
CA PRO D 240 12.10 -32.61 -46.17
C PRO D 240 11.87 -31.82 -44.90
N THR D 241 12.22 -30.53 -44.97
CA THR D 241 12.13 -29.67 -43.81
C THR D 241 10.88 -28.78 -43.89
N LEU D 242 10.39 -28.37 -42.72
CA LEU D 242 9.29 -27.43 -42.62
C LEU D 242 9.60 -26.48 -41.47
N ASN D 243 9.37 -25.19 -41.72
CA ASN D 243 9.81 -24.12 -40.83
C ASN D 243 8.71 -23.08 -40.62
N LEU D 244 8.40 -22.79 -39.35
CA LEU D 244 7.50 -21.73 -38.96
C LEU D 244 8.31 -20.46 -38.65
N GLY D 245 8.21 -19.47 -39.53
CA GLY D 245 9.13 -18.35 -39.55
C GLY D 245 8.61 -17.06 -38.96
N HIS D 246 7.32 -16.73 -39.21
CA HIS D 246 6.75 -15.48 -38.75
C HIS D 246 5.28 -15.71 -38.45
N ILE D 247 4.80 -15.00 -37.44
CA ILE D 247 3.38 -14.99 -37.10
C ILE D 247 2.97 -13.58 -36.70
N HIS D 248 1.74 -13.17 -37.07
CA HIS D 248 1.18 -11.91 -36.61
C HIS D 248 -0.36 -11.96 -36.60
N GLY D 249 -0.98 -11.48 -35.53
CA GLY D 249 -2.42 -11.23 -35.57
C GLY D 249 -2.89 -10.42 -34.39
N GLY D 250 -4.00 -9.72 -34.62
CA GLY D 250 -4.75 -9.07 -33.57
C GLY D 250 -4.26 -7.65 -33.25
N ASP D 251 -5.19 -6.87 -32.71
CA ASP D 251 -5.06 -5.46 -32.40
C ASP D 251 -4.65 -5.27 -30.94
N ALA D 252 -5.32 -5.94 -30.00
CA ALA D 252 -5.23 -5.53 -28.61
C ALA D 252 -5.55 -6.69 -27.68
N SER D 253 -4.99 -6.61 -26.47
CA SER D 253 -5.19 -7.65 -25.48
C SER D 253 -6.68 -7.82 -25.15
N ASN D 254 -7.49 -6.75 -25.24
CA ASN D 254 -8.86 -6.76 -24.75
C ASN D 254 -9.87 -6.87 -25.89
N ARG D 255 -9.41 -7.29 -27.05
CA ARG D 255 -10.31 -7.63 -28.14
C ARG D 255 -10.00 -9.07 -28.55
N ILE D 256 -11.07 -9.76 -28.95
CA ILE D 256 -10.92 -11.09 -29.53
C ILE D 256 -10.10 -10.92 -30.80
N CYS D 257 -9.09 -11.76 -30.97
CA CYS D 257 -8.21 -11.59 -32.12
C CYS D 257 -8.94 -11.88 -33.42
N ALA D 258 -8.99 -10.87 -34.31
CA ALA D 258 -9.84 -10.90 -35.49
C ALA D 258 -9.12 -11.57 -36.65
N TRP D 259 -7.80 -11.70 -36.56
CA TRP D 259 -7.10 -12.30 -37.67
C TRP D 259 -5.72 -12.79 -37.24
N CYS D 260 -5.20 -13.76 -37.98
CA CYS D 260 -3.86 -14.26 -37.71
C CYS D 260 -3.26 -14.79 -39.00
N GLU D 261 -1.95 -14.50 -39.18
CA GLU D 261 -1.19 -15.01 -40.32
C GLU D 261 0.10 -15.65 -39.83
N LEU D 262 0.43 -16.76 -40.48
CA LEU D 262 1.62 -17.56 -40.16
C LEU D 262 2.39 -17.73 -41.46
N HIS D 263 3.64 -17.32 -41.49
CA HIS D 263 4.46 -17.57 -42.68
C HIS D 263 5.38 -18.78 -42.42
N MET D 264 5.31 -19.78 -43.29
CA MET D 264 6.05 -21.04 -43.16
C MET D 264 6.64 -21.42 -44.51
N ASP D 265 7.58 -22.39 -44.48
CA ASP D 265 8.08 -22.98 -45.71
C ASP D 265 8.31 -24.48 -45.55
N ILE D 266 8.44 -25.13 -46.70
CA ILE D 266 8.70 -26.56 -46.82
C ILE D 266 9.72 -26.70 -47.95
N ARG D 267 10.73 -27.55 -47.73
CA ARG D 267 11.70 -27.80 -48.79
C ARG D 267 11.67 -29.28 -49.12
N PRO D 268 10.85 -29.73 -50.08
CA PRO D 268 10.70 -31.15 -50.35
C PRO D 268 11.95 -31.75 -51.01
N LEU D 269 12.13 -33.05 -50.80
CA LEU D 269 13.17 -33.81 -51.50
C LEU D 269 12.82 -33.90 -52.98
N PRO D 270 13.84 -34.06 -53.87
CA PRO D 270 13.56 -34.37 -55.27
C PRO D 270 12.71 -35.61 -55.31
N GLY D 271 11.72 -35.65 -56.19
CA GLY D 271 10.97 -36.88 -56.33
C GLY D 271 9.58 -36.73 -55.75
N MET D 272 9.40 -35.76 -54.85
CA MET D 272 8.05 -35.50 -54.34
C MET D 272 7.45 -34.35 -55.16
N THR D 273 6.32 -34.65 -55.82
CA THR D 273 5.71 -33.70 -56.74
C THR D 273 5.04 -32.62 -55.91
N LEU D 274 4.90 -31.42 -56.47
CA LEU D 274 4.14 -30.37 -55.81
C LEU D 274 2.68 -30.78 -55.57
N ASN D 275 2.07 -31.58 -56.47
CA ASN D 275 0.70 -32.02 -56.25
C ASN D 275 0.63 -32.87 -54.98
N GLU D 276 1.63 -33.73 -54.77
CA GLU D 276 1.70 -34.60 -53.60
C GLU D 276 1.82 -33.80 -52.31
N LEU D 277 2.74 -32.82 -52.32
CA LEU D 277 3.02 -32.00 -51.15
C LEU D 277 1.82 -31.13 -50.78
N ASN D 278 1.20 -30.53 -51.81
CA ASN D 278 0.02 -29.71 -51.62
C ASN D 278 -1.06 -30.54 -50.93
N GLY D 279 -1.27 -31.77 -51.44
CA GLY D 279 -2.21 -32.73 -50.86
C GLY D 279 -1.97 -33.00 -49.36
N LEU D 280 -0.69 -33.11 -48.97
CA LEU D 280 -0.31 -33.41 -47.61
C LEU D 280 -0.61 -32.23 -46.71
N LEU D 281 -0.31 -31.01 -47.18
CA LEU D 281 -0.55 -29.81 -46.40
C LEU D 281 -2.05 -29.55 -46.29
N ASN D 282 -2.80 -29.78 -47.38
CA ASN D 282 -4.25 -29.63 -47.35
C ASN D 282 -4.85 -30.68 -46.42
N ASP D 283 -4.33 -31.92 -46.46
CA ASP D 283 -4.80 -32.97 -45.57
C ASP D 283 -4.54 -32.59 -44.11
N ALA D 284 -3.37 -31.97 -43.86
CA ALA D 284 -2.98 -31.62 -42.52
C ALA D 284 -3.99 -30.62 -41.94
N LEU D 285 -4.35 -29.61 -42.75
CA LEU D 285 -5.16 -28.48 -42.28
C LEU D 285 -6.66 -28.78 -42.39
N ALA D 286 -7.02 -29.91 -43.02
CA ALA D 286 -8.42 -30.26 -43.28
C ALA D 286 -9.26 -30.19 -42.02
N PRO D 287 -8.80 -30.70 -40.86
CA PRO D 287 -9.66 -30.67 -39.68
C PRO D 287 -10.06 -29.24 -39.28
N VAL D 288 -9.17 -28.27 -39.50
CA VAL D 288 -9.46 -26.86 -39.19
C VAL D 288 -10.42 -26.29 -40.23
N SER D 289 -10.13 -26.50 -41.50
CA SER D 289 -10.95 -25.92 -42.56
CA SER D 289 -10.96 -25.91 -42.55
C SER D 289 -12.36 -26.50 -42.54
N GLU D 290 -12.49 -27.78 -42.21
CA GLU D 290 -13.79 -28.41 -42.14
C GLU D 290 -14.58 -27.90 -40.95
N ARG D 291 -13.90 -27.63 -39.83
CA ARG D 291 -14.57 -27.15 -38.63
CA ARG D 291 -14.57 -27.15 -38.63
C ARG D 291 -15.02 -25.70 -38.79
N TRP D 292 -14.20 -24.88 -39.48
CA TRP D 292 -14.43 -23.44 -39.67
C TRP D 292 -14.46 -23.06 -41.16
N PRO D 293 -15.49 -23.49 -41.91
CA PRO D 293 -15.48 -23.32 -43.36
C PRO D 293 -15.22 -21.89 -43.78
N GLY D 294 -14.26 -21.73 -44.68
CA GLY D 294 -13.95 -20.44 -45.30
C GLY D 294 -12.97 -19.59 -44.49
N ARG D 295 -12.69 -19.90 -43.21
CA ARG D 295 -11.91 -18.97 -42.42
C ARG D 295 -10.40 -19.11 -42.64
N LEU D 296 -9.94 -20.27 -43.13
CA LEU D 296 -8.50 -20.52 -43.30
C LEU D 296 -8.17 -20.56 -44.77
N THR D 297 -7.20 -19.74 -45.18
CA THR D 297 -6.75 -19.76 -46.56
C THR D 297 -5.24 -19.90 -46.59
N VAL D 298 -4.71 -20.39 -47.70
CA VAL D 298 -3.27 -20.59 -47.89
C VAL D 298 -2.87 -19.72 -49.07
N ASP D 299 -2.06 -18.69 -48.81
CA ASP D 299 -1.55 -17.84 -49.86
C ASP D 299 -0.05 -18.08 -50.05
N GLU D 300 0.37 -18.16 -51.31
CA GLU D 300 1.77 -18.43 -51.60
C GLU D 300 2.52 -17.10 -51.50
N LEU D 301 3.69 -17.13 -50.90
CA LEU D 301 4.53 -15.94 -50.77
C LEU D 301 5.46 -15.87 -51.98
N HIS D 302 5.66 -16.99 -52.67
CA HIS D 302 6.30 -17.00 -53.97
C HIS D 302 5.73 -18.22 -54.68
N PRO D 303 5.79 -18.31 -56.03
CA PRO D 303 5.33 -19.50 -56.73
C PRO D 303 6.17 -20.69 -56.27
N PRO D 304 5.55 -21.87 -56.12
CA PRO D 304 6.23 -23.05 -55.60
C PRO D 304 7.20 -23.63 -56.60
N ILE D 305 8.33 -24.15 -56.08
CA ILE D 305 9.40 -24.76 -56.88
C ILE D 305 9.62 -26.20 -56.42
N PRO D 306 9.57 -27.21 -57.32
CA PRO D 306 9.85 -28.58 -56.90
C PRO D 306 11.35 -28.72 -56.70
N GLY D 307 11.75 -29.84 -56.08
CA GLY D 307 13.13 -30.27 -56.06
C GLY D 307 13.52 -30.78 -57.45
N TYR D 308 14.80 -31.09 -57.62
CA TYR D 308 15.22 -31.60 -58.91
C TYR D 308 16.46 -32.46 -58.72
N GLU D 309 16.68 -33.35 -59.69
CA GLU D 309 17.97 -33.98 -59.73
C GLU D 309 18.31 -34.30 -61.17
N CYS D 310 19.60 -34.13 -61.45
CA CYS D 310 20.15 -34.60 -62.71
C CYS D 310 20.58 -36.05 -62.56
N PRO D 311 20.34 -36.92 -63.57
CA PRO D 311 20.86 -38.28 -63.52
C PRO D 311 22.35 -38.26 -63.21
N PRO D 312 22.82 -39.00 -62.19
CA PRO D 312 24.21 -38.85 -61.73
C PRO D 312 25.23 -39.42 -62.70
N ASN D 313 24.75 -40.17 -63.71
CA ASN D 313 25.67 -40.81 -64.63
CA ASN D 313 25.54 -40.92 -64.67
C ASN D 313 25.60 -40.20 -66.03
N HIS D 314 24.94 -39.04 -66.14
CA HIS D 314 24.82 -38.33 -67.41
C HIS D 314 26.17 -37.87 -67.94
N GLN D 315 26.31 -37.85 -69.28
CA GLN D 315 27.51 -37.40 -69.93
C GLN D 315 28.02 -36.08 -69.35
N LEU D 316 27.15 -35.11 -69.04
CA LEU D 316 27.64 -33.81 -68.57
C LEU D 316 28.41 -34.02 -67.28
N VAL D 317 27.92 -34.90 -66.39
CA VAL D 317 28.60 -35.20 -65.13
C VAL D 317 29.96 -35.81 -65.43
N GLU D 318 29.97 -36.81 -66.32
CA GLU D 318 31.23 -37.43 -66.73
C GLU D 318 32.25 -36.38 -67.20
N VAL D 319 31.82 -35.43 -68.03
CA VAL D 319 32.76 -34.42 -68.54
C VAL D 319 33.23 -33.50 -67.41
N VAL D 320 32.32 -32.92 -66.61
CA VAL D 320 32.79 -32.02 -65.56
C VAL D 320 33.59 -32.78 -64.51
N GLU D 321 33.31 -34.08 -64.30
CA GLU D 321 34.15 -34.91 -63.43
C GLU D 321 35.62 -34.84 -63.88
N LYS D 322 35.82 -35.02 -65.19
CA LYS D 322 37.16 -35.09 -65.74
C LYS D 322 37.82 -33.70 -65.74
N LEU D 323 37.06 -32.65 -66.06
CA LEU D 323 37.63 -31.31 -66.20
C LEU D 323 37.92 -30.71 -64.83
N LEU D 324 37.16 -31.07 -63.80
CA LEU D 324 37.31 -30.39 -62.51
C LEU D 324 37.84 -31.30 -61.40
N GLY D 325 37.52 -32.60 -61.45
CA GLY D 325 38.02 -33.55 -60.48
C GLY D 325 37.41 -33.32 -59.10
N ALA D 326 36.18 -32.78 -59.07
CA ALA D 326 35.48 -32.62 -57.81
C ALA D 326 34.40 -33.69 -57.60
N LYS D 327 33.98 -33.85 -56.35
CA LYS D 327 32.81 -34.64 -56.00
C LYS D 327 31.54 -33.86 -56.38
N THR D 328 30.68 -34.47 -57.23
CA THR D 328 29.35 -33.92 -57.47
C THR D 328 28.55 -33.95 -56.17
N GLU D 329 27.84 -32.86 -55.86
CA GLU D 329 27.16 -32.66 -54.60
C GLU D 329 25.66 -32.39 -54.80
N VAL D 330 24.95 -32.37 -53.67
CA VAL D 330 23.56 -31.96 -53.63
C VAL D 330 23.44 -30.89 -52.56
N VAL D 331 22.49 -29.95 -52.68
CA VAL D 331 22.37 -28.84 -51.72
C VAL D 331 20.91 -28.66 -51.30
N ASN D 332 20.68 -27.98 -50.15
CA ASN D 332 19.38 -27.92 -49.51
C ASN D 332 18.54 -26.74 -50.04
N TYR D 333 19.21 -25.72 -50.61
CA TYR D 333 18.56 -24.53 -51.16
C TYR D 333 18.10 -24.75 -52.61
N CYS D 334 17.57 -23.68 -53.23
CA CYS D 334 16.82 -23.79 -54.48
C CYS D 334 17.46 -22.89 -55.57
N THR D 335 17.32 -23.34 -56.84
CA THR D 335 17.79 -22.61 -58.03
C THR D 335 16.74 -22.77 -59.11
N GLU D 336 16.99 -22.19 -60.29
CA GLU D 336 16.15 -22.42 -61.46
C GLU D 336 16.27 -23.82 -62.07
N ALA D 337 17.20 -24.65 -61.55
CA ALA D 337 17.48 -25.94 -62.17
C ALA D 337 16.22 -26.77 -62.40
N PRO D 338 15.20 -26.82 -61.50
CA PRO D 338 14.04 -27.67 -61.76
C PRO D 338 13.32 -27.33 -63.05
N PHE D 339 13.32 -26.05 -63.41
CA PHE D 339 12.64 -25.64 -64.63
C PHE D 339 13.49 -26.04 -65.83
N ILE D 340 14.80 -25.83 -65.73
CA ILE D 340 15.67 -26.12 -66.89
C ILE D 340 15.76 -27.64 -67.06
N GLN D 341 15.73 -28.39 -65.94
CA GLN D 341 15.79 -29.85 -66.00
C GLN D 341 14.65 -30.44 -66.83
N THR D 342 13.52 -29.71 -66.96
CA THR D 342 12.40 -30.17 -67.78
C THR D 342 12.75 -30.16 -69.26
N LEU D 343 13.80 -29.42 -69.61
CA LEU D 343 14.28 -29.31 -70.98
C LEU D 343 15.40 -30.31 -71.25
N CYS D 344 16.34 -30.44 -70.32
CA CYS D 344 17.48 -31.31 -70.54
C CYS D 344 18.16 -31.57 -69.20
N PRO D 345 18.98 -32.62 -69.08
CA PRO D 345 19.80 -32.78 -67.89
C PRO D 345 20.62 -31.52 -67.57
N THR D 346 20.58 -31.11 -66.30
CA THR D 346 21.09 -29.82 -65.91
C THR D 346 21.93 -29.93 -64.66
N LEU D 347 23.09 -29.27 -64.65
CA LEU D 347 23.90 -29.12 -63.46
C LEU D 347 23.97 -27.65 -63.08
N VAL D 348 24.07 -27.42 -61.77
CA VAL D 348 24.37 -26.10 -61.22
C VAL D 348 25.86 -26.08 -60.95
N LEU D 349 26.56 -25.09 -61.51
CA LEU D 349 28.00 -25.10 -61.51
C LEU D 349 28.54 -23.75 -61.94
N GLY D 350 29.26 -23.10 -61.04
CA GLY D 350 29.81 -21.79 -61.38
C GLY D 350 30.78 -21.27 -60.33
N PRO D 351 31.41 -20.13 -60.68
CA PRO D 351 32.43 -19.50 -59.86
C PRO D 351 31.89 -18.76 -58.64
N GLY D 352 32.79 -18.46 -57.70
CA GLY D 352 32.40 -17.71 -56.52
C GLY D 352 31.56 -18.59 -55.62
N SER D 353 31.24 -18.07 -54.43
CA SER D 353 30.84 -18.92 -53.33
C SER D 353 29.51 -18.48 -52.78
N ILE D 354 28.67 -19.47 -52.45
CA ILE D 354 27.43 -19.29 -51.72
C ILE D 354 27.64 -18.52 -50.41
N ASN D 355 28.90 -18.45 -49.92
CA ASN D 355 29.20 -17.79 -48.67
C ASN D 355 29.14 -16.26 -48.87
N GLN D 356 29.30 -15.78 -50.12
CA GLN D 356 29.23 -14.36 -50.43
C GLN D 356 27.88 -13.94 -51.02
N ALA D 357 27.08 -14.91 -51.50
CA ALA D 357 25.78 -14.60 -52.08
C ALA D 357 24.92 -13.83 -51.10
N HIS D 358 24.48 -12.64 -51.52
CA HIS D 358 23.53 -11.84 -50.77
C HIS D 358 24.18 -11.27 -49.51
N GLN D 359 25.52 -11.20 -49.48
CA GLN D 359 26.22 -10.73 -48.29
C GLN D 359 26.71 -9.31 -48.49
N PRO D 360 26.82 -8.51 -47.39
CA PRO D 360 27.46 -7.19 -47.46
C PRO D 360 28.86 -7.33 -48.02
N ASP D 361 29.24 -6.47 -48.97
CA ASP D 361 30.53 -6.58 -49.65
C ASP D 361 30.73 -7.99 -50.22
N GLU D 362 29.71 -8.46 -50.94
CA GLU D 362 29.80 -9.62 -51.81
C GLU D 362 31.02 -9.49 -52.72
N TYR D 363 31.70 -10.62 -52.98
CA TYR D 363 32.83 -10.64 -53.89
C TYR D 363 33.03 -12.01 -54.52
N LEU D 364 33.83 -12.03 -55.56
CA LEU D 364 34.33 -13.26 -56.17
C LEU D 364 35.85 -13.18 -56.24
N GLU D 365 36.53 -14.24 -55.74
CA GLU D 365 37.99 -14.28 -55.73
C GLU D 365 38.51 -14.47 -57.14
N THR D 366 39.59 -13.72 -57.45
CA THR D 366 40.15 -13.74 -58.79
C THR D 366 40.78 -15.11 -59.12
N ARG D 367 41.03 -15.96 -58.12
CA ARG D 367 41.60 -17.28 -58.38
C ARG D 367 40.62 -18.15 -59.20
N PHE D 368 39.34 -17.73 -59.27
CA PHE D 368 38.33 -18.41 -60.10
C PHE D 368 38.39 -18.01 -61.57
N ILE D 369 39.10 -16.92 -61.92
CA ILE D 369 39.11 -16.46 -63.30
C ILE D 369 39.65 -17.55 -64.23
N LYS D 370 40.91 -17.97 -64.03
CA LYS D 370 41.56 -18.81 -65.02
C LYS D 370 40.85 -20.17 -65.13
N PRO D 371 40.52 -20.87 -64.03
CA PRO D 371 39.78 -22.13 -64.12
C PRO D 371 38.38 -22.00 -64.75
N THR D 372 37.65 -20.90 -64.47
CA THR D 372 36.27 -20.77 -64.96
C THR D 372 36.27 -20.59 -66.48
N ARG D 373 37.18 -19.75 -67.00
CA ARG D 373 37.33 -19.56 -68.43
C ARG D 373 37.67 -20.87 -69.13
N GLU D 374 38.58 -21.64 -68.53
CA GLU D 374 38.98 -22.93 -69.05
C GLU D 374 37.77 -23.86 -69.06
N LEU D 375 37.00 -23.89 -67.96
CA LEU D 375 35.87 -24.80 -67.87
C LEU D 375 34.89 -24.50 -69.01
N ILE D 376 34.56 -23.24 -69.22
CA ILE D 376 33.58 -22.85 -70.23
C ILE D 376 34.09 -23.18 -71.63
N THR D 377 35.33 -22.80 -71.98
CA THR D 377 35.94 -23.22 -73.25
C THR D 377 35.77 -24.72 -73.46
N GLN D 378 36.13 -25.50 -72.45
CA GLN D 378 36.14 -26.95 -72.57
C GLN D 378 34.73 -27.51 -72.68
N VAL D 379 33.73 -26.94 -72.00
CA VAL D 379 32.40 -27.52 -72.13
CA VAL D 379 32.40 -27.51 -72.12
C VAL D 379 31.83 -27.15 -73.49
N ILE D 380 32.14 -25.94 -73.96
CA ILE D 380 31.70 -25.56 -75.29
C ILE D 380 32.33 -26.52 -76.30
N HIS D 381 33.63 -26.74 -76.15
CA HIS D 381 34.36 -27.64 -77.03
C HIS D 381 33.72 -29.02 -77.06
N HIS D 382 33.51 -29.63 -75.88
CA HIS D 382 32.98 -30.98 -75.82
C HIS D 382 31.58 -31.07 -76.44
N PHE D 383 30.68 -30.12 -76.10
CA PHE D 383 29.28 -30.29 -76.48
C PHE D 383 28.94 -29.61 -77.82
N CYS D 384 29.78 -28.68 -78.34
CA CYS D 384 29.41 -27.89 -79.50
C CYS D 384 30.32 -28.13 -80.71
N TRP D 385 31.53 -28.65 -80.49
CA TRP D 385 32.57 -28.60 -81.49
C TRP D 385 32.51 -29.81 -82.40
N HIS D 386 32.10 -30.97 -81.89
CA HIS D 386 32.03 -32.17 -82.71
C HIS D 386 30.57 -32.62 -82.91
ZN ZN E . -20.99 14.65 60.10
ZN ZN F . -18.25 13.16 58.79
S SO4 G . 9.36 3.54 16.21
O1 SO4 G . 8.92 4.43 17.22
O2 SO4 G . 8.26 2.78 15.70
O3 SO4 G . 9.95 4.30 15.14
O4 SO4 G . 10.33 2.62 16.77
S SO4 H . -49.73 20.42 65.56
O1 SO4 H . -49.70 21.85 65.65
O2 SO4 H . -50.99 19.95 66.07
O3 SO4 H . -49.58 20.02 64.17
O4 SO4 H . -48.66 19.86 66.33
C TRS I . -17.78 16.13 58.88
C1 TRS I . -17.80 16.18 60.39
C2 TRS I . -19.15 15.96 58.29
C3 TRS I . -17.09 17.38 58.33
N TRS I . -16.96 14.97 58.47
O1 TRS I . -18.37 17.40 60.82
O2 TRS I . -19.69 14.68 58.57
O3 TRS I . -16.84 17.27 56.93
C1 EDO J . -16.24 17.18 49.42
O1 EDO J . -15.94 15.89 48.91
C2 EDO J . -15.46 17.62 50.60
O2 EDO J . -16.19 17.61 51.82
S SO4 K . -11.57 16.85 51.50
O1 SO4 K . -12.05 18.14 51.97
O2 SO4 K . -12.70 15.97 51.35
O3 SO4 K . -10.92 16.99 50.24
O4 SO4 K . -10.64 16.29 52.46
ZN ZN L . 14.08 -4.40 11.50
ZN ZN M . 11.42 -3.52 13.45
ZN ZN N . 31.31 -8.62 -13.66
C TRS O . 12.03 -1.26 11.67
C1 TRS O . 12.08 0.25 11.36
C2 TRS O . 13.39 -1.72 12.19
C3 TRS O . 11.61 -2.07 10.45
N TRS O . 11.00 -1.50 12.74
O1 TRS O . 12.06 1.02 12.56
O2 TRS O . 13.36 -3.05 12.67
O3 TRS O . 12.41 -1.78 9.32
C TRS P . 13.82 2.22 18.16
C1 TRS P . 14.85 1.17 18.61
C2 TRS P . 13.05 2.74 19.37
C3 TRS P . 14.46 3.40 17.42
N TRS P . 12.87 1.58 17.19
O1 TRS P . 15.13 0.24 17.57
O2 TRS P . 12.18 1.75 19.91
O3 TRS P . 13.53 4.02 16.56
ZN ZN Q . -16.34 7.32 -13.45
ZN ZN R . -15.54 6.86 -16.71
S SO4 S . 16.50 -19.09 -49.28
O1 SO4 S . 17.53 -18.23 -48.72
O2 SO4 S . 15.42 -19.21 -48.35
O3 SO4 S . 15.96 -18.50 -50.48
O4 SO4 S . 17.07 -20.39 -49.56
C TRS T . -16.83 4.39 -15.76
C1 TRS T . -18.15 5.07 -15.58
C2 TRS T . -15.88 4.81 -14.66
C3 TRS T . -17.02 2.87 -15.78
N TRS T . -16.25 4.79 -17.08
O1 TRS T . -18.72 4.67 -14.35
O2 TRS T . -15.39 6.14 -14.84
O3 TRS T . -15.88 2.20 -16.32
C1 EDO U . -9.10 8.08 16.46
O1 EDO U . -10.09 7.89 17.43
C2 EDO U . -7.80 7.78 17.03
O2 EDO U . -7.62 8.38 18.31
S SO4 V . -11.85 -2.74 -21.00
O1 SO4 V . -11.06 -1.77 -20.28
O2 SO4 V . -12.87 -3.23 -20.13
O3 SO4 V . -12.45 -2.12 -22.17
O4 SO4 V . -10.99 -3.80 -21.41
ZN ZN W . 21.69 -16.85 -57.94
ZN ZN X . 20.84 -15.74 -54.89
ZN ZN Y . 38.07 -31.56 -79.93
C TRS Z . 21.03 -18.58 -54.65
C1 TRS Z . 20.71 -19.96 -54.04
C2 TRS Z . 20.16 -18.34 -55.88
C3 TRS Z . 22.52 -18.48 -54.99
N TRS Z . 20.72 -17.53 -53.62
O1 TRS Z . 19.35 -20.09 -53.63
O2 TRS Z . 20.53 -17.18 -56.61
O3 TRS Z . 22.99 -19.60 -55.71
C TRS AA . 13.52 -18.45 -53.55
C1 TRS AA . 12.58 -17.96 -52.46
C2 TRS AA . 13.45 -19.96 -53.73
C3 TRS AA . 13.26 -17.70 -54.85
N TRS AA . 14.92 -18.15 -53.12
O1 TRS AA . 13.15 -16.85 -51.78
O2 TRS AA . 14.20 -20.61 -52.73
O3 TRS AA . 14.44 -17.59 -55.61
#